data_6EPI
#
_entry.id   6EPI
#
_cell.length_a   80.510
_cell.length_b   149.320
_cell.length_c   125.440
_cell.angle_alpha   90.00
_cell.angle_beta   94.36
_cell.angle_gamma   90.00
#
_symmetry.space_group_name_H-M   'P 1 21 1'
#
loop_
_entity.id
_entity.type
_entity.pdbx_description
1 polymer 'Epsilon_1 antitoxin'
2 polymer 'Zeta_1 toxin'
3 non-polymer "UDP-N-acetyl-muramic acid-4'phosphate"
4 non-polymer 'SULFATE ION'
5 non-polymer 'CITRATE ANION'
6 water water
#
loop_
_entity_poly.entity_id
_entity_poly.type
_entity_poly.pdbx_seq_one_letter_code
_entity_poly.pdbx_strand_id
1 'polypeptide(L)' MNKVEPQESNAIRMIKEACEKNRRMMTDEAFRKEVEKRLYAGPSPELLAKLRVLWAANKEQ A,C,E,G
2 'polypeptide(L)'
;MVKLSSDINLRDFGNNEYLSSVQDEAIRFATEQTDEILSLYSQHADTEGGRYVCADTFKELFPAFENKEDRATVNNAIHN
SAAVLSSTQFDEVLKRDEPQKKEVIFVTGIPGSGKTSTVKNMMMQDTTKLLFEGQLARPQSAFRKIEQCLERNLEVTIVA
VSMRAERASDNTYKRFNEYGRGASIGIMADIQANLPDGLKQIRDKFGDAVKIVGINQDRNSEFIDKFDDVIKMLSLGSQE
QILGRLAEKIQSDFDSGKISRECFNQAKGSMDLESVFAKKEYSQQRVVTNSKGVTLETKSANELWSKVEQIPVTGMKAGI
YLLGQAKKAETGQTYSGEIIYKDAAAVFQKTKNGLVRHNATHNEERLAKLVEIGQNVSIGSNKGKLIVKSLEYSAKKSIS
R
;
B,D,F,H
#
loop_
_chem_comp.id
_chem_comp.type
_chem_comp.name
_chem_comp.formula
BNW non-polymer 'UDP-N-acetyl-muramic acid-4'phosphate' 'C20 H32 N3 O22 P3'
FLC non-polymer 'CITRATE ANION' 'C6 H5 O7 -3'
SO4 non-polymer 'SULFATE ION' 'O4 S -2'
#
# COMPACT_ATOMS: atom_id res chain seq x y z
N GLU A 8 -13.15 9.06 -26.80
CA GLU A 8 -14.30 8.13 -26.60
C GLU A 8 -15.57 8.66 -27.28
N SER A 9 -16.41 7.74 -27.75
CA SER A 9 -17.65 8.11 -28.45
C SER A 9 -18.71 8.62 -27.48
N ASN A 10 -19.75 9.24 -28.03
CA ASN A 10 -20.87 9.74 -27.23
C ASN A 10 -21.64 8.60 -26.55
N ALA A 11 -21.71 7.44 -27.21
CA ALA A 11 -22.41 6.27 -26.68
C ALA A 11 -21.71 5.71 -25.45
N ILE A 12 -20.38 5.68 -25.46
CA ILE A 12 -19.61 5.17 -24.30
C ILE A 12 -19.73 6.13 -23.09
N ARG A 13 -19.79 7.42 -23.36
CA ARG A 13 -20.03 8.43 -22.34
C ARG A 13 -21.45 8.34 -21.75
N MET A 14 -22.42 8.14 -22.63
CA MET A 14 -23.83 7.88 -22.25
C MET A 14 -23.99 6.69 -21.31
N ILE A 15 -23.25 5.60 -21.58
CA ILE A 15 -23.30 4.40 -20.74
C ILE A 15 -22.67 4.63 -19.36
N LYS A 16 -21.55 5.35 -19.31
CA LYS A 16 -20.89 5.70 -18.03
C LYS A 16 -21.76 6.59 -17.14
N GLU A 17 -22.43 7.55 -17.74
CA GLU A 17 -23.36 8.43 -17.00
C GLU A 17 -24.59 7.67 -16.52
N ALA A 18 -24.99 6.64 -17.27
CA ALA A 18 -26.05 5.73 -16.81
C ALA A 18 -25.60 4.87 -15.63
N CYS A 19 -24.34 4.43 -15.63
CA CYS A 19 -23.77 3.68 -14.50
C CYS A 19 -23.73 4.47 -13.19
N GLU A 20 -23.60 5.80 -13.29
CA GLU A 20 -23.63 6.68 -12.11
C GLU A 20 -25.00 6.72 -11.46
N LYS A 21 -26.02 6.89 -12.30
CA LYS A 21 -27.41 6.89 -11.83
C LYS A 21 -27.83 5.52 -11.29
N ASN A 22 -27.22 4.45 -11.76
CA ASN A 22 -27.39 3.12 -11.16
C ASN A 22 -26.85 3.09 -9.72
N ARG A 23 -25.73 3.76 -9.48
CA ARG A 23 -25.16 3.90 -8.13
C ARG A 23 -26.01 4.82 -7.26
N ARG A 24 -26.55 5.88 -7.85
CA ARG A 24 -27.46 6.80 -7.15
C ARG A 24 -28.79 6.12 -6.73
N MET A 25 -29.23 5.09 -7.45
CA MET A 25 -30.41 4.29 -7.06
C MET A 25 -30.21 3.54 -5.73
N MET A 26 -28.97 3.14 -5.44
CA MET A 26 -28.66 2.35 -4.24
C MET A 26 -28.72 3.17 -2.95
N THR A 27 -28.29 4.43 -3.01
CA THR A 27 -28.34 5.35 -1.86
C THR A 27 -29.70 6.05 -1.79
N ASP A 28 -30.04 6.79 -2.86
CA ASP A 28 -31.28 7.58 -2.93
C ASP A 28 -32.49 6.68 -3.20
N GLU A 29 -33.35 6.51 -2.19
CA GLU A 29 -34.53 5.63 -2.29
C GLU A 29 -35.73 6.29 -2.99
N ALA A 30 -35.85 7.62 -2.87
CA ALA A 30 -36.88 8.37 -3.59
C ALA A 30 -36.64 8.35 -5.10
N PHE A 31 -35.37 8.39 -5.50
CA PHE A 31 -34.96 8.30 -6.91
C PHE A 31 -35.26 6.91 -7.50
N ARG A 32 -34.98 5.85 -6.75
CA ARG A 32 -35.21 4.47 -7.20
C ARG A 32 -36.69 4.13 -7.40
N LYS A 33 -37.55 4.65 -6.53
CA LYS A 33 -39.00 4.41 -6.64
C LYS A 33 -39.61 5.11 -7.86
N GLU A 34 -39.14 6.31 -8.19
CA GLU A 34 -39.66 7.07 -9.33
C GLU A 34 -39.24 6.47 -10.69
N VAL A 35 -38.07 5.82 -10.73
CA VAL A 35 -37.60 5.11 -11.93
C VAL A 35 -38.43 3.85 -12.14
N GLU A 36 -38.50 3.01 -11.11
CA GLU A 36 -39.18 1.70 -11.18
C GLU A 36 -40.72 1.78 -11.25
N LYS A 37 -41.29 2.93 -10.90
CA LYS A 37 -42.72 3.20 -11.07
C LYS A 37 -43.11 3.19 -12.55
N ARG A 38 -42.39 3.98 -13.36
CA ARG A 38 -42.67 4.11 -14.80
C ARG A 38 -42.49 2.81 -15.58
N LEU A 39 -41.35 2.17 -15.36
CA LEU A 39 -40.91 1.01 -16.17
C LEU A 39 -41.97 -0.07 -16.31
N TYR A 40 -42.46 -0.57 -15.18
CA TYR A 40 -43.33 -1.74 -15.14
C TYR A 40 -44.75 -1.39 -14.66
N ALA A 41 -45.30 -0.33 -15.24
CA ALA A 41 -46.68 0.10 -15.00
C ALA A 41 -47.62 -0.62 -15.98
N GLY A 42 -47.30 -0.51 -17.27
CA GLY A 42 -48.14 -0.99 -18.37
C GLY A 42 -48.46 0.17 -19.29
N PRO A 43 -49.35 -0.05 -20.28
CA PRO A 43 -49.73 1.04 -21.18
C PRO A 43 -50.50 2.15 -20.46
N SER A 44 -50.31 3.40 -20.89
CA SER A 44 -51.00 4.54 -20.29
C SER A 44 -52.50 4.53 -20.66
N PRO A 45 -53.34 5.29 -19.92
CA PRO A 45 -54.77 5.43 -20.27
C PRO A 45 -55.05 5.97 -21.69
N GLU A 46 -54.21 6.90 -22.16
CA GLU A 46 -54.30 7.41 -23.55
C GLU A 46 -54.06 6.31 -24.58
N LEU A 47 -52.93 5.63 -24.44
CA LEU A 47 -52.55 4.53 -25.34
C LEU A 47 -53.51 3.33 -25.26
N LEU A 48 -54.04 3.06 -24.07
CA LEU A 48 -54.99 1.96 -23.88
C LEU A 48 -56.34 2.23 -24.54
N ALA A 49 -56.71 3.50 -24.66
CA ALA A 49 -57.91 3.90 -25.42
C ALA A 49 -57.77 3.62 -26.92
N LYS A 50 -56.59 3.94 -27.47
CA LYS A 50 -56.26 3.69 -28.87
C LYS A 50 -56.21 2.19 -29.17
N LEU A 51 -55.53 1.44 -28.29
CA LEU A 51 -55.39 -0.01 -28.40
C LEU A 51 -56.73 -0.75 -28.43
N ARG A 52 -57.65 -0.36 -27.54
CA ARG A 52 -58.97 -0.99 -27.48
C ARG A 52 -59.77 -0.84 -28.79
N VAL A 53 -59.64 0.30 -29.44
CA VAL A 53 -60.26 0.54 -30.75
C VAL A 53 -59.59 -0.35 -31.82
N LEU A 54 -58.26 -0.40 -31.79
CA LEU A 54 -57.48 -1.24 -32.72
C LEU A 54 -57.82 -2.72 -32.58
N TRP A 55 -57.89 -3.20 -31.35
CA TRP A 55 -58.23 -4.61 -31.08
C TRP A 55 -59.66 -4.92 -31.50
N ALA A 56 -60.58 -4.05 -31.10
CA ALA A 56 -62.03 -4.23 -31.33
C ALA A 56 -62.43 -4.13 -32.81
N ALA A 57 -61.71 -3.30 -33.55
CA ALA A 57 -61.96 -3.15 -34.99
C ALA A 57 -61.51 -4.36 -35.83
N ASN A 58 -60.65 -5.22 -35.28
CA ASN A 58 -60.09 -6.35 -36.02
C ASN A 58 -60.18 -7.65 -35.23
N LYS A 59 -61.35 -8.30 -35.29
CA LYS A 59 -61.58 -9.57 -34.57
C LYS A 59 -61.79 -10.74 -35.55
N VAL B 2 -46.47 -1.67 -44.63
CA VAL B 2 -45.22 -2.15 -43.95
C VAL B 2 -45.40 -3.59 -43.49
N LYS B 3 -44.79 -4.53 -44.20
CA LYS B 3 -44.85 -5.95 -43.83
C LYS B 3 -43.80 -6.28 -42.77
N LEU B 4 -43.99 -7.39 -42.07
CA LEU B 4 -43.03 -7.87 -41.08
C LEU B 4 -41.71 -8.27 -41.74
N SER B 5 -40.61 -8.08 -41.02
CA SER B 5 -39.28 -8.35 -41.56
C SER B 5 -38.97 -9.83 -41.75
N SER B 6 -39.69 -10.71 -41.04
CA SER B 6 -39.51 -12.16 -41.16
C SER B 6 -40.77 -12.90 -40.71
N ASP B 7 -40.78 -14.22 -40.91
CA ASP B 7 -41.89 -15.06 -40.45
C ASP B 7 -41.80 -15.27 -38.95
N ILE B 8 -42.97 -15.37 -38.30
CA ILE B 8 -43.05 -15.61 -36.87
C ILE B 8 -43.04 -17.12 -36.64
N ASN B 9 -42.04 -17.62 -35.91
CA ASN B 9 -41.89 -19.05 -35.66
C ASN B 9 -42.96 -19.55 -34.68
N LEU B 10 -43.64 -20.63 -35.05
CA LEU B 10 -44.61 -21.27 -34.16
C LEU B 10 -43.88 -22.09 -33.13
N ARG B 11 -44.40 -22.12 -31.91
CA ARG B 11 -43.99 -23.07 -30.89
C ARG B 11 -45.03 -24.18 -30.82
N ASP B 12 -44.60 -25.37 -30.42
CA ASP B 12 -45.52 -26.49 -30.17
C ASP B 12 -45.99 -26.39 -28.71
N PHE B 13 -47.27 -26.10 -28.52
CA PHE B 13 -47.89 -26.09 -27.18
C PHE B 13 -48.62 -27.40 -26.83
N GLY B 14 -48.71 -28.32 -27.79
CA GLY B 14 -49.22 -29.66 -27.55
C GLY B 14 -50.72 -29.69 -27.33
N ASN B 15 -51.14 -30.25 -26.20
CA ASN B 15 -52.55 -30.33 -25.84
C ASN B 15 -53.12 -29.06 -25.18
N ASN B 16 -52.25 -28.11 -24.84
CA ASN B 16 -52.69 -26.80 -24.36
C ASN B 16 -53.38 -26.05 -25.50
N GLU B 17 -54.71 -26.18 -25.55
CA GLU B 17 -55.52 -25.57 -26.60
C GLU B 17 -55.54 -24.03 -26.45
N TYR B 18 -55.51 -23.56 -25.21
CA TYR B 18 -55.58 -22.12 -24.90
C TYR B 18 -54.41 -21.31 -25.48
N LEU B 19 -53.18 -21.70 -25.12
CA LEU B 19 -51.97 -21.05 -25.63
C LEU B 19 -51.81 -21.19 -27.14
N SER B 20 -52.25 -22.33 -27.67
CA SER B 20 -52.24 -22.56 -29.10
C SER B 20 -53.09 -21.53 -29.84
N SER B 21 -54.23 -21.16 -29.26
CA SER B 21 -55.14 -20.14 -29.83
C SER B 21 -54.65 -18.70 -29.62
N VAL B 22 -54.04 -18.44 -28.46
CA VAL B 22 -53.40 -17.14 -28.17
C VAL B 22 -52.25 -16.87 -29.13
N GLN B 23 -51.48 -17.91 -29.47
CA GLN B 23 -50.41 -17.81 -30.45
C GLN B 23 -50.91 -17.40 -31.82
N ASP B 24 -51.98 -18.04 -32.27
CA ASP B 24 -52.55 -17.76 -33.59
C ASP B 24 -53.17 -16.37 -33.68
N GLU B 25 -53.89 -15.95 -32.63
CA GLU B 25 -54.44 -14.59 -32.54
C GLU B 25 -53.35 -13.52 -32.45
N ALA B 26 -52.22 -13.86 -31.82
CA ALA B 26 -51.07 -12.97 -31.75
C ALA B 26 -50.38 -12.81 -33.12
N ILE B 27 -50.15 -13.94 -33.80
CA ILE B 27 -49.53 -13.92 -35.13
C ILE B 27 -50.43 -13.21 -36.14
N ARG B 28 -51.74 -13.41 -36.05
CA ARG B 28 -52.69 -12.75 -36.95
C ARG B 28 -52.64 -11.23 -36.76
N PHE B 29 -52.72 -10.81 -35.50
CA PHE B 29 -52.66 -9.39 -35.13
C PHE B 29 -51.38 -8.71 -35.63
N ALA B 30 -50.22 -9.29 -35.29
CA ALA B 30 -48.91 -8.74 -35.68
C ALA B 30 -48.70 -8.67 -37.19
N THR B 31 -49.21 -9.67 -37.92
CA THR B 31 -49.05 -9.73 -39.37
C THR B 31 -49.97 -8.74 -40.10
N GLU B 32 -51.23 -8.67 -39.67
CA GLU B 32 -52.26 -7.88 -40.36
C GLU B 32 -52.33 -6.41 -39.94
N GLN B 33 -51.96 -6.08 -38.71
CA GLN B 33 -52.01 -4.70 -38.22
C GLN B 33 -50.63 -4.14 -37.88
N THR B 34 -49.65 -4.48 -38.67
CA THR B 34 -48.31 -4.04 -38.45
C THR B 34 -48.09 -2.54 -38.52
N ASP B 35 -48.80 -1.86 -39.39
CA ASP B 35 -48.68 -0.44 -39.59
C ASP B 35 -49.23 0.34 -38.44
N GLU B 36 -50.33 -0.12 -37.90
CA GLU B 36 -50.98 0.56 -36.81
C GLU B 36 -50.34 0.21 -35.48
N ILE B 37 -49.77 -0.98 -35.38
CA ILE B 37 -49.05 -1.40 -34.16
C ILE B 37 -47.77 -0.59 -33.99
N LEU B 38 -46.97 -0.49 -35.07
CA LEU B 38 -45.71 0.26 -35.03
C LEU B 38 -45.94 1.75 -34.77
N SER B 39 -47.03 2.28 -35.33
CA SER B 39 -47.39 3.68 -35.13
C SER B 39 -47.69 3.98 -33.67
N LEU B 40 -48.44 3.10 -33.02
CA LEU B 40 -48.71 3.20 -31.57
C LEU B 40 -47.46 2.97 -30.72
N TYR B 41 -46.58 2.07 -31.15
CA TYR B 41 -45.31 1.84 -30.45
C TYR B 41 -44.48 3.12 -30.40
N SER B 42 -44.34 3.77 -31.56
CA SER B 42 -43.48 4.95 -31.71
C SER B 42 -44.09 6.15 -31.01
N GLN B 43 -45.27 6.56 -31.48
CA GLN B 43 -45.84 7.85 -31.12
C GLN B 43 -46.44 7.95 -29.70
N HIS B 44 -46.68 6.81 -29.05
CA HIS B 44 -47.51 6.79 -27.84
C HIS B 44 -46.97 6.03 -26.60
N ALA B 45 -46.19 4.96 -26.79
CA ALA B 45 -45.58 4.27 -25.65
C ALA B 45 -44.31 5.01 -25.19
N ASP B 46 -43.73 4.58 -24.07
CA ASP B 46 -42.55 5.23 -23.48
C ASP B 46 -41.24 4.72 -24.13
N THR B 47 -41.06 5.06 -25.41
CA THR B 47 -40.04 4.42 -26.27
C THR B 47 -39.12 5.39 -27.01
N GLU B 48 -38.96 6.61 -26.50
CA GLU B 48 -38.16 7.66 -27.18
C GLU B 48 -38.59 7.84 -28.65
N GLY B 49 -39.90 7.88 -28.91
CA GLY B 49 -40.42 7.99 -30.27
C GLY B 49 -40.17 6.77 -31.14
N GLY B 50 -40.11 5.59 -30.53
CA GLY B 50 -39.77 4.35 -31.23
C GLY B 50 -38.30 4.11 -31.50
N ARG B 51 -37.41 4.81 -30.79
CA ARG B 51 -35.95 4.60 -30.91
C ARG B 51 -35.43 3.56 -29.92
N TYR B 52 -36.09 3.47 -28.76
CA TYR B 52 -35.91 2.34 -27.85
C TYR B 52 -36.74 1.18 -28.42
N VAL B 53 -36.06 0.15 -28.92
CA VAL B 53 -36.71 -1.00 -29.54
C VAL B 53 -36.51 -2.22 -28.65
N CYS B 54 -37.60 -2.94 -28.40
CA CYS B 54 -37.60 -4.00 -27.39
C CYS B 54 -38.84 -4.86 -27.56
N ALA B 55 -38.67 -6.19 -27.61
CA ALA B 55 -39.79 -7.12 -27.70
C ALA B 55 -40.72 -7.08 -26.48
N ASP B 56 -40.19 -6.74 -25.31
CA ASP B 56 -40.96 -6.73 -24.05
C ASP B 56 -41.96 -5.58 -24.02
N THR B 57 -41.55 -4.42 -24.53
CA THR B 57 -42.43 -3.26 -24.67
C THR B 57 -43.54 -3.50 -25.71
N PHE B 58 -43.22 -4.23 -26.78
CA PHE B 58 -44.21 -4.61 -27.80
C PHE B 58 -45.31 -5.53 -27.27
N LYS B 59 -45.03 -6.35 -26.26
CA LYS B 59 -46.04 -7.25 -25.68
C LYS B 59 -47.24 -6.50 -25.11
N GLU B 60 -47.00 -5.29 -24.60
CA GLU B 60 -48.05 -4.42 -24.05
C GLU B 60 -49.12 -4.00 -25.06
N LEU B 61 -48.81 -4.07 -26.36
CA LEU B 61 -49.76 -3.76 -27.43
C LEU B 61 -50.64 -4.95 -27.87
N PHE B 62 -50.42 -6.13 -27.29
CA PHE B 62 -51.26 -7.31 -27.56
C PHE B 62 -52.40 -7.38 -26.53
N PRO B 63 -53.62 -7.77 -26.97
CA PRO B 63 -54.76 -7.80 -26.04
C PRO B 63 -54.63 -8.84 -24.92
N ALA B 64 -54.01 -9.98 -25.22
CA ALA B 64 -53.79 -11.03 -24.22
C ALA B 64 -52.93 -10.60 -23.03
N PHE B 65 -52.10 -9.57 -23.24
CA PHE B 65 -51.14 -9.07 -22.23
C PHE B 65 -51.71 -7.95 -21.34
N GLU B 66 -52.97 -7.54 -21.54
CA GLU B 66 -53.54 -6.41 -20.79
C GLU B 66 -53.64 -6.68 -19.29
N ASN B 67 -54.27 -7.79 -18.91
CA ASN B 67 -54.44 -8.13 -17.51
C ASN B 67 -53.14 -8.64 -16.90
N LYS B 68 -52.79 -8.10 -15.74
CA LYS B 68 -51.61 -8.49 -14.97
C LYS B 68 -51.55 -10.01 -14.68
N GLU B 69 -52.72 -10.62 -14.42
CA GLU B 69 -52.80 -12.06 -14.11
C GLU B 69 -52.40 -12.96 -15.26
N ASP B 70 -52.63 -12.52 -16.49
CA ASP B 70 -52.41 -13.36 -17.68
C ASP B 70 -51.00 -13.31 -18.26
N ARG B 71 -50.17 -12.36 -17.82
CA ARG B 71 -48.90 -12.06 -18.50
C ARG B 71 -47.88 -13.21 -18.48
N ALA B 72 -47.70 -13.83 -17.32
CA ALA B 72 -46.79 -14.98 -17.19
C ALA B 72 -47.21 -16.18 -18.05
N THR B 73 -48.51 -16.40 -18.17
CA THR B 73 -49.06 -17.54 -18.91
C THR B 73 -48.97 -17.35 -20.43
N VAL B 74 -49.37 -16.17 -20.91
CA VAL B 74 -49.42 -15.89 -22.36
C VAL B 74 -48.08 -15.50 -23.00
N ASN B 75 -47.06 -15.18 -22.20
CA ASN B 75 -45.78 -14.63 -22.68
C ASN B 75 -45.13 -15.43 -23.82
N ASN B 76 -44.98 -16.74 -23.61
CA ASN B 76 -44.34 -17.60 -24.60
C ASN B 76 -45.16 -17.72 -25.89
N ALA B 77 -46.48 -17.60 -25.78
CA ALA B 77 -47.38 -17.64 -26.93
C ALA B 77 -47.32 -16.38 -27.81
N ILE B 78 -47.11 -15.21 -27.18
CA ILE B 78 -47.04 -13.94 -27.92
C ILE B 78 -45.63 -13.43 -28.22
N HIS B 79 -44.61 -14.02 -27.58
CA HIS B 79 -43.23 -13.49 -27.63
C HIS B 79 -42.68 -13.30 -29.05
N ASN B 80 -42.73 -14.36 -29.85
CA ASN B 80 -42.16 -14.35 -31.20
C ASN B 80 -42.80 -13.27 -32.09
N SER B 81 -44.12 -13.09 -31.96
CA SER B 81 -44.79 -11.98 -32.65
C SER B 81 -44.24 -10.63 -32.18
N ALA B 82 -44.10 -10.47 -30.88
CA ALA B 82 -43.50 -9.24 -30.31
C ALA B 82 -42.05 -9.03 -30.75
N ALA B 83 -41.28 -10.11 -30.80
CA ALA B 83 -39.86 -10.06 -31.23
C ALA B 83 -39.69 -9.70 -32.70
N VAL B 84 -40.57 -10.22 -33.56
CA VAL B 84 -40.53 -9.94 -35.01
C VAL B 84 -41.03 -8.51 -35.29
N LEU B 85 -42.00 -8.04 -34.51
CA LEU B 85 -42.40 -6.64 -34.56
C LEU B 85 -41.24 -5.71 -34.14
N SER B 86 -40.47 -6.12 -33.13
CA SER B 86 -39.30 -5.34 -32.71
C SER B 86 -38.25 -5.31 -33.83
N SER B 87 -38.05 -6.45 -34.49
CA SER B 87 -37.12 -6.53 -35.62
C SER B 87 -37.59 -5.66 -36.78
N THR B 88 -38.89 -5.67 -37.05
CA THR B 88 -39.51 -4.80 -38.06
C THR B 88 -39.28 -3.32 -37.70
N GLN B 89 -39.53 -2.98 -36.44
CA GLN B 89 -39.33 -1.62 -35.93
C GLN B 89 -37.87 -1.18 -36.03
N PHE B 90 -36.95 -2.05 -35.63
CA PHE B 90 -35.50 -1.81 -35.80
C PHE B 90 -35.19 -1.37 -37.22
N ASP B 91 -35.72 -2.12 -38.21
CA ASP B 91 -35.48 -1.83 -39.64
C ASP B 91 -36.11 -0.50 -40.08
N GLU B 92 -37.30 -0.19 -39.59
CA GLU B 92 -37.99 1.06 -39.93
C GLU B 92 -37.28 2.30 -39.40
N VAL B 93 -36.67 2.19 -38.23
CA VAL B 93 -35.87 3.28 -37.66
C VAL B 93 -34.63 3.53 -38.53
N LEU B 94 -33.96 2.45 -38.94
CA LEU B 94 -32.80 2.55 -39.84
C LEU B 94 -33.11 3.16 -41.22
N LYS B 95 -34.33 2.97 -41.71
CA LYS B 95 -34.76 3.58 -42.98
C LYS B 95 -34.90 5.11 -42.93
N ARG B 96 -35.14 5.69 -41.75
CA ARG B 96 -35.26 7.15 -41.61
C ARG B 96 -33.95 7.83 -41.98
N ASP B 97 -33.99 8.69 -43.00
CA ASP B 97 -32.81 9.44 -43.44
C ASP B 97 -32.48 10.54 -42.42
N GLU B 98 -31.51 10.23 -41.55
CA GLU B 98 -31.12 11.11 -40.44
C GLU B 98 -29.59 11.14 -40.33
N PRO B 99 -28.93 11.99 -41.14
CA PRO B 99 -27.45 12.10 -41.12
C PRO B 99 -26.82 12.42 -39.74
N GLN B 100 -27.55 13.17 -38.91
CA GLN B 100 -27.06 13.56 -37.58
C GLN B 100 -26.93 12.34 -36.66
N LYS B 101 -27.89 11.42 -36.78
CA LYS B 101 -27.93 10.20 -35.96
C LYS B 101 -26.98 9.11 -36.50
N LYS B 102 -25.90 8.85 -35.75
CA LYS B 102 -24.81 7.95 -36.17
C LYS B 102 -24.58 6.72 -35.29
N GLU B 103 -25.24 6.64 -34.13
CA GLU B 103 -24.93 5.62 -33.13
C GLU B 103 -26.08 4.64 -32.86
N VAL B 104 -25.76 3.34 -32.86
CA VAL B 104 -26.72 2.28 -32.51
C VAL B 104 -26.18 1.52 -31.30
N ILE B 105 -27.01 1.39 -30.26
CA ILE B 105 -26.61 0.75 -29.00
C ILE B 105 -27.44 -0.51 -28.74
N PHE B 106 -26.75 -1.62 -28.48
CA PHE B 106 -27.38 -2.88 -28.10
C PHE B 106 -27.20 -3.10 -26.62
N VAL B 107 -28.29 -3.34 -25.88
CA VAL B 107 -28.20 -3.67 -24.45
C VAL B 107 -28.61 -5.13 -24.29
N THR B 108 -27.78 -5.93 -23.63
CA THR B 108 -28.05 -7.35 -23.44
C THR B 108 -27.66 -7.81 -22.04
N GLY B 109 -28.15 -8.99 -21.65
CA GLY B 109 -27.81 -9.57 -20.37
C GLY B 109 -28.94 -10.36 -19.75
N ILE B 110 -28.59 -11.13 -18.73
CA ILE B 110 -29.53 -12.00 -18.00
C ILE B 110 -30.80 -11.24 -17.57
N PRO B 111 -31.99 -11.88 -17.62
CA PRO B 111 -33.20 -11.24 -17.10
C PRO B 111 -33.11 -10.90 -15.61
N GLY B 112 -33.55 -9.68 -15.26
CA GLY B 112 -33.48 -9.18 -13.89
C GLY B 112 -32.18 -8.53 -13.48
N SER B 113 -31.29 -8.22 -14.43
CA SER B 113 -30.02 -7.55 -14.14
C SER B 113 -30.09 -6.01 -14.15
N GLY B 114 -31.27 -5.45 -14.43
CA GLY B 114 -31.45 -4.00 -14.46
C GLY B 114 -31.05 -3.36 -15.77
N LYS B 115 -31.43 -4.01 -16.87
CA LYS B 115 -31.11 -3.51 -18.21
C LYS B 115 -32.03 -2.35 -18.56
N THR B 116 -33.33 -2.54 -18.34
CA THR B 116 -34.33 -1.52 -18.65
C THR B 116 -34.21 -0.30 -17.71
N SER B 117 -33.93 -0.55 -16.43
CA SER B 117 -33.62 0.55 -15.49
C SER B 117 -32.36 1.32 -15.88
N THR B 118 -31.35 0.61 -16.39
CA THR B 118 -30.14 1.25 -16.93
C THR B 118 -30.42 2.06 -18.21
N VAL B 119 -31.30 1.57 -19.08
CA VAL B 119 -31.70 2.28 -20.30
C VAL B 119 -32.50 3.56 -19.98
N LYS B 120 -33.33 3.51 -18.95
CA LYS B 120 -34.04 4.71 -18.48
C LYS B 120 -33.05 5.76 -17.98
N ASN B 121 -32.00 5.30 -17.29
CA ASN B 121 -30.95 6.18 -16.76
C ASN B 121 -29.95 6.70 -17.82
N MET B 122 -30.03 6.21 -19.04
CA MET B 122 -29.35 6.83 -20.17
C MET B 122 -30.15 8.02 -20.68
N MET B 123 -29.45 9.11 -20.97
CA MET B 123 -30.05 10.29 -21.60
C MET B 123 -29.76 10.23 -23.09
N MET B 124 -30.81 10.32 -23.91
CA MET B 124 -30.68 10.37 -25.36
C MET B 124 -29.81 11.54 -25.80
N GLN B 125 -29.12 11.34 -26.92
CA GLN B 125 -28.22 12.34 -27.46
C GLN B 125 -28.59 12.61 -28.91
N ASP B 126 -28.06 13.69 -29.46
CA ASP B 126 -28.33 14.07 -30.86
C ASP B 126 -27.82 13.01 -31.85
N THR B 127 -26.73 12.33 -31.49
CA THR B 127 -26.13 11.29 -32.33
C THR B 127 -26.75 9.88 -32.17
N THR B 128 -27.57 9.68 -31.15
CA THR B 128 -28.20 8.37 -30.91
C THR B 128 -29.33 8.11 -31.93
N LYS B 129 -29.17 7.05 -32.73
CA LYS B 129 -30.16 6.67 -33.74
C LYS B 129 -31.19 5.68 -33.22
N LEU B 130 -30.71 4.70 -32.45
CA LEU B 130 -31.50 3.52 -32.14
C LEU B 130 -30.88 2.82 -30.94
N LEU B 131 -31.73 2.34 -30.05
CA LEU B 131 -31.29 1.55 -28.91
C LEU B 131 -32.11 0.26 -28.86
N PHE B 132 -31.44 -0.89 -29.00
CA PHE B 132 -32.11 -2.20 -29.05
C PHE B 132 -31.78 -3.08 -27.84
N GLU B 133 -32.80 -3.47 -27.08
CA GLU B 133 -32.64 -4.39 -25.95
C GLU B 133 -33.02 -5.79 -26.39
N GLY B 134 -32.11 -6.74 -26.20
CA GLY B 134 -32.32 -8.12 -26.64
C GLY B 134 -31.17 -9.07 -26.32
N GLN B 135 -31.44 -10.37 -26.42
CA GLN B 135 -30.40 -11.39 -26.16
C GLN B 135 -29.42 -11.49 -27.34
N LEU B 136 -28.15 -11.64 -27.02
CA LEU B 136 -27.10 -11.91 -28.00
C LEU B 136 -26.36 -13.21 -27.68
N ALA B 137 -26.93 -14.06 -26.83
CA ALA B 137 -26.32 -15.35 -26.48
C ALA B 137 -26.38 -16.32 -27.66
N ARG B 138 -27.51 -16.31 -28.38
CA ARG B 138 -27.64 -16.97 -29.67
C ARG B 138 -27.66 -15.84 -30.71
N PRO B 139 -26.47 -15.40 -31.17
CA PRO B 139 -26.35 -14.11 -31.86
C PRO B 139 -26.67 -14.09 -33.35
N GLN B 140 -27.22 -15.18 -33.89
CA GLN B 140 -27.44 -15.31 -35.33
C GLN B 140 -28.33 -14.19 -35.89
N SER B 141 -29.41 -13.90 -35.17
CA SER B 141 -30.33 -12.83 -35.54
C SER B 141 -29.73 -11.42 -35.38
N ALA B 142 -28.87 -11.24 -34.39
CA ALA B 142 -28.14 -9.99 -34.21
C ALA B 142 -27.12 -9.69 -35.31
N PHE B 143 -26.62 -10.74 -35.98
CA PHE B 143 -25.71 -10.57 -37.11
C PHE B 143 -26.37 -9.79 -38.23
N ARG B 144 -27.63 -10.12 -38.54
CA ARG B 144 -28.39 -9.38 -39.56
C ARG B 144 -28.59 -7.91 -39.14
N LYS B 145 -28.84 -7.67 -37.86
CA LYS B 145 -29.00 -6.32 -37.32
C LYS B 145 -27.72 -5.51 -37.39
N ILE B 146 -26.63 -6.07 -36.87
CA ILE B 146 -25.30 -5.41 -36.90
C ILE B 146 -24.84 -5.15 -38.34
N GLU B 147 -25.08 -6.13 -39.21
CA GLU B 147 -24.77 -6.04 -40.64
C GLU B 147 -25.39 -4.79 -41.28
N GLN B 148 -26.68 -4.57 -41.04
CA GLN B 148 -27.39 -3.40 -41.57
C GLN B 148 -26.86 -2.06 -41.02
N CYS B 149 -26.45 -2.05 -39.75
CA CYS B 149 -25.84 -0.86 -39.16
C CYS B 149 -24.54 -0.48 -39.86
N LEU B 150 -23.70 -1.48 -40.11
CA LEU B 150 -22.41 -1.27 -40.80
C LEU B 150 -22.55 -0.87 -42.27
N GLU B 151 -23.60 -1.37 -42.94
CA GLU B 151 -23.97 -0.92 -44.31
C GLU B 151 -24.24 0.59 -44.41
N ARG B 152 -24.74 1.18 -43.33
CA ARG B 152 -25.07 2.60 -43.30
C ARG B 152 -24.04 3.43 -42.50
N ASN B 153 -22.83 2.89 -42.32
CA ASN B 153 -21.74 3.55 -41.61
C ASN B 153 -22.07 4.03 -40.20
N LEU B 154 -22.92 3.29 -39.49
CA LEU B 154 -23.31 3.63 -38.12
C LEU B 154 -22.35 3.01 -37.12
N GLU B 155 -22.17 3.66 -35.97
CA GLU B 155 -21.28 3.17 -34.92
C GLU B 155 -22.06 2.27 -33.96
N VAL B 156 -21.71 0.97 -33.97
CA VAL B 156 -22.37 -0.02 -33.14
C VAL B 156 -21.64 -0.23 -31.83
N THR B 157 -22.37 -0.10 -30.72
CA THR B 157 -21.86 -0.45 -29.39
C THR B 157 -22.76 -1.53 -28.77
N ILE B 158 -22.15 -2.46 -28.04
CA ILE B 158 -22.86 -3.52 -27.32
C ILE B 158 -22.53 -3.39 -25.83
N VAL B 159 -23.57 -3.27 -25.01
CA VAL B 159 -23.44 -3.17 -23.55
C VAL B 159 -23.96 -4.48 -22.92
N ALA B 160 -23.06 -5.27 -22.34
CA ALA B 160 -23.43 -6.52 -21.68
C ALA B 160 -23.59 -6.26 -20.17
N VAL B 161 -24.83 -6.20 -19.70
CA VAL B 161 -25.13 -6.00 -18.28
C VAL B 161 -25.08 -7.36 -17.59
N SER B 162 -24.46 -7.43 -16.40
CA SER B 162 -24.21 -8.70 -15.73
C SER B 162 -24.49 -8.66 -14.23
N MET B 163 -24.93 -9.80 -13.71
CA MET B 163 -25.29 -9.95 -12.30
C MET B 163 -25.30 -11.44 -11.96
N ARG B 164 -25.11 -11.77 -10.68
CA ARG B 164 -25.28 -13.15 -10.21
C ARG B 164 -26.68 -13.65 -10.55
N ALA B 165 -26.79 -14.93 -10.88
CA ALA B 165 -28.09 -15.55 -11.18
C ALA B 165 -29.10 -15.42 -10.02
N GLU B 166 -28.59 -15.49 -8.79
CA GLU B 166 -29.43 -15.49 -7.59
C GLU B 166 -30.02 -14.11 -7.34
N ARG B 167 -29.17 -13.08 -7.34
CA ARG B 167 -29.61 -11.69 -7.17
C ARG B 167 -30.52 -11.25 -8.33
N ALA B 168 -30.20 -11.72 -9.54
CA ALA B 168 -31.04 -11.47 -10.71
C ALA B 168 -32.41 -12.12 -10.57
N SER B 169 -32.44 -13.36 -10.06
CA SER B 169 -33.68 -14.09 -9.79
C SER B 169 -34.57 -13.38 -8.75
N ASP B 170 -33.96 -12.80 -7.73
CA ASP B 170 -34.71 -11.98 -6.74
C ASP B 170 -35.39 -10.76 -7.37
N ASN B 171 -34.72 -10.12 -8.34
CA ASN B 171 -35.31 -8.98 -9.06
C ASN B 171 -36.48 -9.36 -9.96
N THR B 172 -36.43 -10.56 -10.55
CA THR B 172 -37.56 -11.06 -11.36
C THR B 172 -38.78 -11.44 -10.52
N TYR B 173 -38.56 -11.89 -9.28
CA TYR B 173 -39.67 -12.18 -8.37
C TYR B 173 -40.49 -10.92 -8.12
N LYS B 174 -39.81 -9.84 -7.71
CA LYS B 174 -40.43 -8.53 -7.46
C LYS B 174 -41.15 -7.98 -8.69
N ARG B 175 -40.53 -8.16 -9.86
CA ARG B 175 -41.14 -7.78 -11.12
C ARG B 175 -42.42 -8.58 -11.38
N PHE B 176 -42.39 -9.89 -11.14
CA PHE B 176 -43.58 -10.74 -11.31
C PHE B 176 -44.74 -10.33 -10.42
N ASN B 177 -44.46 -10.00 -9.16
CA ASN B 177 -45.52 -9.65 -8.22
C ASN B 177 -46.16 -8.29 -8.51
N GLU B 178 -45.41 -7.36 -9.09
CA GLU B 178 -45.95 -6.04 -9.48
C GLU B 178 -46.41 -6.01 -10.93
N TYR B 179 -45.48 -6.24 -11.86
CA TYR B 179 -45.75 -6.20 -13.32
C TYR B 179 -46.61 -7.38 -13.81
N GLY B 180 -46.35 -8.57 -13.31
CA GLY B 180 -47.03 -9.78 -13.77
C GLY B 180 -46.17 -10.71 -14.61
N ARG B 181 -45.02 -10.23 -15.09
CA ARG B 181 -44.05 -11.06 -15.81
C ARG B 181 -42.72 -11.07 -15.08
N GLY B 182 -42.19 -12.27 -14.87
CA GLY B 182 -40.84 -12.47 -14.34
C GLY B 182 -39.99 -13.07 -15.45
N ALA B 183 -39.36 -14.20 -15.17
CA ALA B 183 -38.56 -14.90 -16.16
C ALA B 183 -38.32 -16.34 -15.71
N SER B 184 -38.27 -17.26 -16.67
CA SER B 184 -38.02 -18.67 -16.39
C SER B 184 -36.54 -18.89 -16.10
N ILE B 185 -36.24 -19.83 -15.20
CA ILE B 185 -34.86 -20.22 -14.92
C ILE B 185 -34.17 -20.80 -16.14
N GLY B 186 -34.91 -21.55 -16.96
CA GLY B 186 -34.39 -22.13 -18.20
C GLY B 186 -33.76 -21.10 -19.13
N ILE B 187 -34.45 -19.99 -19.33
CA ILE B 187 -33.97 -18.92 -20.22
C ILE B 187 -32.88 -18.05 -19.53
N MET B 188 -32.99 -17.85 -18.21
CA MET B 188 -31.97 -17.13 -17.44
C MET B 188 -30.63 -17.84 -17.46
N ALA B 189 -30.63 -19.15 -17.27
CA ALA B 189 -29.42 -19.96 -17.33
C ALA B 189 -28.84 -20.03 -18.74
N ASP B 190 -29.73 -20.17 -19.73
CA ASP B 190 -29.34 -20.28 -21.14
C ASP B 190 -28.67 -18.99 -21.65
N ILE B 191 -29.23 -17.84 -21.27
CA ILE B 191 -28.65 -16.55 -21.62
C ILE B 191 -27.30 -16.34 -20.92
N GLN B 192 -27.25 -16.53 -19.61
CA GLN B 192 -26.03 -16.22 -18.85
C GLN B 192 -24.85 -17.13 -19.17
N ALA B 193 -25.13 -18.42 -19.40
CA ALA B 193 -24.08 -19.39 -19.72
C ALA B 193 -23.53 -19.20 -21.13
N ASN B 194 -24.38 -18.83 -22.08
CA ASN B 194 -23.99 -18.71 -23.48
C ASN B 194 -23.72 -17.28 -23.96
N LEU B 195 -23.87 -16.28 -23.10
CA LEU B 195 -23.64 -14.88 -23.50
C LEU B 195 -22.17 -14.61 -23.87
N PRO B 196 -21.20 -15.18 -23.12
CA PRO B 196 -19.79 -15.02 -23.51
C PRO B 196 -19.46 -15.60 -24.89
N ASP B 197 -20.02 -16.76 -25.21
CA ASP B 197 -19.86 -17.36 -26.53
C ASP B 197 -20.39 -16.47 -27.64
N GLY B 198 -21.59 -15.91 -27.43
CA GLY B 198 -22.25 -15.07 -28.43
C GLY B 198 -21.51 -13.78 -28.71
N LEU B 199 -21.01 -13.12 -27.66
CA LEU B 199 -20.21 -11.91 -27.79
C LEU B 199 -18.87 -12.19 -28.48
N LYS B 200 -18.24 -13.30 -28.12
CA LYS B 200 -16.99 -13.71 -28.75
C LYS B 200 -17.25 -14.02 -30.20
N GLN B 201 -18.38 -14.66 -30.45
CA GLN B 201 -18.78 -15.02 -31.80
C GLN B 201 -18.98 -13.75 -32.63
N ILE B 202 -19.61 -12.76 -32.02
CA ILE B 202 -19.83 -11.48 -32.68
C ILE B 202 -18.51 -10.76 -32.93
N ARG B 203 -17.61 -10.85 -31.97
CA ARG B 203 -16.31 -10.20 -32.05
C ARG B 203 -15.43 -10.73 -33.18
N ASP B 204 -15.41 -12.04 -33.36
CA ASP B 204 -14.62 -12.65 -34.42
C ASP B 204 -15.12 -12.23 -35.79
N LYS B 205 -16.44 -12.20 -35.93
CA LYS B 205 -17.12 -11.83 -37.16
C LYS B 205 -16.98 -10.37 -37.63
N PHE B 206 -17.00 -9.43 -36.69
CA PHE B 206 -16.99 -8.00 -37.02
C PHE B 206 -15.73 -7.24 -36.59
N GLY B 207 -15.14 -7.63 -35.46
CA GLY B 207 -13.88 -7.04 -35.00
C GLY B 207 -14.08 -5.67 -34.41
N ASP B 208 -13.14 -4.77 -34.68
CA ASP B 208 -13.16 -3.40 -34.13
C ASP B 208 -14.35 -2.53 -34.59
N ALA B 209 -15.02 -2.92 -35.67
CA ALA B 209 -16.26 -2.27 -36.13
C ALA B 209 -17.33 -2.21 -35.04
N VAL B 210 -17.46 -3.31 -34.29
CA VAL B 210 -18.36 -3.36 -33.14
C VAL B 210 -17.51 -3.17 -31.90
N LYS B 211 -18.04 -2.38 -30.96
CA LYS B 211 -17.38 -2.08 -29.70
C LYS B 211 -18.16 -2.77 -28.59
N ILE B 212 -17.51 -3.63 -27.80
CA ILE B 212 -18.18 -4.42 -26.77
C ILE B 212 -17.71 -3.99 -25.39
N VAL B 213 -18.65 -3.56 -24.55
CA VAL B 213 -18.37 -3.11 -23.18
C VAL B 213 -19.33 -3.79 -22.22
N GLY B 214 -19.05 -3.69 -20.93
CA GLY B 214 -19.86 -4.36 -19.91
C GLY B 214 -20.22 -3.49 -18.72
N ILE B 215 -21.24 -3.92 -17.98
CA ILE B 215 -21.64 -3.30 -16.71
C ILE B 215 -21.75 -4.43 -15.67
N ASN B 216 -20.90 -4.38 -14.65
CA ASN B 216 -20.97 -5.34 -13.55
C ASN B 216 -21.84 -4.79 -12.42
N GLN B 217 -23.07 -5.30 -12.32
CA GLN B 217 -24.02 -4.83 -11.31
C GLN B 217 -23.73 -5.35 -9.90
N ASP B 218 -22.88 -6.37 -9.79
CA ASP B 218 -22.42 -6.86 -8.48
C ASP B 218 -21.40 -5.92 -7.83
N ARG B 219 -20.69 -5.12 -8.64
CA ARG B 219 -19.71 -4.14 -8.15
C ARG B 219 -20.20 -2.70 -8.37
N ASN B 220 -21.40 -2.41 -7.90
CA ASN B 220 -22.01 -1.07 -8.01
C ASN B 220 -21.97 -0.49 -9.43
N SER B 221 -22.51 -1.25 -10.38
CA SER B 221 -22.66 -0.84 -11.78
C SER B 221 -21.33 -0.43 -12.46
N GLU B 222 -20.27 -1.18 -12.19
CA GLU B 222 -18.93 -0.86 -12.67
C GLU B 222 -18.82 -1.02 -14.19
N PHE B 223 -18.43 0.05 -14.88
CA PHE B 223 -18.22 0.03 -16.34
C PHE B 223 -16.94 -0.72 -16.70
N ILE B 224 -17.02 -1.60 -17.69
CA ILE B 224 -15.90 -2.47 -18.11
C ILE B 224 -15.60 -2.19 -19.59
N ASP B 225 -14.49 -1.50 -19.85
CA ASP B 225 -14.18 -1.01 -21.21
C ASP B 225 -13.66 -2.08 -22.15
N LYS B 226 -12.75 -2.93 -21.68
CA LYS B 226 -12.01 -3.84 -22.56
C LYS B 226 -12.70 -5.20 -22.67
N PHE B 227 -12.69 -5.76 -23.87
CA PHE B 227 -13.42 -7.01 -24.20
C PHE B 227 -13.00 -8.22 -23.37
N ASP B 228 -11.70 -8.36 -23.11
CA ASP B 228 -11.18 -9.45 -22.26
C ASP B 228 -11.72 -9.39 -20.82
N ASP B 229 -11.87 -8.18 -20.29
CA ASP B 229 -12.48 -7.99 -18.96
C ASP B 229 -13.99 -8.31 -18.97
N VAL B 230 -14.67 -8.00 -20.08
CA VAL B 230 -16.11 -8.30 -20.22
C VAL B 230 -16.37 -9.82 -20.18
N ILE B 231 -15.50 -10.59 -20.83
CA ILE B 231 -15.60 -12.06 -20.84
C ILE B 231 -15.39 -12.65 -19.43
N LYS B 232 -14.43 -12.11 -18.67
CA LYS B 232 -14.19 -12.56 -17.28
C LYS B 232 -15.37 -12.28 -16.35
N MET B 233 -15.96 -11.09 -16.47
CA MET B 233 -17.17 -10.72 -15.72
C MET B 233 -18.33 -11.67 -16.00
N LEU B 234 -18.54 -11.97 -17.28
CA LEU B 234 -19.68 -12.78 -17.73
C LEU B 234 -19.49 -14.28 -17.53
N SER B 235 -18.26 -14.74 -17.35
CA SER B 235 -17.96 -16.17 -17.15
C SER B 235 -18.34 -16.63 -15.73
N LEU B 236 -19.63 -16.88 -15.53
CA LEU B 236 -20.18 -17.20 -14.21
C LEU B 236 -20.70 -18.65 -14.13
N GLY B 237 -20.07 -19.55 -14.90
CA GLY B 237 -20.40 -20.97 -14.86
C GLY B 237 -21.03 -21.49 -16.14
N SER B 238 -21.26 -22.81 -16.17
CA SER B 238 -21.92 -23.48 -17.30
C SER B 238 -23.43 -23.42 -17.16
N GLN B 239 -24.12 -23.81 -18.23
CA GLN B 239 -25.58 -23.83 -18.24
C GLN B 239 -26.15 -24.88 -17.29
N GLU B 240 -25.46 -26.01 -17.16
CA GLU B 240 -25.83 -27.06 -16.19
C GLU B 240 -25.71 -26.56 -14.75
N GLN B 241 -24.63 -25.87 -14.44
CA GLN B 241 -24.40 -25.33 -13.09
C GLN B 241 -25.44 -24.29 -12.68
N ILE B 242 -25.64 -23.29 -13.56
CA ILE B 242 -26.51 -22.16 -13.25
C ILE B 242 -27.96 -22.64 -13.13
N LEU B 243 -28.40 -23.45 -14.09
CA LEU B 243 -29.72 -24.08 -14.03
C LEU B 243 -29.88 -24.93 -12.77
N GLY B 244 -28.83 -25.65 -12.39
CA GLY B 244 -28.82 -26.43 -11.16
C GLY B 244 -29.00 -25.58 -9.91
N ARG B 245 -28.21 -24.52 -9.80
CA ARG B 245 -28.31 -23.59 -8.67
C ARG B 245 -29.65 -22.84 -8.63
N LEU B 246 -30.16 -22.47 -9.80
CA LEU B 246 -31.47 -21.79 -9.90
C LEU B 246 -32.63 -22.73 -9.55
N ALA B 247 -32.57 -23.98 -10.00
CA ALA B 247 -33.58 -24.99 -9.66
C ALA B 247 -33.69 -25.22 -8.15
N GLU B 248 -32.54 -25.31 -7.49
CA GLU B 248 -32.51 -25.47 -6.03
C GLU B 248 -33.00 -24.21 -5.31
N LYS B 249 -32.62 -23.05 -5.82
CA LYS B 249 -33.04 -21.76 -5.26
C LYS B 249 -34.56 -21.59 -5.30
N ILE B 250 -35.16 -21.69 -6.49
CA ILE B 250 -36.61 -21.47 -6.61
C ILE B 250 -37.42 -22.49 -5.81
N GLN B 251 -36.90 -23.72 -5.69
CA GLN B 251 -37.54 -24.76 -4.88
C GLN B 251 -37.41 -24.48 -3.38
N SER B 252 -36.20 -24.11 -2.94
CA SER B 252 -35.97 -23.72 -1.53
C SER B 252 -36.84 -22.53 -1.14
N ASP B 253 -36.89 -21.53 -2.00
CA ASP B 253 -37.69 -20.31 -1.76
C ASP B 253 -39.19 -20.61 -1.67
N PHE B 254 -39.66 -21.58 -2.45
CA PHE B 254 -41.07 -21.99 -2.37
C PHE B 254 -41.35 -22.81 -1.11
N ASP B 255 -40.48 -23.76 -0.79
CA ASP B 255 -40.62 -24.61 0.40
C ASP B 255 -40.65 -23.80 1.70
N SER B 256 -39.81 -22.76 1.78
CA SER B 256 -39.73 -21.87 2.95
C SER B 256 -40.87 -20.84 3.08
N GLY B 257 -41.66 -20.66 2.02
CA GLY B 257 -42.74 -19.67 1.99
C GLY B 257 -42.30 -18.24 1.70
N LYS B 258 -41.20 -18.10 0.97
CA LYS B 258 -40.67 -16.79 0.56
C LYS B 258 -41.30 -16.27 -0.75
N ILE B 259 -41.70 -17.19 -1.63
CA ILE B 259 -42.46 -16.85 -2.84
C ILE B 259 -43.72 -17.70 -2.95
N SER B 260 -44.72 -17.18 -3.67
CA SER B 260 -46.00 -17.87 -3.86
C SER B 260 -45.88 -19.01 -4.89
N ARG B 261 -46.95 -19.80 -5.03
CA ARG B 261 -46.98 -20.91 -6.00
C ARG B 261 -46.95 -20.39 -7.44
N GLU B 262 -47.58 -19.24 -7.69
CA GLU B 262 -47.65 -18.65 -9.03
C GLU B 262 -46.29 -18.08 -9.46
N CYS B 263 -45.60 -17.45 -8.51
CA CYS B 263 -44.23 -16.98 -8.73
C CYS B 263 -43.25 -18.15 -8.93
N PHE B 264 -43.45 -19.23 -8.17
CA PHE B 264 -42.66 -20.46 -8.33
C PHE B 264 -42.86 -21.06 -9.72
N ASN B 265 -44.11 -21.12 -10.18
CA ASN B 265 -44.44 -21.77 -11.46
C ASN B 265 -43.93 -21.02 -12.69
N GLN B 266 -44.02 -19.69 -12.67
CA GLN B 266 -43.49 -18.88 -13.77
C GLN B 266 -41.98 -18.98 -13.84
N ALA B 267 -41.32 -19.02 -12.69
CA ALA B 267 -39.87 -19.23 -12.60
C ALA B 267 -39.47 -20.64 -13.05
N LYS B 268 -40.27 -21.63 -12.68
CA LYS B 268 -40.05 -23.00 -13.13
C LYS B 268 -40.20 -23.10 -14.64
N GLY B 269 -41.30 -22.58 -15.15
CA GLY B 269 -41.58 -22.61 -16.60
C GLY B 269 -41.83 -24.03 -17.05
N SER B 270 -41.23 -24.40 -18.17
CA SER B 270 -41.36 -25.75 -18.74
C SER B 270 -40.43 -26.80 -18.12
N MET B 271 -39.51 -26.39 -17.24
CA MET B 271 -38.50 -27.30 -16.66
C MET B 271 -39.11 -28.44 -15.87
N ASP B 272 -38.61 -29.66 -16.11
CA ASP B 272 -38.79 -30.77 -15.20
C ASP B 272 -37.66 -30.69 -14.17
N LEU B 273 -37.97 -30.18 -12.97
CA LEU B 273 -36.97 -29.97 -11.91
C LEU B 273 -36.35 -31.28 -11.40
N GLU B 274 -37.15 -32.35 -11.32
CA GLU B 274 -36.64 -33.67 -10.92
C GLU B 274 -35.46 -34.10 -11.78
N SER B 275 -35.53 -33.84 -13.08
CA SER B 275 -34.43 -34.17 -14.01
C SER B 275 -33.18 -33.31 -13.77
N VAL B 276 -33.35 -32.05 -13.36
CA VAL B 276 -32.22 -31.19 -12.99
C VAL B 276 -31.57 -31.66 -11.68
N PHE B 277 -32.37 -31.92 -10.66
CA PHE B 277 -31.87 -32.37 -9.36
C PHE B 277 -31.10 -33.70 -9.44
N ALA B 278 -31.55 -34.60 -10.31
CA ALA B 278 -30.88 -35.90 -10.51
C ALA B 278 -29.47 -35.79 -11.13
N LYS B 279 -29.22 -34.71 -11.88
CA LYS B 279 -27.90 -34.45 -12.47
C LYS B 279 -26.88 -33.89 -11.48
N LYS B 280 -27.32 -33.46 -10.29
CA LYS B 280 -26.42 -32.93 -9.28
C LYS B 280 -25.47 -34.01 -8.74
N GLU B 281 -24.21 -33.64 -8.51
CA GLU B 281 -23.17 -34.55 -8.06
C GLU B 281 -22.77 -34.25 -6.62
N TYR B 282 -22.55 -35.30 -5.84
CA TYR B 282 -22.06 -35.19 -4.46
C TYR B 282 -20.74 -35.95 -4.35
N SER B 283 -19.88 -35.79 -5.36
CA SER B 283 -18.71 -36.64 -5.54
C SER B 283 -17.67 -36.45 -4.44
N GLN B 284 -17.44 -35.20 -4.04
CA GLN B 284 -16.45 -34.88 -3.02
C GLN B 284 -17.13 -34.49 -1.71
N GLN B 285 -18.20 -35.21 -1.34
CA GLN B 285 -19.05 -34.83 -0.21
C GLN B 285 -19.43 -35.99 0.68
N ARG B 286 -19.55 -35.70 1.97
CA ARG B 286 -19.96 -36.68 2.98
C ARG B 286 -20.76 -36.02 4.09
N VAL B 287 -21.43 -36.86 4.87
CA VAL B 287 -22.21 -36.43 6.03
C VAL B 287 -21.73 -37.22 7.25
N VAL B 288 -21.33 -36.49 8.29
CA VAL B 288 -20.90 -37.08 9.56
C VAL B 288 -22.05 -36.95 10.55
N THR B 289 -22.49 -38.07 11.13
CA THR B 289 -23.61 -38.07 12.08
C THR B 289 -23.15 -38.38 13.50
N ASN B 290 -23.88 -37.85 14.49
CA ASN B 290 -23.66 -38.14 15.89
C ASN B 290 -24.88 -37.77 16.75
N SER B 291 -24.78 -37.98 18.07
CA SER B 291 -25.82 -37.60 19.02
C SER B 291 -26.27 -36.13 18.95
N LYS B 292 -25.37 -35.21 18.61
CA LYS B 292 -25.70 -33.79 18.47
C LYS B 292 -26.45 -33.47 17.17
N GLY B 293 -26.05 -34.09 16.06
CA GLY B 293 -26.72 -33.89 14.76
C GLY B 293 -25.92 -34.39 13.55
N VAL B 294 -26.20 -33.81 12.37
CA VAL B 294 -25.47 -34.14 11.14
C VAL B 294 -24.69 -32.93 10.63
N THR B 295 -23.59 -33.19 9.94
CA THR B 295 -22.68 -32.16 9.45
C THR B 295 -22.27 -32.48 8.02
N LEU B 296 -22.62 -31.60 7.09
CA LEU B 296 -22.19 -31.72 5.69
C LEU B 296 -20.76 -31.20 5.57
N GLU B 297 -19.92 -31.97 4.87
CA GLU B 297 -18.53 -31.60 4.63
C GLU B 297 -18.14 -31.86 3.17
N THR B 298 -17.35 -30.96 2.59
CA THR B 298 -16.77 -31.15 1.24
C THR B 298 -15.25 -31.30 1.37
N LYS B 299 -14.67 -32.17 0.53
CA LYS B 299 -13.22 -32.37 0.45
C LYS B 299 -12.65 -31.59 -0.72
N SER B 300 -11.59 -30.83 -0.47
CA SER B 300 -10.90 -30.05 -1.53
C SER B 300 -9.72 -30.83 -2.11
N ALA B 301 -9.07 -30.26 -3.13
CA ALA B 301 -7.91 -30.89 -3.82
C ALA B 301 -6.75 -31.29 -2.89
N ASN B 302 -6.55 -30.49 -1.84
CA ASN B 302 -5.59 -30.81 -0.76
C ASN B 302 -5.97 -32.00 0.16
N GLU B 303 -7.15 -32.59 -0.02
CA GLU B 303 -7.67 -33.68 0.82
C GLU B 303 -7.90 -33.28 2.28
N LEU B 304 -8.52 -32.12 2.46
CA LEU B 304 -8.97 -31.63 3.75
C LEU B 304 -10.48 -31.47 3.71
N TRP B 305 -11.17 -32.14 4.63
CA TRP B 305 -12.60 -31.93 4.82
C TRP B 305 -12.83 -30.64 5.62
N SER B 306 -13.81 -29.85 5.19
CA SER B 306 -14.26 -28.67 5.94
C SER B 306 -15.79 -28.62 6.01
N LYS B 307 -16.31 -28.06 7.09
CA LYS B 307 -17.75 -28.04 7.38
C LYS B 307 -18.49 -27.02 6.52
N VAL B 308 -19.52 -27.48 5.81
CA VAL B 308 -20.40 -26.63 5.00
C VAL B 308 -21.63 -26.20 5.80
N GLU B 309 -22.22 -27.13 6.53
CA GLU B 309 -23.52 -26.94 7.18
C GLU B 309 -23.66 -27.91 8.36
N GLN B 310 -24.32 -27.47 9.43
CA GLN B 310 -24.61 -28.34 10.58
C GLN B 310 -26.09 -28.23 10.94
N ILE B 311 -26.75 -29.38 11.13
CA ILE B 311 -28.18 -29.44 11.45
C ILE B 311 -28.34 -30.22 12.77
N PRO B 312 -28.83 -29.57 13.84
CA PRO B 312 -29.02 -30.31 15.10
C PRO B 312 -30.19 -31.28 15.00
N VAL B 313 -29.95 -32.51 15.42
CA VAL B 313 -30.95 -33.60 15.43
C VAL B 313 -30.62 -34.45 16.64
N THR B 314 -31.64 -35.04 17.26
CA THR B 314 -31.44 -35.95 18.40
C THR B 314 -31.75 -37.40 18.00
N GLY B 315 -31.08 -38.33 18.68
CA GLY B 315 -31.35 -39.77 18.52
C GLY B 315 -30.65 -40.48 17.37
N MET B 316 -29.53 -39.92 16.91
CA MET B 316 -28.74 -40.54 15.84
C MET B 316 -27.43 -41.06 16.42
N LYS B 317 -27.00 -42.21 15.90
CA LYS B 317 -25.74 -42.82 16.30
C LYS B 317 -24.62 -42.25 15.43
N ALA B 318 -23.38 -42.61 15.75
CA ALA B 318 -22.22 -42.08 15.03
C ALA B 318 -22.10 -42.75 13.67
N GLY B 319 -21.67 -41.99 12.67
CA GLY B 319 -21.52 -42.53 11.32
C GLY B 319 -20.93 -41.56 10.33
N ILE B 320 -20.29 -42.11 9.30
CA ILE B 320 -19.73 -41.35 8.19
C ILE B 320 -20.29 -41.93 6.89
N TYR B 321 -20.91 -41.07 6.08
CA TYR B 321 -21.59 -41.50 4.86
C TYR B 321 -21.08 -40.69 3.67
N LEU B 322 -20.55 -41.39 2.67
CA LEU B 322 -20.06 -40.78 1.44
C LEU B 322 -21.22 -40.62 0.43
N LEU B 323 -21.67 -39.39 0.24
CA LEU B 323 -22.88 -39.11 -0.58
C LEU B 323 -22.68 -39.44 -2.05
N GLY B 324 -21.44 -39.33 -2.53
CA GLY B 324 -21.09 -39.67 -3.90
C GLY B 324 -21.15 -41.14 -4.25
N GLN B 325 -21.19 -42.02 -3.25
CA GLN B 325 -21.27 -43.46 -3.46
C GLN B 325 -22.66 -44.04 -3.16
N ALA B 326 -23.67 -43.18 -3.09
CA ALA B 326 -25.04 -43.62 -2.79
C ALA B 326 -25.68 -44.27 -4.02
N LYS B 327 -26.45 -45.33 -3.81
CA LYS B 327 -27.15 -46.02 -4.89
C LYS B 327 -28.41 -45.22 -5.23
N LYS B 328 -28.67 -45.04 -6.52
CA LYS B 328 -29.91 -44.37 -6.94
C LYS B 328 -31.09 -45.32 -6.81
N ALA B 329 -32.18 -44.81 -6.20
CA ALA B 329 -33.37 -45.61 -5.96
C ALA B 329 -34.05 -45.96 -7.27
N GLU B 330 -34.24 -47.26 -7.50
CA GLU B 330 -35.00 -47.75 -8.66
C GLU B 330 -36.48 -47.54 -8.38
N THR B 331 -37.21 -47.09 -9.39
CA THR B 331 -38.64 -46.77 -9.24
C THR B 331 -39.46 -48.07 -9.08
N GLY B 332 -40.54 -47.98 -8.29
CA GLY B 332 -41.40 -49.14 -8.00
C GLY B 332 -40.87 -50.11 -6.95
N GLN B 333 -39.99 -49.62 -6.07
CA GLN B 333 -39.42 -50.43 -4.98
C GLN B 333 -39.41 -49.66 -3.67
N THR B 334 -39.56 -50.38 -2.57
CA THR B 334 -39.64 -49.78 -1.24
C THR B 334 -38.30 -49.89 -0.52
N TYR B 335 -37.74 -48.73 -0.14
CA TYR B 335 -36.48 -48.63 0.58
C TYR B 335 -36.74 -48.19 2.02
N SER B 336 -36.34 -49.03 3.00
CA SER B 336 -36.63 -48.78 4.42
C SER B 336 -35.35 -48.40 5.18
N GLY B 337 -35.45 -47.38 6.04
CA GLY B 337 -34.31 -46.93 6.84
C GLY B 337 -34.29 -45.46 7.22
N GLU B 338 -33.28 -45.09 8.00
CA GLU B 338 -33.16 -43.73 8.57
C GLU B 338 -32.65 -42.70 7.55
N ILE B 339 -33.28 -41.54 7.51
CA ILE B 339 -32.86 -40.43 6.65
C ILE B 339 -31.69 -39.75 7.35
N ILE B 340 -30.52 -39.75 6.70
CA ILE B 340 -29.30 -39.16 7.28
C ILE B 340 -28.98 -37.76 6.76
N TYR B 341 -29.47 -37.42 5.57
CA TYR B 341 -29.32 -36.06 5.04
C TYR B 341 -30.37 -35.74 3.98
N LYS B 342 -30.75 -34.47 3.93
CA LYS B 342 -31.76 -33.96 3.04
C LYS B 342 -31.34 -32.55 2.60
N ASP B 343 -31.59 -32.22 1.33
CA ASP B 343 -31.42 -30.84 0.83
C ASP B 343 -32.47 -30.57 -0.26
N ALA B 344 -32.32 -29.49 -1.02
CA ALA B 344 -33.30 -29.12 -2.04
C ALA B 344 -33.39 -30.12 -3.21
N ALA B 345 -32.30 -30.83 -3.50
CA ALA B 345 -32.23 -31.76 -4.64
C ALA B 345 -32.44 -33.25 -4.30
N ALA B 346 -31.94 -33.69 -3.14
CA ALA B 346 -31.87 -35.12 -2.82
C ALA B 346 -32.24 -35.47 -1.38
N VAL B 347 -32.61 -36.73 -1.18
CA VAL B 347 -32.88 -37.31 0.14
C VAL B 347 -32.03 -38.58 0.28
N PHE B 348 -31.18 -38.62 1.30
CA PHE B 348 -30.24 -39.72 1.51
C PHE B 348 -30.67 -40.62 2.67
N GLN B 349 -30.85 -41.90 2.38
CA GLN B 349 -31.44 -42.87 3.31
C GLN B 349 -30.49 -44.06 3.45
N LYS B 350 -30.11 -44.38 4.69
CA LYS B 350 -29.33 -45.59 4.98
C LYS B 350 -30.26 -46.80 5.07
N THR B 351 -30.16 -47.72 4.11
CA THR B 351 -30.84 -49.00 4.16
C THR B 351 -29.87 -50.08 4.64
N LYS B 352 -30.36 -51.31 4.74
CA LYS B 352 -29.52 -52.47 5.05
C LYS B 352 -28.63 -52.91 3.87
N ASN B 353 -28.92 -52.42 2.67
CA ASN B 353 -28.02 -52.56 1.50
C ASN B 353 -27.31 -51.25 1.17
N GLY B 354 -26.83 -50.55 2.19
CA GLY B 354 -26.06 -49.31 2.03
C GLY B 354 -26.88 -48.04 1.82
N LEU B 355 -26.17 -46.94 1.55
CA LEU B 355 -26.75 -45.62 1.39
C LEU B 355 -27.50 -45.49 0.07
N VAL B 356 -28.71 -44.93 0.12
CA VAL B 356 -29.59 -44.81 -1.05
C VAL B 356 -29.95 -43.35 -1.25
N ARG B 357 -30.04 -42.93 -2.52
CA ARG B 357 -30.38 -41.55 -2.89
C ARG B 357 -31.71 -41.47 -3.63
N HIS B 358 -32.66 -40.71 -3.07
CA HIS B 358 -33.91 -40.35 -3.75
C HIS B 358 -33.84 -38.91 -4.24
N ASN B 359 -34.47 -38.65 -5.39
CA ASN B 359 -34.69 -37.26 -5.81
C ASN B 359 -35.68 -36.64 -4.86
N ALA B 360 -35.47 -35.37 -4.55
CA ALA B 360 -36.35 -34.63 -3.62
C ALA B 360 -37.74 -34.36 -4.21
N THR B 361 -37.86 -34.45 -5.54
CA THR B 361 -39.14 -34.40 -6.25
C THR B 361 -39.34 -35.70 -7.03
N HIS B 362 -40.58 -36.19 -7.06
CA HIS B 362 -40.95 -37.39 -7.82
C HIS B 362 -42.27 -37.15 -8.55
N ASN B 363 -42.18 -36.88 -9.86
CA ASN B 363 -43.33 -36.55 -10.71
C ASN B 363 -44.15 -35.40 -10.12
N GLU B 364 -43.46 -34.28 -9.88
CA GLU B 364 -44.05 -33.05 -9.32
C GLU B 364 -44.72 -33.19 -7.94
N GLU B 365 -44.33 -34.22 -7.18
CA GLU B 365 -44.72 -34.41 -5.78
C GLU B 365 -43.44 -34.32 -4.97
N ARG B 366 -43.49 -33.55 -3.89
CA ARG B 366 -42.30 -33.17 -3.16
C ARG B 366 -41.99 -34.18 -2.04
N LEU B 367 -40.96 -35.02 -2.27
CA LEU B 367 -40.55 -36.05 -1.28
C LEU B 367 -39.92 -35.45 -0.02
N ALA B 368 -39.11 -34.41 -0.20
CA ALA B 368 -38.31 -33.84 0.91
C ALA B 368 -39.11 -33.43 2.14
N LYS B 369 -40.27 -32.78 1.90
CA LYS B 369 -41.15 -32.31 2.99
C LYS B 369 -41.86 -33.44 3.75
N LEU B 370 -41.95 -34.63 3.16
CA LEU B 370 -42.59 -35.79 3.80
C LEU B 370 -41.70 -36.54 4.81
N VAL B 371 -40.41 -36.21 4.89
CA VAL B 371 -39.46 -36.89 5.79
C VAL B 371 -38.58 -35.91 6.57
N GLU B 372 -38.12 -36.33 7.74
CA GLU B 372 -37.22 -35.55 8.56
C GLU B 372 -35.90 -36.30 8.79
N ILE B 373 -34.81 -35.54 8.88
CA ILE B 373 -33.50 -36.13 9.10
C ILE B 373 -33.52 -36.76 10.47
N GLY B 374 -33.04 -38.00 10.57
CA GLY B 374 -33.11 -38.80 11.79
C GLY B 374 -34.32 -39.70 11.87
N GLN B 375 -35.35 -39.43 11.07
CA GLN B 375 -36.59 -40.21 11.07
C GLN B 375 -36.39 -41.51 10.28
N ASN B 376 -37.01 -42.58 10.78
CA ASN B 376 -36.95 -43.90 10.15
C ASN B 376 -38.22 -44.09 9.31
N VAL B 377 -38.05 -44.24 8.00
CA VAL B 377 -39.18 -44.33 7.07
C VAL B 377 -38.97 -45.38 6.00
N SER B 378 -40.06 -45.76 5.36
CA SER B 378 -40.02 -46.51 4.10
C SER B 378 -40.49 -45.58 2.98
N ILE B 379 -39.77 -45.58 1.86
CA ILE B 379 -40.12 -44.76 0.68
C ILE B 379 -40.30 -45.69 -0.52
N GLY B 380 -41.51 -45.72 -1.06
CA GLY B 380 -41.83 -46.47 -2.28
C GLY B 380 -42.82 -45.72 -3.15
N SER B 381 -42.87 -46.08 -4.42
CA SER B 381 -43.76 -45.42 -5.39
C SER B 381 -44.67 -46.45 -6.07
N ASN B 382 -45.97 -46.32 -5.82
CA ASN B 382 -46.99 -47.16 -6.45
C ASN B 382 -47.65 -46.41 -7.63
N LYS B 383 -47.17 -46.70 -8.85
CA LYS B 383 -47.74 -46.17 -10.09
C LYS B 383 -47.68 -44.63 -10.15
N GLY B 384 -46.47 -44.10 -9.99
CA GLY B 384 -46.24 -42.65 -10.02
C GLY B 384 -46.87 -41.83 -8.90
N LYS B 385 -47.15 -42.49 -7.77
CA LYS B 385 -47.72 -41.85 -6.58
C LYS B 385 -46.90 -42.29 -5.38
N LEU B 386 -46.34 -41.33 -4.64
CA LEU B 386 -45.43 -41.62 -3.52
C LEU B 386 -46.13 -42.25 -2.31
N ILE B 387 -45.47 -43.27 -1.75
CA ILE B 387 -45.91 -43.92 -0.51
C ILE B 387 -44.79 -43.76 0.53
N VAL B 388 -44.97 -42.86 1.49
CA VAL B 388 -44.03 -42.68 2.61
C VAL B 388 -44.70 -43.13 3.91
N LYS B 389 -44.19 -44.19 4.53
CA LYS B 389 -44.68 -44.66 5.84
C LYS B 389 -43.59 -44.47 6.89
N SER B 390 -43.99 -44.05 8.09
CA SER B 390 -43.09 -44.03 9.24
C SER B 390 -42.88 -45.45 9.79
N LEU B 391 -41.66 -45.72 10.25
CA LEU B 391 -41.30 -46.99 10.88
C LEU B 391 -40.79 -46.77 12.30
N GLU B 392 -41.08 -45.60 12.88
CA GLU B 392 -40.65 -45.28 14.26
C GLU B 392 -41.42 -46.15 15.25
N TYR B 393 -40.74 -46.57 16.30
CA TYR B 393 -41.37 -47.35 17.37
C TYR B 393 -40.66 -47.19 18.70
N SER B 394 -41.25 -47.79 19.74
CA SER B 394 -40.64 -47.88 21.06
C SER B 394 -40.97 -49.25 21.67
N ALA B 395 -39.92 -50.03 21.97
CA ALA B 395 -40.06 -51.38 22.55
C ALA B 395 -38.81 -51.79 23.32
N GLN C 7 2.05 -7.28 22.55
CA GLN C 7 1.70 -8.38 23.51
C GLN C 7 1.71 -9.74 22.81
N GLU C 8 2.93 -10.22 22.54
CA GLU C 8 3.18 -11.46 21.80
C GLU C 8 4.36 -12.19 22.41
N SER C 9 4.43 -13.51 22.20
CA SER C 9 5.55 -14.32 22.69
C SER C 9 6.83 -13.98 21.96
N ASN C 10 7.96 -14.40 22.53
CA ASN C 10 9.28 -14.08 21.98
C ASN C 10 9.58 -14.81 20.68
N ALA C 11 9.00 -16.01 20.52
CA ALA C 11 9.12 -16.77 19.27
C ALA C 11 8.44 -16.06 18.11
N ILE C 12 7.24 -15.51 18.36
CA ILE C 12 6.47 -14.82 17.32
C ILE C 12 7.18 -13.53 16.87
N ARG C 13 7.77 -12.80 17.81
CA ARG C 13 8.58 -11.61 17.49
C ARG C 13 9.84 -12.01 16.71
N MET C 14 10.52 -13.03 17.21
CA MET C 14 11.69 -13.65 16.55
C MET C 14 11.41 -14.01 15.10
N ILE C 15 10.26 -14.63 14.84
CA ILE C 15 9.87 -15.02 13.47
C ILE C 15 9.61 -13.81 12.57
N LYS C 16 8.82 -12.84 13.06
CA LYS C 16 8.51 -11.60 12.30
C LYS C 16 9.76 -10.81 11.91
N GLU C 17 10.73 -10.75 12.83
CA GLU C 17 12.01 -10.09 12.55
C GLU C 17 12.81 -10.83 11.48
N ALA C 18 12.70 -12.16 11.44
CA ALA C 18 13.33 -12.97 10.40
C ALA C 18 12.70 -12.71 9.03
N CYS C 19 11.40 -12.49 9.00
CA CYS C 19 10.71 -12.09 7.76
C CYS C 19 11.20 -10.74 7.22
N GLU C 20 11.46 -9.78 8.11
CA GLU C 20 12.04 -8.48 7.72
C GLU C 20 13.42 -8.64 7.09
N LYS C 21 14.25 -9.49 7.67
CA LYS C 21 15.59 -9.77 7.12
C LYS C 21 15.54 -10.58 5.82
N ASN C 22 14.49 -11.38 5.61
CA ASN C 22 14.26 -12.01 4.30
C ASN C 22 13.92 -10.97 3.23
N ARG C 23 13.19 -9.92 3.60
CA ARG C 23 12.92 -8.79 2.69
C ARG C 23 14.17 -7.94 2.42
N ARG C 24 15.05 -7.84 3.41
CA ARG C 24 16.36 -7.19 3.23
C ARG C 24 17.27 -7.96 2.25
N MET C 25 17.16 -9.30 2.21
CA MET C 25 17.93 -10.14 1.27
C MET C 25 17.58 -9.90 -0.21
N MET C 26 16.33 -9.53 -0.49
CA MET C 26 15.89 -9.25 -1.87
C MET C 26 16.50 -7.95 -2.41
N THR C 27 16.48 -6.89 -1.60
CA THR C 27 17.04 -5.60 -2.00
C THR C 27 18.57 -5.60 -1.95
N ASP C 28 19.13 -6.02 -0.81
CA ASP C 28 20.58 -6.05 -0.60
C ASP C 28 21.18 -7.37 -1.09
N GLU C 29 22.00 -7.31 -2.14
CA GLU C 29 22.67 -8.51 -2.70
C GLU C 29 24.00 -8.86 -2.02
N ALA C 30 24.64 -7.89 -1.37
CA ALA C 30 25.84 -8.15 -0.56
C ALA C 30 25.50 -8.95 0.70
N PHE C 31 24.37 -8.60 1.32
CA PHE C 31 23.84 -9.32 2.48
C PHE C 31 23.47 -10.78 2.15
N ARG C 32 22.82 -10.98 1.00
CA ARG C 32 22.35 -12.31 0.57
C ARG C 32 23.49 -13.30 0.25
N LYS C 33 24.59 -12.79 -0.32
CA LYS C 33 25.77 -13.62 -0.60
C LYS C 33 26.45 -14.09 0.69
N GLU C 34 26.55 -13.20 1.68
CA GLU C 34 27.15 -13.52 2.99
C GLU C 34 26.36 -14.59 3.77
N VAL C 35 25.02 -14.45 3.77
CA VAL C 35 24.14 -15.40 4.47
C VAL C 35 24.22 -16.78 3.81
N GLU C 36 24.02 -16.82 2.49
CA GLU C 36 23.99 -18.09 1.74
C GLU C 36 25.36 -18.78 1.56
N LYS C 37 26.45 -18.04 1.78
CA LYS C 37 27.81 -18.61 1.76
C LYS C 37 28.00 -19.63 2.90
N ARG C 38 27.67 -19.21 4.12
CA ARG C 38 27.82 -20.05 5.32
C ARG C 38 26.97 -21.32 5.28
N LEU C 39 25.69 -21.16 4.94
CA LEU C 39 24.68 -22.22 5.06
C LEU C 39 25.03 -23.52 4.34
N TYR C 40 25.47 -23.38 3.09
CA TYR C 40 25.73 -24.53 2.24
C TYR C 40 27.18 -24.57 1.75
N ALA C 41 28.10 -24.50 2.72
CA ALA C 41 29.53 -24.66 2.51
C ALA C 41 29.93 -26.11 2.76
N GLY C 42 29.61 -26.60 3.96
CA GLY C 42 30.03 -27.91 4.44
C GLY C 42 30.63 -27.75 5.84
N PRO C 43 31.27 -28.82 6.36
CA PRO C 43 31.98 -28.69 7.64
C PRO C 43 33.19 -27.77 7.52
N SER C 44 33.48 -27.02 8.59
CA SER C 44 34.65 -26.14 8.62
C SER C 44 35.95 -26.96 8.68
N PRO C 45 37.10 -26.35 8.35
CA PRO C 45 38.39 -27.06 8.47
C PRO C 45 38.69 -27.60 9.87
N GLU C 46 38.29 -26.87 10.90
CA GLU C 46 38.53 -27.25 12.30
C GLU C 46 37.69 -28.48 12.69
N LEU C 47 36.41 -28.44 12.31
CA LEU C 47 35.50 -29.59 12.50
C LEU C 47 35.89 -30.80 11.65
N LEU C 48 36.32 -30.56 10.42
CA LEU C 48 36.71 -31.65 9.50
C LEU C 48 37.95 -32.43 9.99
N ALA C 49 38.85 -31.74 10.69
CA ALA C 49 40.01 -32.37 11.35
C ALA C 49 39.59 -33.36 12.46
N LYS C 50 38.58 -32.98 13.24
CA LYS C 50 38.01 -33.82 14.30
C LYS C 50 37.30 -35.04 13.72
N LEU C 51 36.48 -34.81 12.70
CA LEU C 51 35.74 -35.88 12.02
C LEU C 51 36.65 -36.95 11.41
N ARG C 52 37.73 -36.52 10.77
CA ARG C 52 38.73 -37.43 10.20
C ARG C 52 39.32 -38.37 11.25
N VAL C 53 39.56 -37.86 12.45
CA VAL C 53 40.05 -38.67 13.57
C VAL C 53 38.99 -39.66 14.03
N LEU C 54 37.75 -39.18 14.19
CA LEU C 54 36.62 -40.04 14.59
C LEU C 54 36.33 -41.13 13.57
N TRP C 55 36.43 -40.80 12.28
CA TRP C 55 36.20 -41.77 11.20
C TRP C 55 37.31 -42.81 11.11
N ALA C 56 38.56 -42.34 11.16
CA ALA C 56 39.75 -43.21 11.02
C ALA C 56 39.93 -44.19 12.18
N ALA C 57 39.57 -43.75 13.39
CA ALA C 57 39.67 -44.60 14.57
C ALA C 57 38.61 -45.69 14.68
N ASN C 58 37.59 -45.68 13.80
CA ASN C 58 36.45 -46.61 13.88
C ASN C 58 36.07 -47.18 12.50
N LYS C 59 36.95 -47.98 11.91
CA LYS C 59 36.71 -48.56 10.57
C LYS C 59 36.30 -50.04 10.60
N GLU C 60 37.12 -50.86 11.27
CA GLU C 60 36.85 -52.30 11.46
C GLU C 60 36.77 -53.05 10.13
N VAL D 2 24.99 -42.61 25.41
CA VAL D 2 23.67 -42.24 24.81
C VAL D 2 23.36 -43.18 23.65
N LYS D 3 22.16 -43.75 23.67
CA LYS D 3 21.70 -44.62 22.60
C LYS D 3 20.71 -43.88 21.75
N LEU D 4 20.53 -44.36 20.51
CA LEU D 4 19.65 -43.70 19.55
C LEU D 4 18.21 -43.77 20.01
N SER D 5 17.44 -42.74 19.68
CA SER D 5 16.03 -42.66 20.09
C SER D 5 15.16 -43.75 19.47
N SER D 6 15.58 -44.32 18.35
CA SER D 6 14.82 -45.39 17.68
C SER D 6 15.70 -46.22 16.75
N ASP D 7 15.10 -47.27 16.17
CA ASP D 7 15.72 -48.05 15.11
C ASP D 7 15.81 -47.23 13.83
N ILE D 8 16.87 -47.45 13.07
CA ILE D 8 17.05 -46.78 11.77
C ILE D 8 16.45 -47.70 10.70
N ASN D 9 15.43 -47.21 9.99
CA ASN D 9 14.78 -47.99 8.95
C ASN D 9 15.71 -48.22 7.76
N LEU D 10 15.78 -49.48 7.32
CA LEU D 10 16.51 -49.84 6.11
C LEU D 10 15.64 -49.54 4.91
N ARG D 11 16.23 -48.94 3.88
CA ARG D 11 15.62 -48.85 2.57
C ARG D 11 16.15 -50.03 1.74
N ASP D 12 15.33 -50.51 0.83
CA ASP D 12 15.73 -51.57 -0.10
C ASP D 12 16.31 -50.94 -1.36
N PHE D 13 17.62 -51.05 -1.53
CA PHE D 13 18.30 -50.59 -2.74
C PHE D 13 18.48 -51.71 -3.79
N GLY D 14 18.09 -52.93 -3.43
CA GLY D 14 18.11 -54.05 -4.37
C GLY D 14 19.51 -54.42 -4.83
N ASN D 15 19.72 -54.37 -6.14
CA ASN D 15 21.00 -54.77 -6.76
C ASN D 15 22.13 -53.75 -6.62
N ASN D 16 21.80 -52.52 -6.23
CA ASN D 16 22.82 -51.50 -5.99
C ASN D 16 23.64 -51.84 -4.72
N GLU D 17 24.72 -52.58 -4.92
CA GLU D 17 25.58 -53.06 -3.83
C GLU D 17 26.28 -51.89 -3.10
N TYR D 18 26.61 -50.84 -3.85
CA TYR D 18 27.27 -49.64 -3.31
C TYR D 18 26.43 -48.95 -2.24
N LEU D 19 25.23 -48.51 -2.61
CA LEU D 19 24.34 -47.80 -1.69
C LEU D 19 23.93 -48.69 -0.52
N SER D 20 23.75 -49.98 -0.81
CA SER D 20 23.44 -50.98 0.19
C SER D 20 24.52 -51.04 1.28
N SER D 21 25.79 -50.97 0.88
CA SER D 21 26.93 -50.94 1.83
C SER D 21 27.16 -49.56 2.47
N VAL D 22 26.89 -48.49 1.72
CA VAL D 22 26.89 -47.13 2.29
C VAL D 22 25.88 -47.03 3.42
N GLN D 23 24.67 -47.56 3.20
CA GLN D 23 23.63 -47.62 4.24
C GLN D 23 24.09 -48.37 5.49
N ASP D 24 24.67 -49.56 5.29
CA ASP D 24 25.17 -50.36 6.42
C ASP D 24 26.25 -49.62 7.22
N GLU D 25 27.18 -48.98 6.51
CA GLU D 25 28.24 -48.20 7.14
C GLU D 25 27.74 -46.95 7.89
N ALA D 26 26.67 -46.33 7.39
CA ALA D 26 26.04 -45.20 8.06
C ALA D 26 25.30 -45.61 9.33
N ILE D 27 24.55 -46.71 9.25
CA ILE D 27 23.82 -47.25 10.40
C ILE D 27 24.77 -47.73 11.49
N ARG D 28 25.90 -48.32 11.09
CA ARG D 28 26.92 -48.76 12.06
C ARG D 28 27.53 -47.54 12.78
N PHE D 29 27.93 -46.53 12.01
CA PHE D 29 28.53 -45.32 12.55
C PHE D 29 27.60 -44.64 13.55
N ALA D 30 26.35 -44.40 13.14
CA ALA D 30 25.39 -43.67 13.96
C ALA D 30 25.02 -44.42 15.25
N THR D 31 24.94 -45.74 15.17
CA THR D 31 24.60 -46.58 16.33
C THR D 31 25.75 -46.67 17.33
N GLU D 32 26.95 -46.93 16.84
CA GLU D 32 28.13 -47.17 17.69
C GLU D 32 28.84 -45.91 18.21
N GLN D 33 28.83 -44.85 17.40
CA GLN D 33 29.50 -43.60 17.71
C GLN D 33 28.54 -42.45 17.99
N THR D 34 27.35 -42.78 18.45
CA THR D 34 26.33 -41.78 18.69
C THR D 34 26.74 -40.72 19.70
N ASP D 35 27.41 -41.11 20.77
CA ASP D 35 27.81 -40.13 21.78
C ASP D 35 28.76 -39.10 21.19
N GLU D 36 29.75 -39.55 20.43
CA GLU D 36 30.71 -38.65 19.81
C GLU D 36 30.14 -37.76 18.71
N ILE D 37 29.24 -38.30 17.90
CA ILE D 37 28.63 -37.54 16.80
C ILE D 37 27.81 -36.37 17.31
N LEU D 38 27.04 -36.61 18.36
CA LEU D 38 26.24 -35.52 18.96
C LEU D 38 27.12 -34.44 19.58
N SER D 39 28.23 -34.84 20.19
CA SER D 39 29.19 -33.90 20.77
C SER D 39 29.81 -33.01 19.70
N LEU D 40 30.21 -33.59 18.57
CA LEU D 40 30.71 -32.81 17.43
C LEU D 40 29.61 -31.95 16.80
N TYR D 41 28.37 -32.45 16.77
CA TYR D 41 27.23 -31.66 16.29
C TYR D 41 27.01 -30.39 17.13
N SER D 42 26.99 -30.57 18.45
CA SER D 42 26.73 -29.46 19.38
C SER D 42 27.88 -28.47 19.45
N GLN D 43 29.04 -28.98 19.84
CA GLN D 43 30.17 -28.13 20.25
C GLN D 43 30.88 -27.44 19.08
N HIS D 44 30.80 -28.02 17.88
CA HIS D 44 31.70 -27.65 16.77
C HIS D 44 31.08 -27.36 15.39
N ALA D 45 29.78 -27.62 15.19
CA ALA D 45 29.11 -27.26 13.92
C ALA D 45 28.24 -26.02 14.13
N ASP D 46 27.72 -25.47 13.04
CA ASP D 46 26.95 -24.20 13.04
C ASP D 46 25.48 -24.41 13.51
N THR D 47 25.32 -24.84 14.76
CA THR D 47 24.06 -25.40 15.26
C THR D 47 23.55 -24.76 16.57
N GLU D 48 24.02 -23.54 16.89
CA GLU D 48 23.70 -22.87 18.16
C GLU D 48 23.96 -23.74 19.39
N GLY D 49 25.11 -24.39 19.43
CA GLY D 49 25.44 -25.34 20.50
C GLY D 49 24.56 -26.58 20.50
N GLY D 50 24.13 -27.01 19.32
CA GLY D 50 23.24 -28.17 19.18
C GLY D 50 21.76 -27.94 19.43
N ARG D 51 21.32 -26.68 19.43
CA ARG D 51 19.90 -26.33 19.64
C ARG D 51 19.12 -26.18 18.33
N TYR D 52 19.82 -25.80 17.25
CA TYR D 52 19.29 -25.93 15.90
C TYR D 52 19.50 -27.39 15.48
N VAL D 53 18.41 -28.15 15.47
CA VAL D 53 18.45 -29.58 15.17
C VAL D 53 17.88 -29.81 13.77
N CYS D 54 18.57 -30.62 12.98
CA CYS D 54 18.28 -30.77 11.58
C CYS D 54 18.99 -32.02 11.04
N ALA D 55 18.23 -32.92 10.40
CA ALA D 55 18.82 -34.10 9.77
C ALA D 55 19.85 -33.76 8.67
N ASP D 56 19.64 -32.65 7.97
CA ASP D 56 20.53 -32.21 6.89
C ASP D 56 21.91 -31.81 7.39
N THR D 57 21.98 -31.10 8.51
CA THR D 57 23.26 -30.72 9.13
C THR D 57 23.99 -31.96 9.68
N PHE D 58 23.23 -32.92 10.21
CA PHE D 58 23.79 -34.21 10.66
C PHE D 58 24.47 -35.02 9.55
N LYS D 59 24.01 -34.88 8.30
CA LYS D 59 24.63 -35.57 7.15
C LYS D 59 26.10 -35.21 6.94
N GLU D 60 26.49 -33.98 7.30
CA GLU D 60 27.87 -33.52 7.18
C GLU D 60 28.87 -34.23 8.09
N LEU D 61 28.39 -34.99 9.07
CA LEU D 61 29.26 -35.73 9.99
C LEU D 61 29.51 -37.16 9.53
N PHE D 62 28.87 -37.59 8.44
CA PHE D 62 29.12 -38.92 7.86
C PHE D 62 30.24 -38.83 6.81
N PRO D 63 31.16 -39.82 6.79
CA PRO D 63 32.26 -39.86 5.80
C PRO D 63 31.80 -39.80 4.35
N ALA D 64 30.74 -40.53 4.01
CA ALA D 64 30.23 -40.60 2.64
C ALA D 64 29.83 -39.22 2.07
N PHE D 65 29.41 -38.31 2.96
CA PHE D 65 28.93 -36.99 2.57
C PHE D 65 30.05 -35.93 2.42
N GLU D 66 31.31 -36.30 2.65
CA GLU D 66 32.44 -35.35 2.62
C GLU D 66 32.62 -34.66 1.26
N ASN D 67 32.82 -35.45 0.21
CA ASN D 67 33.05 -34.90 -1.13
C ASN D 67 31.77 -34.41 -1.75
N LYS D 68 31.83 -33.21 -2.32
CA LYS D 68 30.70 -32.54 -2.96
C LYS D 68 29.98 -33.41 -3.99
N GLU D 69 30.74 -34.10 -4.84
CA GLU D 69 30.17 -34.85 -5.97
C GLU D 69 29.36 -36.10 -5.58
N ASP D 70 29.63 -36.66 -4.40
CA ASP D 70 28.95 -37.87 -3.92
C ASP D 70 27.63 -37.63 -3.18
N ARG D 71 27.38 -36.39 -2.76
CA ARG D 71 26.25 -36.09 -1.85
C ARG D 71 24.88 -36.48 -2.39
N ALA D 72 24.60 -36.16 -3.64
CA ALA D 72 23.31 -36.49 -4.26
C ALA D 72 23.07 -38.00 -4.31
N THR D 73 24.12 -38.75 -4.66
CA THR D 73 24.05 -40.22 -4.77
C THR D 73 23.84 -40.93 -3.43
N VAL D 74 24.62 -40.53 -2.42
CA VAL D 74 24.59 -41.19 -1.11
C VAL D 74 23.48 -40.71 -0.16
N ASN D 75 22.77 -39.63 -0.52
CA ASN D 75 21.84 -38.97 0.40
C ASN D 75 20.77 -39.90 0.99
N ASN D 76 20.11 -40.70 0.14
CA ASN D 76 19.06 -41.60 0.62
C ASN D 76 19.60 -42.76 1.46
N ALA D 77 20.81 -43.22 1.14
CA ALA D 77 21.46 -44.28 1.90
C ALA D 77 21.81 -43.85 3.33
N ILE D 78 22.13 -42.57 3.53
CA ILE D 78 22.48 -42.06 4.87
C ILE D 78 21.38 -41.26 5.59
N HIS D 79 20.31 -40.91 4.88
CA HIS D 79 19.26 -40.03 5.44
C HIS D 79 18.68 -40.49 6.78
N ASN D 80 18.23 -41.74 6.84
CA ASN D 80 17.53 -42.26 8.02
C ASN D 80 18.43 -42.29 9.26
N SER D 81 19.70 -42.63 9.08
CA SER D 81 20.70 -42.52 10.16
C SER D 81 20.83 -41.08 10.62
N ALA D 82 20.90 -40.13 9.67
CA ALA D 82 20.94 -38.70 9.99
C ALA D 82 19.65 -38.22 10.67
N ALA D 83 18.51 -38.69 10.17
CA ALA D 83 17.21 -38.33 10.75
C ALA D 83 17.02 -38.82 12.19
N VAL D 84 17.46 -40.05 12.48
CA VAL D 84 17.35 -40.61 13.83
C VAL D 84 18.34 -39.93 14.78
N LEU D 85 19.56 -39.64 14.30
CA LEU D 85 20.51 -38.84 15.07
C LEU D 85 19.93 -37.47 15.47
N SER D 86 19.19 -36.82 14.56
CA SER D 86 18.53 -35.57 14.88
C SER D 86 17.45 -35.79 15.95
N SER D 87 16.67 -36.87 15.81
CA SER D 87 15.66 -37.25 16.81
C SER D 87 16.31 -37.43 18.18
N THR D 88 17.41 -38.19 18.22
CA THR D 88 18.19 -38.40 19.45
C THR D 88 18.65 -37.07 20.04
N GLN D 89 19.15 -36.16 19.18
CA GLN D 89 19.57 -34.83 19.60
C GLN D 89 18.41 -33.96 20.13
N PHE D 90 17.24 -34.09 19.53
CA PHE D 90 16.02 -33.44 20.04
C PHE D 90 15.78 -33.88 21.49
N ASP D 91 15.79 -35.19 21.72
CA ASP D 91 15.58 -35.77 23.06
C ASP D 91 16.61 -35.33 24.09
N GLU D 92 17.89 -35.29 23.70
CA GLU D 92 18.98 -34.89 24.61
C GLU D 92 18.93 -33.44 25.05
N VAL D 93 18.50 -32.55 24.15
CA VAL D 93 18.32 -31.14 24.47
C VAL D 93 17.18 -30.95 25.48
N LEU D 94 16.08 -31.69 25.32
CA LEU D 94 14.96 -31.61 26.27
C LEU D 94 15.30 -32.09 27.69
N LYS D 95 16.22 -33.04 27.82
CA LYS D 95 16.66 -33.54 29.14
C LYS D 95 17.49 -32.54 29.96
N ARG D 96 18.08 -31.54 29.30
CA ARG D 96 18.78 -30.46 30.01
C ARG D 96 17.76 -29.70 30.86
N ASP D 97 18.00 -29.60 32.17
CA ASP D 97 17.16 -28.80 33.07
C ASP D 97 17.56 -27.33 32.91
N GLU D 98 16.70 -26.55 32.25
CA GLU D 98 16.99 -25.16 31.91
C GLU D 98 15.71 -24.32 32.06
N PRO D 99 15.34 -23.97 33.30
CA PRO D 99 14.07 -23.25 33.55
C PRO D 99 13.84 -21.94 32.76
N GLN D 100 14.91 -21.26 32.34
CA GLN D 100 14.78 -20.06 31.50
C GLN D 100 14.26 -20.38 30.09
N LYS D 101 14.58 -21.57 29.60
CA LYS D 101 14.31 -21.98 28.22
C LYS D 101 12.90 -22.58 28.12
N LYS D 102 11.96 -21.82 27.54
CA LYS D 102 10.54 -22.22 27.48
C LYS D 102 9.97 -22.45 26.08
N GLU D 103 10.67 -22.03 25.03
CA GLU D 103 10.13 -22.04 23.67
C GLU D 103 10.79 -23.11 22.77
N VAL D 104 9.95 -23.93 22.13
CA VAL D 104 10.41 -24.86 21.10
C VAL D 104 9.77 -24.47 19.78
N ILE D 105 10.58 -24.40 18.72
CA ILE D 105 10.12 -23.97 17.41
C ILE D 105 10.34 -25.09 16.38
N PHE D 106 9.32 -25.37 15.58
CA PHE D 106 9.38 -26.30 14.45
C PHE D 106 9.33 -25.50 13.15
N VAL D 107 10.25 -25.77 12.22
CA VAL D 107 10.27 -25.08 10.91
C VAL D 107 10.10 -26.11 9.80
N THR D 108 9.04 -25.96 9.00
CA THR D 108 8.70 -26.96 7.97
C THR D 108 8.26 -26.31 6.65
N GLY D 109 8.40 -27.06 5.56
CA GLY D 109 8.06 -26.55 4.24
C GLY D 109 8.71 -27.32 3.12
N ILE D 110 8.32 -26.99 1.90
CA ILE D 110 8.89 -27.60 0.70
C ILE D 110 10.41 -27.31 0.65
N PRO D 111 11.22 -28.29 0.21
CA PRO D 111 12.64 -28.00 -0.04
C PRO D 111 12.80 -26.88 -1.08
N GLY D 112 13.81 -26.03 -0.87
CA GLY D 112 14.05 -24.89 -1.76
C GLY D 112 13.27 -23.63 -1.41
N SER D 113 12.52 -23.64 -0.30
CA SER D 113 11.71 -22.48 0.12
C SER D 113 12.42 -21.47 1.03
N GLY D 114 13.71 -21.71 1.32
CA GLY D 114 14.51 -20.75 2.09
C GLY D 114 14.25 -20.75 3.58
N LYS D 115 13.83 -21.88 4.12
CA LYS D 115 13.62 -22.02 5.57
C LYS D 115 14.94 -22.06 6.36
N THR D 116 15.98 -22.68 5.79
CA THR D 116 17.31 -22.65 6.42
C THR D 116 17.84 -21.22 6.52
N SER D 117 17.79 -20.49 5.41
CA SER D 117 18.16 -19.07 5.39
C SER D 117 17.26 -18.22 6.29
N THR D 118 15.97 -18.54 6.36
CA THR D 118 15.06 -17.89 7.30
C THR D 118 15.51 -18.14 8.74
N VAL D 119 15.90 -19.37 9.05
CA VAL D 119 16.41 -19.73 10.39
C VAL D 119 17.71 -19.00 10.73
N LYS D 120 18.58 -18.76 9.75
CA LYS D 120 19.78 -17.95 9.97
C LYS D 120 19.43 -16.50 10.33
N ASN D 121 18.37 -15.97 9.72
CA ASN D 121 17.88 -14.63 10.02
C ASN D 121 17.09 -14.51 11.33
N MET D 122 16.83 -15.64 11.98
CA MET D 122 16.30 -15.63 13.35
C MET D 122 17.45 -15.45 14.34
N MET D 123 17.24 -14.60 15.34
CA MET D 123 18.21 -14.42 16.42
C MET D 123 17.75 -15.26 17.60
N MET D 124 18.67 -16.05 18.15
CA MET D 124 18.36 -16.89 19.31
C MET D 124 18.03 -16.02 20.52
N GLN D 125 16.92 -16.35 21.17
CA GLN D 125 16.48 -15.69 22.39
C GLN D 125 16.99 -16.48 23.59
N ASP D 126 16.98 -15.87 24.76
CA ASP D 126 17.28 -16.57 26.02
C ASP D 126 16.20 -17.60 26.36
N THR D 127 14.97 -17.37 25.88
CA THR D 127 13.85 -18.30 26.08
C THR D 127 13.79 -19.47 25.07
N THR D 128 14.57 -19.40 24.00
CA THR D 128 14.59 -20.46 22.98
C THR D 128 15.35 -21.68 23.50
N LYS D 129 14.63 -22.79 23.68
CA LYS D 129 15.23 -24.04 24.11
C LYS D 129 15.77 -24.84 22.93
N LEU D 130 15.02 -24.85 21.84
CA LEU D 130 15.24 -25.81 20.76
C LEU D 130 14.55 -25.35 19.49
N LEU D 131 15.22 -25.54 18.35
CA LEU D 131 14.63 -25.27 17.03
C LEU D 131 14.84 -26.48 16.14
N PHE D 132 13.75 -27.02 15.58
CA PHE D 132 13.80 -28.25 14.77
C PHE D 132 13.25 -28.03 13.37
N GLU D 133 14.12 -28.23 12.37
CA GLU D 133 13.74 -28.14 10.97
C GLU D 133 13.47 -29.56 10.49
N GLY D 134 12.23 -29.80 10.07
CA GLY D 134 11.83 -31.12 9.59
C GLY D 134 10.47 -31.11 8.92
N GLN D 135 10.17 -32.16 8.17
CA GLN D 135 8.86 -32.28 7.53
C GLN D 135 7.79 -32.63 8.57
N LEU D 136 6.62 -32.01 8.44
CA LEU D 136 5.45 -32.36 9.24
C LEU D 136 4.26 -32.82 8.38
N ALA D 137 4.48 -33.05 7.09
CA ALA D 137 3.44 -33.51 6.17
C ALA D 137 2.99 -34.96 6.46
N ARG D 138 3.92 -35.79 6.96
CA ARG D 138 3.65 -37.12 7.52
C ARG D 138 4.02 -37.08 9.02
N PRO D 139 3.12 -36.53 9.86
CA PRO D 139 3.48 -36.08 11.20
C PRO D 139 3.52 -37.10 12.34
N GLN D 140 3.52 -38.41 12.06
CA GLN D 140 3.58 -39.41 13.15
C GLN D 140 4.74 -39.17 14.10
N SER D 141 5.95 -39.08 13.56
CA SER D 141 7.17 -38.82 14.34
C SER D 141 7.15 -37.46 15.05
N ALA D 142 6.49 -36.48 14.44
CA ALA D 142 6.32 -35.16 15.04
C ALA D 142 5.39 -35.15 16.25
N PHE D 143 4.42 -36.07 16.29
CA PHE D 143 3.53 -36.21 17.44
C PHE D 143 4.31 -36.52 18.71
N ARG D 144 5.24 -37.48 18.63
CA ARG D 144 6.10 -37.83 19.77
C ARG D 144 6.96 -36.63 20.22
N LYS D 145 7.43 -35.83 19.27
CA LYS D 145 8.24 -34.64 19.58
C LYS D 145 7.43 -33.56 20.28
N ILE D 146 6.25 -33.26 19.76
CA ILE D 146 5.36 -32.24 20.35
C ILE D 146 4.87 -32.71 21.73
N GLU D 147 4.51 -33.99 21.84
CA GLU D 147 4.10 -34.60 23.11
C GLU D 147 5.10 -34.31 24.22
N GLN D 148 6.37 -34.59 23.96
CA GLN D 148 7.44 -34.37 24.93
C GLN D 148 7.63 -32.90 25.30
N CYS D 149 7.41 -31.98 24.36
CA CYS D 149 7.46 -30.53 24.64
C CYS D 149 6.35 -30.09 25.59
N LEU D 150 5.13 -30.58 25.33
CA LEU D 150 3.97 -30.27 26.15
C LEU D 150 4.00 -30.94 27.53
N GLU D 151 4.62 -32.11 27.63
CA GLU D 151 4.88 -32.75 28.93
C GLU D 151 5.74 -31.89 29.88
N ARG D 152 6.62 -31.07 29.31
CA ARG D 152 7.53 -30.21 30.08
C ARG D 152 7.12 -28.73 30.02
N ASN D 153 5.84 -28.45 29.76
CA ASN D 153 5.30 -27.09 29.73
C ASN D 153 6.06 -26.12 28.82
N LEU D 154 6.56 -26.63 27.69
CA LEU D 154 7.28 -25.80 26.73
C LEU D 154 6.29 -25.28 25.68
N GLU D 155 6.50 -24.04 25.24
CA GLU D 155 5.65 -23.38 24.26
C GLU D 155 6.08 -23.79 22.86
N VAL D 156 5.17 -24.43 22.13
CA VAL D 156 5.46 -25.02 20.82
C VAL D 156 4.93 -24.12 19.71
N THR D 157 5.82 -23.60 18.88
CA THR D 157 5.46 -22.83 17.70
C THR D 157 5.88 -23.60 16.43
N ILE D 158 5.03 -23.57 15.40
CA ILE D 158 5.29 -24.25 14.12
C ILE D 158 5.20 -23.22 13.00
N VAL D 159 6.28 -23.10 12.22
CA VAL D 159 6.38 -22.16 11.11
C VAL D 159 6.36 -22.95 9.82
N ALA D 160 5.28 -22.78 9.05
CA ALA D 160 5.14 -23.42 7.75
C ALA D 160 5.60 -22.43 6.68
N VAL D 161 6.79 -22.64 6.13
CA VAL D 161 7.32 -21.78 5.04
C VAL D 161 6.78 -22.33 3.73
N SER D 162 6.40 -21.43 2.82
CA SER D 162 5.72 -21.82 1.59
C SER D 162 6.21 -21.02 0.38
N MET D 163 6.20 -21.69 -0.77
CA MET D 163 6.67 -21.13 -2.02
C MET D 163 6.10 -21.98 -3.16
N ARG D 164 5.95 -21.36 -4.33
CA ARG D 164 5.50 -22.08 -5.53
C ARG D 164 6.54 -23.15 -5.86
N ALA D 165 6.08 -24.35 -6.21
CA ALA D 165 6.98 -25.49 -6.50
C ALA D 165 8.09 -25.15 -7.50
N GLU D 166 7.73 -24.39 -8.52
CA GLU D 166 8.62 -24.05 -9.63
C GLU D 166 9.80 -23.18 -9.17
N ARG D 167 9.50 -22.13 -8.41
CA ARG D 167 10.55 -21.25 -7.89
C ARG D 167 11.38 -21.93 -6.80
N ALA D 168 10.74 -22.79 -6.01
CA ALA D 168 11.44 -23.61 -5.03
C ALA D 168 12.36 -24.62 -5.71
N SER D 169 11.91 -25.18 -6.85
CA SER D 169 12.75 -26.06 -7.66
C SER D 169 14.00 -25.36 -8.20
N ASP D 170 13.84 -24.12 -8.66
CA ASP D 170 14.99 -23.32 -9.13
C ASP D 170 16.05 -23.08 -8.04
N ASN D 171 15.62 -22.96 -6.80
CA ASN D 171 16.53 -22.80 -5.65
C ASN D 171 17.32 -24.06 -5.33
N THR D 172 16.71 -25.23 -5.50
CA THR D 172 17.39 -26.51 -5.30
C THR D 172 18.45 -26.77 -6.38
N TYR D 173 18.23 -26.25 -7.60
CA TYR D 173 19.24 -26.34 -8.66
C TYR D 173 20.53 -25.62 -8.23
N LYS D 174 20.40 -24.37 -7.81
CA LYS D 174 21.53 -23.56 -7.35
C LYS D 174 22.23 -24.17 -6.13
N ARG D 175 21.42 -24.74 -5.24
CA ARG D 175 21.94 -25.45 -4.07
C ARG D 175 22.71 -26.71 -4.49
N PHE D 176 22.18 -27.43 -5.48
CA PHE D 176 22.88 -28.64 -6.00
C PHE D 176 24.23 -28.32 -6.67
N ASN D 177 24.27 -27.26 -7.47
CA ASN D 177 25.50 -26.91 -8.20
C ASN D 177 26.62 -26.38 -7.30
N GLU D 178 26.27 -25.86 -6.12
CA GLU D 178 27.25 -25.37 -5.13
C GLU D 178 27.51 -26.36 -3.99
N TYR D 179 26.48 -26.68 -3.21
CA TYR D 179 26.56 -27.62 -2.08
C TYR D 179 26.75 -29.08 -2.51
N GLY D 180 26.15 -29.47 -3.62
CA GLY D 180 26.18 -30.86 -4.09
C GLY D 180 24.91 -31.66 -3.84
N ARG D 181 24.00 -31.15 -3.01
CA ARG D 181 22.69 -31.79 -2.76
C ARG D 181 21.54 -30.83 -3.04
N GLY D 182 20.52 -31.34 -3.72
CA GLY D 182 19.30 -30.59 -4.02
C GLY D 182 18.12 -31.33 -3.40
N ALA D 183 17.14 -31.65 -4.21
CA ALA D 183 15.95 -32.35 -3.74
C ALA D 183 15.22 -33.03 -4.90
N SER D 184 14.67 -34.21 -4.65
CA SER D 184 13.92 -34.94 -5.66
C SER D 184 12.53 -34.35 -5.83
N ILE D 185 11.98 -34.41 -7.04
CA ILE D 185 10.61 -33.93 -7.30
C ILE D 185 9.57 -34.71 -6.50
N GLY D 186 9.78 -36.02 -6.36
CA GLY D 186 8.86 -36.90 -5.64
C GLY D 186 8.62 -36.44 -4.22
N ILE D 187 9.71 -36.04 -3.56
CA ILE D 187 9.69 -35.63 -2.15
C ILE D 187 9.21 -34.18 -1.96
N MET D 188 9.48 -33.30 -2.94
CA MET D 188 8.95 -31.94 -2.97
C MET D 188 7.42 -31.93 -3.15
N ALA D 189 6.94 -32.75 -4.08
CA ALA D 189 5.51 -32.89 -4.34
C ALA D 189 4.78 -33.54 -3.17
N ASP D 190 5.38 -34.57 -2.57
CA ASP D 190 4.83 -35.24 -1.38
C ASP D 190 4.66 -34.24 -0.22
N ILE D 191 5.72 -33.48 0.07
CA ILE D 191 5.70 -32.52 1.17
C ILE D 191 4.68 -31.41 0.92
N GLN D 192 4.76 -30.74 -0.23
CA GLN D 192 3.87 -29.60 -0.51
C GLN D 192 2.40 -29.98 -0.58
N ALA D 193 2.09 -31.13 -1.17
CA ALA D 193 0.71 -31.59 -1.30
C ALA D 193 0.11 -31.98 0.05
N ASN D 194 0.89 -32.67 0.89
CA ASN D 194 0.39 -33.24 2.15
C ASN D 194 0.70 -32.44 3.43
N LEU D 195 1.32 -31.27 3.29
CA LEU D 195 1.63 -30.41 4.45
C LEU D 195 0.36 -29.84 5.09
N PRO D 196 -0.64 -29.41 4.29
CA PRO D 196 -1.94 -29.01 4.88
C PRO D 196 -2.61 -30.12 5.70
N ASP D 197 -2.61 -31.35 5.20
CA ASP D 197 -3.18 -32.49 5.94
C ASP D 197 -2.42 -32.80 7.24
N GLY D 198 -1.10 -32.61 7.22
CA GLY D 198 -0.26 -32.85 8.40
C GLY D 198 -0.50 -31.85 9.51
N LEU D 199 -0.58 -30.57 9.13
CA LEU D 199 -0.85 -29.49 10.08
C LEU D 199 -2.26 -29.59 10.67
N LYS D 200 -3.23 -30.00 9.84
CA LYS D 200 -4.60 -30.26 10.29
C LYS D 200 -4.65 -31.41 11.30
N GLN D 201 -3.92 -32.49 11.05
CA GLN D 201 -3.78 -33.57 12.03
C GLN D 201 -3.20 -33.10 13.36
N ILE D 202 -2.22 -32.20 13.30
CA ILE D 202 -1.59 -31.62 14.49
C ILE D 202 -2.58 -30.69 15.22
N ARG D 203 -3.25 -29.82 14.47
CA ARG D 203 -4.27 -28.91 15.02
C ARG D 203 -5.37 -29.65 15.78
N ASP D 204 -5.82 -30.77 15.22
CA ASP D 204 -6.88 -31.59 15.84
C ASP D 204 -6.38 -32.32 17.08
N LYS D 205 -5.17 -32.90 17.00
CA LYS D 205 -4.63 -33.69 18.11
C LYS D 205 -4.20 -32.86 19.33
N PHE D 206 -3.80 -31.60 19.12
CA PHE D 206 -3.21 -30.76 20.20
C PHE D 206 -3.97 -29.47 20.52
N GLY D 207 -4.63 -28.87 19.53
CA GLY D 207 -5.48 -27.71 19.74
C GLY D 207 -4.72 -26.40 19.77
N ASP D 208 -5.09 -25.52 20.70
CA ASP D 208 -4.43 -24.22 20.88
C ASP D 208 -3.13 -24.29 21.69
N ALA D 209 -2.79 -25.45 22.23
CA ALA D 209 -1.47 -25.67 22.84
C ALA D 209 -0.32 -25.46 21.85
N VAL D 210 -0.56 -25.81 20.58
CA VAL D 210 0.43 -25.65 19.52
C VAL D 210 0.03 -24.49 18.59
N LYS D 211 0.83 -23.44 18.61
CA LYS D 211 0.64 -22.28 17.74
C LYS D 211 1.18 -22.61 16.36
N ILE D 212 0.40 -22.32 15.32
CA ILE D 212 0.76 -22.66 13.93
C ILE D 212 0.71 -21.39 13.08
N VAL D 213 1.88 -20.96 12.60
CA VAL D 213 1.99 -19.76 11.76
C VAL D 213 2.64 -20.13 10.44
N GLY D 214 2.75 -19.15 9.54
CA GLY D 214 3.36 -19.36 8.23
C GLY D 214 4.11 -18.16 7.68
N ILE D 215 4.95 -18.42 6.69
CA ILE D 215 5.68 -17.38 5.96
C ILE D 215 5.44 -17.63 4.46
N ASN D 216 4.88 -16.64 3.77
CA ASN D 216 4.67 -16.71 2.32
C ASN D 216 5.83 -16.06 1.59
N GLN D 217 6.70 -16.88 1.02
CA GLN D 217 7.91 -16.39 0.34
C GLN D 217 7.61 -15.76 -1.01
N ASP D 218 6.43 -16.04 -1.59
CA ASP D 218 6.00 -15.42 -2.85
C ASP D 218 5.51 -13.98 -2.69
N ARG D 219 5.04 -13.62 -1.49
CA ARG D 219 4.61 -12.26 -1.15
C ARG D 219 5.60 -11.57 -0.20
N ASN D 220 6.89 -11.64 -0.55
CA ASN D 220 7.99 -11.04 0.23
C ASN D 220 7.97 -11.40 1.72
N SER D 221 7.95 -12.71 2.00
CA SER D 221 8.00 -13.27 3.36
C SER D 221 6.89 -12.74 4.28
N GLU D 222 5.67 -12.73 3.77
CA GLU D 222 4.52 -12.26 4.53
C GLU D 222 4.20 -13.23 5.68
N PHE D 223 4.33 -12.74 6.91
CA PHE D 223 3.98 -13.51 8.11
C PHE D 223 2.46 -13.72 8.17
N ILE D 224 2.03 -14.96 8.38
CA ILE D 224 0.62 -15.35 8.45
C ILE D 224 0.31 -15.83 9.87
N ASP D 225 -0.45 -15.04 10.64
CA ASP D 225 -0.71 -15.33 12.05
C ASP D 225 -1.76 -16.43 12.29
N LYS D 226 -2.81 -16.45 11.47
CA LYS D 226 -4.00 -17.30 11.75
C LYS D 226 -4.01 -18.61 10.96
N PHE D 227 -4.37 -19.70 11.65
CA PHE D 227 -4.30 -21.07 11.10
C PHE D 227 -5.05 -21.26 9.77
N ASP D 228 -6.24 -20.68 9.67
CA ASP D 228 -7.03 -20.79 8.44
C ASP D 228 -6.32 -20.18 7.22
N ASP D 229 -5.69 -19.02 7.42
CA ASP D 229 -4.93 -18.37 6.35
C ASP D 229 -3.68 -19.16 5.93
N VAL D 230 -3.08 -19.89 6.87
CA VAL D 230 -1.94 -20.77 6.58
C VAL D 230 -2.38 -21.91 5.65
N ILE D 231 -3.55 -22.51 5.92
CA ILE D 231 -4.07 -23.60 5.10
C ILE D 231 -4.38 -23.14 3.66
N LYS D 232 -4.85 -21.91 3.49
CA LYS D 232 -5.09 -21.32 2.15
C LYS D 232 -3.80 -21.10 1.35
N MET D 233 -2.78 -20.57 2.02
CA MET D 233 -1.45 -20.40 1.42
C MET D 233 -0.85 -21.72 0.94
N LEU D 234 -0.89 -22.73 1.80
CA LEU D 234 -0.27 -24.03 1.53
C LEU D 234 -1.01 -24.85 0.47
N SER D 235 -2.34 -24.72 0.42
CA SER D 235 -3.16 -25.42 -0.57
C SER D 235 -2.68 -24.88 -1.93
N LEU D 236 -1.90 -25.71 -2.64
CA LEU D 236 -1.28 -25.31 -3.90
C LEU D 236 -1.45 -26.45 -4.93
N GLY D 237 -2.42 -27.33 -4.69
CA GLY D 237 -2.72 -28.45 -5.60
C GLY D 237 -2.55 -29.83 -4.96
N SER D 238 -2.99 -30.85 -5.69
CA SER D 238 -2.81 -32.25 -5.26
C SER D 238 -1.39 -32.73 -5.58
N GLN D 239 -1.04 -33.88 -5.01
CA GLN D 239 0.27 -34.51 -5.24
C GLN D 239 0.46 -34.94 -6.69
N GLU D 240 -0.63 -35.35 -7.34
CA GLU D 240 -0.62 -35.66 -8.78
C GLU D 240 -0.27 -34.44 -9.62
N GLN D 241 -0.92 -33.31 -9.34
CA GLN D 241 -0.73 -32.09 -10.11
C GLN D 241 0.67 -31.47 -9.97
N ILE D 242 1.20 -31.45 -8.75
CA ILE D 242 2.51 -30.83 -8.47
C ILE D 242 3.64 -31.67 -9.08
N LEU D 243 3.59 -32.99 -8.85
CA LEU D 243 4.53 -33.92 -9.44
C LEU D 243 4.50 -33.84 -10.97
N GLY D 244 3.29 -33.73 -11.53
CA GLY D 244 3.10 -33.52 -12.96
C GLY D 244 3.76 -32.27 -13.50
N ARG D 245 3.57 -31.15 -12.81
CA ARG D 245 4.22 -29.88 -13.20
C ARG D 245 5.73 -29.92 -13.01
N LEU D 246 6.17 -30.55 -11.92
CA LEU D 246 7.61 -30.70 -11.64
C LEU D 246 8.31 -31.63 -12.63
N ALA D 247 7.65 -32.73 -13.00
CA ALA D 247 8.16 -33.65 -14.02
C ALA D 247 8.32 -32.96 -15.37
N GLU D 248 7.30 -32.20 -15.77
CA GLU D 248 7.34 -31.41 -17.01
C GLU D 248 8.40 -30.31 -16.93
N LYS D 249 8.52 -29.67 -15.77
CA LYS D 249 9.54 -28.63 -15.56
C LYS D 249 10.98 -29.15 -15.70
N ILE D 250 11.36 -30.16 -14.91
CA ILE D 250 12.76 -30.65 -14.93
C ILE D 250 13.14 -31.26 -16.29
N GLN D 251 12.17 -31.84 -16.97
CA GLN D 251 12.42 -32.46 -18.29
C GLN D 251 12.68 -31.41 -19.37
N SER D 252 11.87 -30.36 -19.39
CA SER D 252 12.07 -29.28 -20.36
C SER D 252 13.29 -28.41 -20.03
N ASP D 253 13.57 -28.21 -18.73
CA ASP D 253 14.80 -27.54 -18.28
C ASP D 253 16.05 -28.24 -18.81
N PHE D 254 16.04 -29.58 -18.79
CA PHE D 254 17.17 -30.38 -19.29
C PHE D 254 17.23 -30.38 -20.81
N ASP D 255 16.07 -30.58 -21.46
CA ASP D 255 15.97 -30.57 -22.92
C ASP D 255 16.43 -29.24 -23.55
N SER D 256 16.26 -28.12 -22.84
CA SER D 256 16.70 -26.80 -23.31
C SER D 256 18.10 -26.37 -22.80
N GLY D 257 18.86 -27.29 -22.21
CA GLY D 257 20.22 -27.00 -21.73
C GLY D 257 20.32 -26.02 -20.57
N LYS D 258 19.26 -25.94 -19.75
CA LYS D 258 19.21 -25.02 -18.62
C LYS D 258 19.82 -25.64 -17.34
N ILE D 259 19.69 -26.96 -17.20
CA ILE D 259 20.37 -27.74 -16.15
C ILE D 259 21.16 -28.91 -16.75
N SER D 260 22.14 -29.42 -16.00
CA SER D 260 22.98 -30.54 -16.44
C SER D 260 22.29 -31.90 -16.26
N ARG D 261 22.89 -32.96 -16.80
CA ARG D 261 22.37 -34.32 -16.65
C ARG D 261 22.42 -34.78 -15.18
N GLU D 262 23.45 -34.36 -14.45
CA GLU D 262 23.58 -34.65 -13.01
C GLU D 262 22.51 -33.94 -12.19
N CYS D 263 22.26 -32.67 -12.51
CA CYS D 263 21.21 -31.89 -11.86
C CYS D 263 19.80 -32.41 -12.19
N PHE D 264 19.59 -32.81 -13.45
CA PHE D 264 18.36 -33.48 -13.87
C PHE D 264 18.13 -34.79 -13.12
N ASN D 265 19.19 -35.57 -12.91
CA ASN D 265 19.08 -36.90 -12.30
C ASN D 265 18.77 -36.84 -10.81
N GLN D 266 19.45 -35.95 -10.08
CA GLN D 266 19.17 -35.76 -8.66
C GLN D 266 17.75 -35.26 -8.41
N ALA D 267 17.24 -34.46 -9.34
CA ALA D 267 15.87 -33.97 -9.31
C ALA D 267 14.86 -35.07 -9.66
N LYS D 268 15.18 -35.87 -10.67
CA LYS D 268 14.32 -36.99 -11.06
C LYS D 268 14.22 -38.00 -9.93
N GLY D 269 15.35 -38.29 -9.30
CA GLY D 269 15.39 -39.28 -8.24
C GLY D 269 15.06 -40.65 -8.79
N SER D 270 14.19 -41.37 -8.07
CA SER D 270 13.71 -42.68 -8.50
C SER D 270 12.32 -42.65 -9.14
N MET D 271 11.86 -41.48 -9.58
CA MET D 271 10.59 -41.38 -10.32
C MET D 271 10.77 -41.97 -11.73
N ASP D 272 9.78 -42.75 -12.15
CA ASP D 272 9.60 -43.08 -13.55
C ASP D 272 8.80 -41.94 -14.19
N LEU D 273 9.47 -41.10 -14.98
CA LEU D 273 8.86 -39.92 -15.57
C LEU D 273 7.82 -40.26 -16.65
N GLU D 274 8.09 -41.33 -17.40
CA GLU D 274 7.13 -41.87 -18.38
C GLU D 274 5.77 -42.18 -17.76
N SER D 275 5.78 -42.71 -16.54
CA SER D 275 4.54 -43.00 -15.80
C SER D 275 3.77 -41.73 -15.41
N VAL D 276 4.48 -40.67 -15.05
CA VAL D 276 3.88 -39.38 -14.70
C VAL D 276 3.30 -38.68 -15.94
N PHE D 277 4.05 -38.71 -17.04
CA PHE D 277 3.59 -38.10 -18.30
C PHE D 277 2.35 -38.80 -18.88
N ALA D 278 2.26 -40.11 -18.70
CA ALA D 278 1.09 -40.88 -19.15
C ALA D 278 -0.20 -40.50 -18.41
N LYS D 279 -0.07 -40.02 -17.17
CA LYS D 279 -1.21 -39.60 -16.35
C LYS D 279 -1.78 -38.19 -16.69
N LYS D 280 -1.03 -37.38 -17.44
CA LYS D 280 -1.48 -36.03 -17.82
C LYS D 280 -2.72 -36.07 -18.72
N GLU D 281 -3.69 -35.20 -18.41
CA GLU D 281 -4.96 -35.13 -19.13
C GLU D 281 -4.92 -33.97 -20.13
N TYR D 282 -5.52 -34.20 -21.30
CA TYR D 282 -5.71 -33.17 -22.33
C TYR D 282 -7.19 -33.04 -22.71
N SER D 283 -8.08 -33.35 -21.76
CA SER D 283 -9.52 -33.52 -22.07
C SER D 283 -10.20 -32.25 -22.58
N GLN D 284 -9.77 -31.07 -22.12
CA GLN D 284 -10.32 -29.79 -22.56
C GLN D 284 -9.32 -28.99 -23.41
N GLN D 285 -8.62 -29.70 -24.31
CA GLN D 285 -7.55 -29.10 -25.11
C GLN D 285 -7.54 -29.57 -26.57
N ARG D 286 -7.21 -28.64 -27.46
CA ARG D 286 -7.15 -28.93 -28.89
C ARG D 286 -6.01 -28.17 -29.55
N VAL D 287 -5.59 -28.68 -30.70
CA VAL D 287 -4.53 -28.06 -31.51
C VAL D 287 -5.14 -27.68 -32.85
N VAL D 288 -4.99 -26.41 -33.22
CA VAL D 288 -5.45 -25.88 -34.50
C VAL D 288 -4.23 -25.67 -35.37
N THR D 289 -4.22 -26.29 -36.56
CA THR D 289 -3.09 -26.20 -37.51
C THR D 289 -3.46 -25.40 -38.75
N ASN D 290 -2.48 -24.72 -39.33
CA ASN D 290 -2.64 -24.02 -40.60
C ASN D 290 -1.28 -23.80 -41.29
N SER D 291 -1.29 -23.10 -42.43
CA SER D 291 -0.07 -22.83 -43.18
C SER D 291 0.98 -21.98 -42.44
N LYS D 292 0.56 -21.24 -41.41
CA LYS D 292 1.48 -20.44 -40.57
C LYS D 292 2.10 -21.24 -39.42
N GLY D 293 1.31 -22.14 -38.79
CA GLY D 293 1.82 -23.01 -37.72
C GLY D 293 0.75 -23.78 -36.96
N VAL D 294 1.02 -24.10 -35.69
CA VAL D 294 0.06 -24.76 -34.80
C VAL D 294 -0.20 -23.91 -33.56
N THR D 295 -1.42 -24.01 -33.03
CA THR D 295 -1.85 -23.25 -31.85
C THR D 295 -2.51 -24.18 -30.83
N LEU D 296 -2.00 -24.19 -29.60
CA LEU D 296 -2.64 -24.92 -28.49
C LEU D 296 -3.70 -24.03 -27.87
N GLU D 297 -4.88 -24.61 -27.65
CA GLU D 297 -6.04 -23.90 -27.10
C GLU D 297 -6.67 -24.73 -25.98
N THR D 298 -7.23 -24.05 -24.98
CA THR D 298 -7.96 -24.71 -23.89
C THR D 298 -9.38 -24.16 -23.81
N LYS D 299 -10.33 -25.04 -23.56
CA LYS D 299 -11.74 -24.67 -23.41
C LYS D 299 -12.07 -24.50 -21.92
N SER D 300 -12.72 -23.41 -21.57
CA SER D 300 -13.16 -23.15 -20.18
C SER D 300 -14.61 -23.60 -19.96
N ALA D 301 -15.12 -23.44 -18.74
CA ALA D 301 -16.51 -23.81 -18.38
C ALA D 301 -17.57 -23.14 -19.27
N ASN D 302 -17.31 -21.89 -19.64
CA ASN D 302 -18.14 -21.12 -20.59
C ASN D 302 -18.14 -21.58 -22.06
N GLU D 303 -17.35 -22.62 -22.39
CA GLU D 303 -17.23 -23.20 -23.74
C GLU D 303 -16.60 -22.25 -24.77
N LEU D 304 -15.55 -21.55 -24.34
CA LEU D 304 -14.77 -20.63 -25.19
C LEU D 304 -13.34 -21.12 -25.28
N TRP D 305 -12.85 -21.30 -26.49
CA TRP D 305 -11.45 -21.65 -26.73
C TRP D 305 -10.60 -20.39 -26.68
N SER D 306 -9.51 -20.44 -25.90
CA SER D 306 -8.54 -19.33 -25.82
C SER D 306 -7.12 -19.85 -26.00
N LYS D 307 -6.27 -19.03 -26.62
CA LYS D 307 -4.94 -19.45 -27.06
C LYS D 307 -3.92 -19.54 -25.92
N VAL D 308 -3.25 -20.68 -25.83
CA VAL D 308 -2.21 -20.93 -24.83
C VAL D 308 -0.82 -20.71 -25.42
N GLU D 309 -0.58 -21.25 -26.61
CA GLU D 309 0.76 -21.32 -27.21
C GLU D 309 0.65 -21.39 -28.72
N GLN D 310 1.51 -20.63 -29.41
CA GLN D 310 1.62 -20.69 -30.87
C GLN D 310 3.03 -21.13 -31.21
N ILE D 311 3.16 -22.01 -32.20
CA ILE D 311 4.47 -22.50 -32.67
C ILE D 311 4.49 -22.35 -34.19
N PRO D 312 5.38 -21.50 -34.74
CA PRO D 312 5.41 -21.35 -36.20
C PRO D 312 6.04 -22.56 -36.89
N VAL D 313 5.37 -23.04 -37.93
CA VAL D 313 5.79 -24.21 -38.71
C VAL D 313 5.31 -23.98 -40.14
N THR D 314 6.10 -24.44 -41.12
CA THR D 314 5.75 -24.32 -42.53
C THR D 314 5.43 -25.69 -43.12
N GLY D 315 4.41 -25.74 -43.96
CA GLY D 315 4.06 -26.93 -44.74
C GLY D 315 2.92 -27.81 -44.23
N MET D 316 2.15 -27.32 -43.27
CA MET D 316 1.03 -28.07 -42.69
C MET D 316 -0.29 -27.55 -43.24
N LYS D 317 -1.25 -28.45 -43.42
CA LYS D 317 -2.58 -28.07 -43.90
C LYS D 317 -3.47 -27.66 -42.72
N ALA D 318 -4.68 -27.23 -43.01
CA ALA D 318 -5.62 -26.81 -41.97
C ALA D 318 -6.17 -28.03 -41.24
N GLY D 319 -6.33 -27.93 -39.93
CA GLY D 319 -6.90 -29.02 -39.14
C GLY D 319 -7.21 -28.63 -37.71
N ILE D 320 -8.17 -29.33 -37.10
CA ILE D 320 -8.54 -29.16 -35.70
C ILE D 320 -8.52 -30.53 -35.01
N TYR D 321 -7.55 -30.72 -34.12
CA TYR D 321 -7.32 -32.01 -33.46
C TYR D 321 -7.62 -31.90 -31.97
N LEU D 322 -8.54 -32.74 -31.49
CA LEU D 322 -8.88 -32.80 -30.07
C LEU D 322 -7.91 -33.73 -29.35
N LEU D 323 -7.06 -33.16 -28.49
CA LEU D 323 -5.99 -33.93 -27.83
C LEU D 323 -6.52 -34.95 -26.84
N GLY D 324 -7.60 -34.61 -26.14
CA GLY D 324 -8.25 -35.51 -25.19
C GLY D 324 -8.78 -36.82 -25.76
N GLN D 325 -9.13 -36.81 -27.05
CA GLN D 325 -9.66 -38.02 -27.72
C GLN D 325 -8.62 -38.78 -28.57
N ALA D 326 -7.34 -38.57 -28.30
CA ALA D 326 -6.28 -39.32 -28.98
C ALA D 326 -6.24 -40.75 -28.44
N LYS D 327 -5.84 -41.70 -29.28
CA LYS D 327 -5.67 -43.10 -28.87
C LYS D 327 -4.28 -43.28 -28.30
N LYS D 328 -4.16 -44.02 -27.20
CA LYS D 328 -2.86 -44.31 -26.62
C LYS D 328 -2.17 -45.37 -27.46
N ALA D 329 -0.91 -45.09 -27.83
CA ALA D 329 -0.13 -46.01 -28.66
C ALA D 329 0.13 -47.31 -27.89
N GLU D 330 -0.20 -48.43 -28.54
CA GLU D 330 0.11 -49.76 -28.00
C GLU D 330 1.55 -50.10 -28.37
N THR D 331 2.31 -50.59 -27.39
CA THR D 331 3.73 -50.91 -27.59
C THR D 331 3.91 -52.13 -28.50
N GLY D 332 5.02 -52.16 -29.23
CA GLY D 332 5.30 -53.21 -30.21
C GLY D 332 4.44 -53.07 -31.45
N GLN D 333 4.26 -51.84 -31.92
CA GLN D 333 3.46 -51.57 -33.11
C GLN D 333 3.87 -50.23 -33.72
N THR D 334 4.01 -50.19 -35.04
CA THR D 334 4.44 -48.99 -35.74
C THR D 334 3.25 -48.08 -36.03
N TYR D 335 3.43 -46.78 -35.78
CA TYR D 335 2.45 -45.75 -36.14
C TYR D 335 3.09 -44.76 -37.12
N SER D 336 2.51 -44.63 -38.32
CA SER D 336 3.06 -43.77 -39.38
C SER D 336 2.15 -42.55 -39.59
N GLY D 337 2.75 -41.37 -39.68
CA GLY D 337 1.99 -40.12 -39.89
C GLY D 337 2.68 -38.86 -39.44
N GLU D 338 2.03 -37.72 -39.69
CA GLU D 338 2.59 -36.41 -39.37
C GLU D 338 2.41 -36.03 -37.89
N ILE D 339 3.46 -35.49 -37.28
CA ILE D 339 3.39 -34.97 -35.91
C ILE D 339 2.69 -33.60 -35.97
N ILE D 340 1.60 -33.46 -35.22
CA ILE D 340 0.83 -32.19 -35.16
C ILE D 340 1.09 -31.38 -33.88
N TYR D 341 1.53 -32.05 -32.80
CA TYR D 341 1.89 -31.35 -31.57
C TYR D 341 2.81 -32.21 -30.69
N LYS D 342 3.66 -31.53 -29.93
CA LYS D 342 4.40 -32.15 -28.85
C LYS D 342 4.74 -31.13 -27.76
N ASP D 343 4.89 -31.64 -26.54
CA ASP D 343 5.30 -30.84 -25.40
C ASP D 343 6.26 -31.71 -24.55
N ALA D 344 6.42 -31.40 -23.27
CA ALA D 344 7.29 -32.19 -22.40
C ALA D 344 6.79 -33.61 -22.14
N ALA D 345 5.46 -33.80 -22.15
CA ALA D 345 4.84 -35.06 -21.73
C ALA D 345 4.47 -36.01 -22.87
N ALA D 346 3.94 -35.47 -23.97
CA ALA D 346 3.35 -36.28 -25.03
C ALA D 346 3.79 -35.86 -26.42
N VAL D 347 3.57 -36.76 -27.38
CA VAL D 347 3.78 -36.49 -28.81
C VAL D 347 2.54 -36.96 -29.56
N PHE D 348 1.87 -36.02 -30.23
CA PHE D 348 0.61 -36.31 -30.95
C PHE D 348 0.83 -36.43 -32.45
N GLN D 349 0.33 -37.51 -33.01
CA GLN D 349 0.58 -37.91 -34.39
C GLN D 349 -0.73 -38.26 -35.07
N LYS D 350 -0.98 -37.68 -36.25
CA LYS D 350 -2.13 -38.05 -37.07
C LYS D 350 -1.77 -39.26 -37.92
N THR D 351 -2.34 -40.42 -37.59
CA THR D 351 -2.25 -41.60 -38.44
C THR D 351 -3.52 -41.68 -39.29
N LYS D 352 -3.58 -42.67 -40.18
CA LYS D 352 -4.77 -42.91 -41.01
C LYS D 352 -5.98 -43.42 -40.23
N ASN D 353 -5.74 -44.01 -39.05
CA ASN D 353 -6.82 -44.48 -38.16
C ASN D 353 -7.11 -43.49 -37.01
N GLY D 354 -6.84 -42.20 -37.22
CA GLY D 354 -7.11 -41.15 -36.22
C GLY D 354 -5.87 -40.68 -35.47
N LEU D 355 -6.08 -39.77 -34.52
CA LEU D 355 -4.99 -39.16 -33.75
C LEU D 355 -4.43 -40.14 -32.71
N VAL D 356 -3.11 -40.16 -32.56
CA VAL D 356 -2.41 -41.11 -31.69
C VAL D 356 -1.48 -40.37 -30.74
N ARG D 357 -1.45 -40.79 -29.47
CA ARG D 357 -0.63 -40.18 -28.43
C ARG D 357 0.49 -41.13 -28.01
N HIS D 358 1.74 -40.66 -28.11
CA HIS D 358 2.91 -41.35 -27.60
C HIS D 358 3.40 -40.65 -26.35
N ASN D 359 3.93 -41.40 -25.37
CA ASN D 359 4.66 -40.80 -24.27
C ASN D 359 5.92 -40.18 -24.83
N ALA D 360 6.29 -39.02 -24.32
CA ALA D 360 7.49 -38.32 -24.78
C ALA D 360 8.77 -39.02 -24.35
N THR D 361 8.68 -39.85 -23.30
CA THR D 361 9.76 -40.71 -22.86
C THR D 361 9.32 -42.17 -22.95
N HIS D 362 10.21 -43.04 -23.41
CA HIS D 362 9.94 -44.47 -23.55
C HIS D 362 11.12 -45.30 -23.01
N ASN D 363 10.96 -45.86 -21.80
CA ASN D 363 12.00 -46.62 -21.10
C ASN D 363 13.31 -45.83 -20.94
N GLU D 364 13.17 -44.64 -20.36
CA GLU D 364 14.27 -43.67 -20.19
C GLU D 364 15.00 -43.32 -21.50
N GLU D 365 14.24 -43.28 -22.60
CA GLU D 365 14.75 -42.91 -23.92
C GLU D 365 13.77 -41.91 -24.50
N ARG D 366 14.29 -40.76 -24.92
CA ARG D 366 13.48 -39.57 -25.15
C ARG D 366 12.99 -39.48 -26.62
N LEU D 367 11.69 -39.70 -26.81
CA LEU D 367 11.06 -39.67 -28.15
C LEU D 367 10.87 -38.25 -28.71
N ALA D 368 10.62 -37.28 -27.84
CA ALA D 368 10.24 -35.93 -28.28
C ALA D 368 11.32 -35.21 -29.09
N LYS D 369 12.57 -35.35 -28.66
CA LYS D 369 13.70 -34.75 -29.39
C LYS D 369 13.95 -35.39 -30.77
N LEU D 370 13.54 -36.64 -30.95
CA LEU D 370 13.70 -37.35 -32.22
C LEU D 370 12.75 -36.92 -33.34
N VAL D 371 11.72 -36.13 -33.03
CA VAL D 371 10.73 -35.68 -34.02
C VAL D 371 10.44 -34.17 -33.95
N GLU D 372 9.86 -33.65 -35.03
CA GLU D 372 9.46 -32.25 -35.11
C GLU D 372 8.02 -32.11 -35.54
N ILE D 373 7.39 -31.01 -35.12
CA ILE D 373 6.00 -30.73 -35.47
C ILE D 373 5.97 -30.43 -36.98
N GLY D 374 5.08 -31.10 -37.68
CA GLY D 374 5.00 -31.06 -39.15
C GLY D 374 5.69 -32.21 -39.86
N GLN D 375 6.61 -32.89 -39.16
CA GLN D 375 7.41 -33.96 -39.75
C GLN D 375 6.61 -35.26 -39.85
N ASN D 376 6.64 -35.86 -41.04
CA ASN D 376 6.00 -37.14 -41.29
C ASN D 376 6.99 -38.25 -40.90
N VAL D 377 6.61 -39.06 -39.90
CA VAL D 377 7.50 -40.08 -39.32
C VAL D 377 6.76 -41.36 -38.96
N SER D 378 7.50 -42.47 -38.89
CA SER D 378 7.00 -43.71 -38.30
C SER D 378 7.65 -43.88 -36.93
N ILE D 379 6.83 -44.12 -35.91
CA ILE D 379 7.29 -44.41 -34.55
C ILE D 379 6.91 -45.85 -34.19
N GLY D 380 7.89 -46.65 -33.80
CA GLY D 380 7.67 -48.03 -33.35
C GLY D 380 8.76 -48.49 -32.41
N SER D 381 8.42 -49.41 -31.51
CA SER D 381 9.35 -49.93 -30.50
C SER D 381 9.58 -51.43 -30.70
N ASN D 382 10.83 -51.81 -30.91
CA ASN D 382 11.24 -53.21 -31.04
C ASN D 382 12.10 -53.61 -29.84
N LYS D 383 11.52 -54.41 -28.93
CA LYS D 383 12.20 -54.94 -27.75
C LYS D 383 12.76 -53.85 -26.82
N GLY D 384 11.92 -52.88 -26.50
CA GLY D 384 12.34 -51.80 -25.61
C GLY D 384 13.05 -50.64 -26.24
N LYS D 385 13.49 -50.80 -27.49
CA LYS D 385 14.23 -49.75 -28.16
C LYS D 385 13.36 -49.03 -29.16
N LEU D 386 13.29 -47.71 -29.01
CA LEU D 386 12.48 -46.90 -29.91
C LEU D 386 13.06 -46.88 -31.30
N ILE D 387 12.19 -47.01 -32.30
CA ILE D 387 12.64 -46.95 -33.67
C ILE D 387 11.88 -45.82 -34.34
N VAL D 388 12.60 -44.82 -34.82
CA VAL D 388 11.96 -43.71 -35.52
C VAL D 388 12.53 -43.47 -36.91
N LYS D 389 11.68 -43.54 -37.91
CA LYS D 389 12.08 -43.33 -39.31
C LYS D 389 11.36 -42.12 -39.92
N SER D 390 12.08 -41.33 -40.71
CA SER D 390 11.49 -40.26 -41.50
C SER D 390 10.71 -40.86 -42.68
N LEU D 391 9.54 -40.29 -42.96
CA LEU D 391 8.74 -40.66 -44.13
C LEU D 391 8.59 -39.48 -45.10
N GLU D 392 9.45 -38.46 -44.96
CA GLU D 392 9.41 -37.27 -45.83
C GLU D 392 9.90 -37.65 -47.22
N TYR D 393 9.24 -37.13 -48.25
CA TYR D 393 9.61 -37.40 -49.64
C TYR D 393 9.18 -36.27 -50.58
N SER D 394 9.59 -36.38 -51.84
CA SER D 394 9.22 -35.43 -52.88
C SER D 394 8.94 -36.18 -54.19
N ALA D 395 7.81 -35.86 -54.83
CA ALA D 395 7.40 -36.51 -56.10
C ALA D 395 6.34 -35.71 -56.84
N GLU E 8 31.31 -8.80 11.14
CA GLU E 8 31.12 -7.83 12.26
C GLU E 8 31.85 -8.29 13.53
N SER E 9 32.41 -7.34 14.27
CA SER E 9 33.11 -7.64 15.52
C SER E 9 32.16 -8.18 16.59
N ASN E 10 32.73 -8.73 17.68
CA ASN E 10 31.93 -9.25 18.80
C ASN E 10 31.06 -8.16 19.47
N ALA E 11 31.61 -6.95 19.57
CA ALA E 11 30.93 -5.84 20.24
C ALA E 11 29.64 -5.44 19.54
N ILE E 12 29.68 -5.38 18.21
CA ILE E 12 28.50 -4.99 17.41
C ILE E 12 27.41 -6.07 17.46
N ARG E 13 27.80 -7.34 17.52
CA ARG E 13 26.83 -8.44 17.72
C ARG E 13 26.25 -8.39 19.15
N MET E 14 27.11 -8.10 20.12
CA MET E 14 26.69 -7.86 21.52
C MET E 14 25.61 -6.77 21.64
N ILE E 15 25.80 -5.67 20.91
CA ILE E 15 24.87 -4.54 20.93
C ILE E 15 23.55 -4.84 20.21
N LYS E 16 23.62 -5.56 19.10
CA LYS E 16 22.40 -6.00 18.38
C LYS E 16 21.56 -6.97 19.20
N GLU E 17 22.22 -7.90 19.90
CA GLU E 17 21.55 -8.83 20.81
C GLU E 17 20.90 -8.13 22.01
N ALA E 18 21.51 -7.04 22.47
CA ALA E 18 20.91 -6.21 23.50
C ALA E 18 19.67 -5.47 22.97
N CYS E 19 19.71 -5.02 21.72
CA CYS E 19 18.54 -4.40 21.07
C CYS E 19 17.36 -5.37 20.95
N GLU E 20 17.65 -6.66 20.81
CA GLU E 20 16.60 -7.70 20.84
C GLU E 20 15.89 -7.72 22.18
N LYS E 21 16.67 -7.74 23.25
CA LYS E 21 16.13 -7.84 24.60
C LYS E 21 15.42 -6.57 25.06
N ASN E 22 15.80 -5.42 24.50
CA ASN E 22 15.01 -4.19 24.69
C ASN E 22 13.63 -4.32 24.03
N ARG E 23 13.57 -4.92 22.84
CA ARG E 23 12.29 -5.22 22.18
C ARG E 23 11.48 -6.27 22.95
N ARG E 24 12.18 -7.23 23.57
CA ARG E 24 11.54 -8.22 24.44
C ARG E 24 10.84 -7.58 25.64
N MET E 25 11.50 -6.59 26.26
CA MET E 25 10.93 -5.84 27.39
C MET E 25 9.58 -5.17 27.05
N MET E 26 9.43 -4.72 25.81
CA MET E 26 8.18 -4.07 25.36
C MET E 26 7.00 -5.03 25.25
N THR E 27 7.25 -6.27 24.81
CA THR E 27 6.20 -7.28 24.68
C THR E 27 6.01 -8.09 25.96
N ASP E 28 7.11 -8.64 26.48
CA ASP E 28 7.10 -9.47 27.69
C ASP E 28 7.15 -8.58 28.95
N GLU E 29 6.05 -8.53 29.69
CA GLU E 29 5.93 -7.68 30.88
C GLU E 29 6.68 -8.27 32.08
N ALA E 30 6.64 -9.60 32.23
CA ALA E 30 7.35 -10.29 33.32
C ALA E 30 8.87 -10.09 33.22
N PHE E 31 9.40 -10.09 32.00
CA PHE E 31 10.83 -9.89 31.75
C PHE E 31 11.29 -8.47 32.09
N ARG E 32 10.45 -7.48 31.81
CA ARG E 32 10.80 -6.07 32.07
C ARG E 32 10.89 -5.77 33.57
N LYS E 33 9.99 -6.34 34.36
CA LYS E 33 10.03 -6.19 35.82
C LYS E 33 11.27 -6.85 36.44
N GLU E 34 11.66 -8.02 35.94
CA GLU E 34 12.83 -8.75 36.48
C GLU E 34 14.16 -8.05 36.12
N VAL E 35 14.20 -7.38 34.97
CA VAL E 35 15.37 -6.57 34.59
C VAL E 35 15.48 -5.34 35.48
N GLU E 36 14.39 -4.59 35.59
CA GLU E 36 14.38 -3.31 36.31
C GLU E 36 14.38 -3.43 37.84
N LYS E 37 13.90 -4.56 38.37
CA LYS E 37 14.07 -4.91 39.79
C LYS E 37 15.56 -4.94 40.16
N ARG E 38 16.36 -5.58 39.31
CA ARG E 38 17.79 -5.78 39.57
C ARG E 38 18.58 -4.48 39.50
N LEU E 39 18.32 -3.68 38.46
CA LEU E 39 19.03 -2.43 38.20
C LEU E 39 18.93 -1.43 39.34
N TYR E 40 17.73 -1.30 39.91
CA TYR E 40 17.47 -0.28 40.92
C TYR E 40 17.10 -0.88 42.27
N ALA E 41 17.93 -1.84 42.70
CA ALA E 41 17.86 -2.46 44.02
C ALA E 41 18.87 -1.89 45.03
N GLY E 42 19.88 -1.16 44.54
CA GLY E 42 20.94 -0.64 45.41
C GLY E 42 21.97 -1.72 45.74
N PRO E 43 22.80 -1.48 46.77
CA PRO E 43 23.76 -2.51 47.19
C PRO E 43 23.05 -3.70 47.83
N SER E 44 23.60 -4.90 47.62
CA SER E 44 23.06 -6.13 48.21
C SER E 44 23.36 -6.18 49.71
N PRO E 45 22.68 -7.07 50.46
CA PRO E 45 22.96 -7.23 51.90
C PRO E 45 24.41 -7.54 52.25
N GLU E 46 25.06 -8.40 51.46
CA GLU E 46 26.46 -8.77 51.70
C GLU E 46 27.43 -7.60 51.47
N LEU E 47 27.23 -6.86 50.39
CA LEU E 47 28.02 -5.68 50.08
C LEU E 47 27.77 -4.53 51.08
N LEU E 48 26.52 -4.39 51.51
CA LEU E 48 26.16 -3.34 52.47
C LEU E 48 26.79 -3.55 53.84
N ALA E 49 27.00 -4.81 54.24
CA ALA E 49 27.68 -5.15 55.49
C ALA E 49 29.17 -4.78 55.44
N LYS E 50 29.82 -5.08 54.31
CA LYS E 50 31.21 -4.69 54.05
C LYS E 50 31.38 -3.17 54.08
N LEU E 51 30.45 -2.47 53.41
CA LEU E 51 30.45 -1.01 53.34
C LEU E 51 30.35 -0.34 54.71
N ARG E 52 29.48 -0.85 55.58
CA ARG E 52 29.35 -0.33 56.96
C ARG E 52 30.66 -0.44 57.75
N VAL E 53 31.38 -1.54 57.55
CA VAL E 53 32.68 -1.75 58.20
C VAL E 53 33.69 -0.72 57.67
N LEU E 54 33.79 -0.61 56.34
CA LEU E 54 34.64 0.40 55.71
C LEU E 54 34.30 1.83 56.13
N TRP E 55 33.02 2.16 56.23
CA TRP E 55 32.59 3.51 56.65
C TRP E 55 32.87 3.76 58.14
N ALA E 56 32.54 2.78 58.98
CA ALA E 56 32.70 2.90 60.45
C ALA E 56 34.16 2.99 60.89
N ALA E 57 35.03 2.25 60.22
CA ALA E 57 36.46 2.22 60.54
C ALA E 57 37.23 3.52 60.20
N ASN E 58 36.64 4.38 59.37
CA ASN E 58 37.31 5.60 58.87
C ASN E 58 36.49 6.85 59.16
N LYS E 59 36.71 7.45 60.32
CA LYS E 59 36.08 8.74 60.69
C LYS E 59 36.79 9.37 61.89
N MET F 1 48.57 1.54 47.84
CA MET F 1 47.45 2.51 47.62
C MET F 1 47.45 3.06 46.18
N VAL F 2 46.43 2.70 45.42
CA VAL F 2 46.13 3.33 44.12
C VAL F 2 45.63 4.74 44.40
N LYS F 3 46.14 5.71 43.63
CA LYS F 3 45.72 7.10 43.79
C LYS F 3 44.72 7.46 42.69
N LEU F 4 43.90 8.48 42.98
CA LEU F 4 42.87 8.92 42.04
C LEU F 4 43.50 9.49 40.78
N SER F 5 42.86 9.23 39.64
CA SER F 5 43.36 9.67 38.34
C SER F 5 43.31 11.19 38.10
N SER F 6 42.64 11.94 38.96
CA SER F 6 42.58 13.39 38.86
C SER F 6 42.10 14.03 40.16
N ASP F 7 42.17 15.36 40.22
CA ASP F 7 41.60 16.13 41.32
C ASP F 7 40.08 16.18 41.17
N ILE F 8 39.37 16.11 42.29
CA ILE F 8 37.90 16.13 42.27
C ILE F 8 37.46 17.59 42.34
N ASN F 9 36.76 18.06 41.31
CA ASN F 9 36.34 19.48 41.24
C ASN F 9 35.28 19.81 42.29
N LEU F 10 35.51 20.87 43.05
CA LEU F 10 34.55 21.35 44.04
C LEU F 10 33.46 22.13 43.34
N ARG F 11 32.23 21.93 43.80
CA ARG F 11 31.11 22.78 43.42
C ARG F 11 30.88 23.77 44.56
N ASP F 12 30.38 24.96 44.22
CA ASP F 12 30.07 25.98 45.21
C ASP F 12 28.60 25.86 45.62
N PHE F 13 28.37 25.34 46.82
CA PHE F 13 27.01 25.20 47.37
C PHE F 13 26.53 26.44 48.14
N GLY F 14 27.41 27.43 48.33
CA GLY F 14 27.03 28.71 48.93
C GLY F 14 26.77 28.59 50.42
N ASN F 15 25.57 28.99 50.84
CA ASN F 15 25.16 28.92 52.26
C ASN F 15 24.62 27.55 52.72
N ASN F 16 24.46 26.60 51.80
CA ASN F 16 24.05 25.24 52.15
C ASN F 16 25.23 24.49 52.79
N GLU F 17 25.33 24.63 54.12
CA GLU F 17 26.40 23.99 54.92
C GLU F 17 26.32 22.45 54.85
N TYR F 18 25.11 21.92 54.72
CA TYR F 18 24.89 20.48 54.68
C TYR F 18 25.61 19.83 53.50
N LEU F 19 25.27 20.28 52.30
CA LEU F 19 25.86 19.73 51.08
C LEU F 19 27.37 20.03 51.01
N SER F 20 27.74 21.19 51.52
CA SER F 20 29.13 21.60 51.60
C SER F 20 29.97 20.60 52.39
N SER F 21 29.45 20.16 53.55
CA SER F 21 30.14 19.12 54.35
C SER F 21 29.99 17.70 53.78
N VAL F 22 28.85 17.41 53.15
CA VAL F 22 28.68 16.14 52.43
C VAL F 22 29.70 16.02 51.29
N GLN F 23 29.94 17.12 50.58
CA GLN F 23 30.98 17.18 49.53
C GLN F 23 32.37 16.90 50.10
N ASP F 24 32.72 17.58 51.19
CA ASP F 24 34.02 17.40 51.82
C ASP F 24 34.24 15.97 52.30
N GLU F 25 33.19 15.36 52.86
CA GLU F 25 33.27 13.97 53.34
C GLU F 25 33.39 12.93 52.22
N ALA F 26 32.73 13.19 51.08
CA ALA F 26 32.84 12.32 49.90
C ALA F 26 34.23 12.41 49.25
N ILE F 27 34.77 13.62 49.15
CA ILE F 27 36.13 13.84 48.63
C ILE F 27 37.18 13.16 49.51
N ARG F 28 37.07 13.32 50.83
CA ARG F 28 38.00 12.69 51.78
C ARG F 28 37.96 11.16 51.64
N PHE F 29 36.75 10.62 51.58
CA PHE F 29 36.53 9.18 51.45
C PHE F 29 37.17 8.62 50.18
N ALA F 30 36.83 9.21 49.03
CA ALA F 30 37.31 8.73 47.73
C ALA F 30 38.83 8.87 47.55
N THR F 31 39.42 9.89 48.18
CA THR F 31 40.86 10.14 48.10
C THR F 31 41.66 9.19 48.98
N GLU F 32 41.28 9.13 50.26
CA GLU F 32 41.89 8.26 51.26
C GLU F 32 41.65 6.75 51.14
N GLN F 33 40.45 6.38 50.77
CA GLN F 33 40.05 4.97 50.70
C GLN F 33 39.87 4.41 49.30
N THR F 34 40.61 4.93 48.34
CA THR F 34 40.44 4.51 46.97
C THR F 34 40.65 3.01 46.71
N ASP F 35 41.66 2.40 47.33
CA ASP F 35 41.88 0.99 47.08
C ASP F 35 40.73 0.08 47.51
N GLU F 36 40.20 0.31 48.70
CA GLU F 36 39.10 -0.50 49.20
C GLU F 36 37.82 -0.32 48.39
N ILE F 37 37.52 0.92 48.02
CA ILE F 37 36.33 1.21 47.24
C ILE F 37 36.37 0.54 45.88
N LEU F 38 37.53 0.60 45.24
CA LEU F 38 37.70 -0.03 43.94
C LEU F 38 37.53 -1.53 44.07
N SER F 39 38.09 -2.07 45.15
CA SER F 39 38.00 -3.51 45.43
C SER F 39 36.56 -3.95 45.65
N LEU F 40 35.82 -3.19 46.46
CA LEU F 40 34.40 -3.47 46.68
C LEU F 40 33.56 -3.30 45.41
N TYR F 41 33.89 -2.29 44.60
CA TYR F 41 33.22 -2.06 43.33
C TYR F 41 33.39 -3.27 42.40
N SER F 42 34.63 -3.74 42.27
CA SER F 42 34.97 -4.85 41.39
C SER F 42 34.41 -6.18 41.91
N GLN F 43 34.82 -6.52 43.11
CA GLN F 43 34.66 -7.88 43.64
C GLN F 43 33.22 -8.21 44.05
N HIS F 44 32.42 -7.20 44.38
CA HIS F 44 31.14 -7.41 45.07
C HIS F 44 29.88 -6.77 44.44
N ALA F 45 29.98 -5.59 43.83
CA ALA F 45 28.81 -4.95 43.19
C ALA F 45 28.51 -5.60 41.83
N ASP F 46 27.35 -5.28 41.25
CA ASP F 46 26.88 -5.89 39.99
C ASP F 46 27.57 -5.26 38.74
N THR F 47 28.88 -5.46 38.64
CA THR F 47 29.74 -4.68 37.73
C THR F 47 30.65 -5.54 36.81
N GLU F 48 30.28 -6.80 36.58
CA GLU F 48 31.09 -7.74 35.77
C GLU F 48 32.56 -7.78 36.23
N GLY F 49 32.78 -7.90 37.53
CA GLY F 49 34.14 -7.89 38.09
C GLY F 49 34.85 -6.56 37.96
N GLY F 50 34.09 -5.46 37.95
CA GLY F 50 34.65 -4.12 37.75
C GLY F 50 34.95 -3.72 36.32
N ARG F 51 34.36 -4.41 35.35
CA ARG F 51 34.52 -4.09 33.92
C ARG F 51 33.44 -3.14 33.40
N TYR F 52 32.22 -3.27 33.94
CA TYR F 52 31.18 -2.26 33.76
C TYR F 52 31.49 -1.10 34.70
N VAL F 53 31.91 0.02 34.12
CA VAL F 53 32.36 1.20 34.86
C VAL F 53 31.34 2.32 34.68
N CYS F 54 30.95 2.95 35.79
CA CYS F 54 29.90 3.94 35.79
C CYS F 54 29.91 4.70 37.12
N ALA F 55 29.82 6.03 37.03
CA ALA F 55 29.79 6.88 38.22
C ALA F 55 28.56 6.65 39.10
N ASP F 56 27.45 6.26 38.49
CA ASP F 56 26.19 6.04 39.21
C ASP F 56 26.22 4.81 40.13
N THR F 57 26.94 3.76 39.71
CA THR F 57 27.15 2.59 40.56
C THR F 57 28.17 2.89 41.68
N PHE F 58 29.16 3.74 41.40
CA PHE F 58 30.08 4.20 42.44
C PHE F 58 29.40 5.01 43.56
N LYS F 59 28.30 5.69 43.26
CA LYS F 59 27.55 6.46 44.27
C LYS F 59 27.00 5.60 45.40
N GLU F 60 26.64 4.36 45.08
CA GLU F 60 26.12 3.39 46.04
C GLU F 60 27.12 2.96 47.12
N LEU F 61 28.42 3.18 46.87
CA LEU F 61 29.46 2.86 47.83
C LEU F 61 29.71 3.98 48.83
N PHE F 62 29.14 5.16 48.58
CA PHE F 62 29.24 6.29 49.51
C PHE F 62 28.18 6.19 50.63
N PRO F 63 28.55 6.54 51.89
CA PRO F 63 27.60 6.46 53.00
C PRO F 63 26.37 7.40 52.88
N ALA F 64 26.57 8.60 52.32
CA ALA F 64 25.47 9.55 52.13
C ALA F 64 24.33 9.03 51.23
N PHE F 65 24.66 8.10 50.34
CA PHE F 65 23.73 7.57 49.35
C PHE F 65 22.96 6.31 49.82
N GLU F 66 23.14 5.89 51.07
CA GLU F 66 22.56 4.63 51.58
C GLU F 66 21.02 4.61 51.57
N ASN F 67 20.42 5.64 52.16
CA ASN F 67 18.96 5.76 52.25
C ASN F 67 18.36 6.33 50.98
N LYS F 68 17.32 5.66 50.47
CA LYS F 68 16.56 6.10 49.28
C LYS F 68 16.15 7.58 49.37
N GLU F 69 15.67 7.95 50.55
CA GLU F 69 15.22 9.31 50.88
C GLU F 69 16.21 10.44 50.54
N ASP F 70 17.51 10.20 50.70
CA ASP F 70 18.54 11.25 50.61
C ASP F 70 19.22 11.41 49.24
N ARG F 71 18.98 10.49 48.31
CA ARG F 71 19.80 10.36 47.10
C ARG F 71 19.73 11.55 46.15
N ALA F 72 18.52 12.03 45.89
CA ALA F 72 18.33 13.20 45.03
C ALA F 72 19.06 14.42 45.59
N THR F 73 18.95 14.62 46.90
CA THR F 73 19.51 15.77 47.59
C THR F 73 21.05 15.80 47.56
N VAL F 74 21.66 14.66 47.89
CA VAL F 74 23.12 14.54 48.03
C VAL F 74 23.88 14.24 46.72
N ASN F 75 23.15 13.98 45.63
CA ASN F 75 23.76 13.58 44.36
C ASN F 75 24.86 14.51 43.85
N ASN F 76 24.57 15.80 43.76
CA ASN F 76 25.55 16.78 43.23
C ASN F 76 26.77 16.95 44.13
N ALA F 77 26.59 16.75 45.43
CA ALA F 77 27.69 16.86 46.39
C ALA F 77 28.69 15.71 46.27
N ILE F 78 28.21 14.51 45.94
CA ILE F 78 29.09 13.33 45.81
C ILE F 78 29.42 12.91 44.38
N HIS F 79 28.83 13.58 43.38
CA HIS F 79 28.93 13.12 41.98
C HIS F 79 30.36 13.06 41.46
N ASN F 80 31.09 14.16 41.64
CA ASN F 80 32.43 14.29 41.07
C ASN F 80 33.39 13.26 41.66
N SER F 81 33.33 13.07 42.97
CA SER F 81 34.05 11.97 43.63
C SER F 81 33.72 10.63 42.96
N ALA F 82 32.44 10.36 42.73
CA ALA F 82 32.02 9.13 42.06
C ALA F 82 32.52 9.05 40.61
N ALA F 83 32.49 10.18 39.91
CA ALA F 83 32.97 10.27 38.53
C ALA F 83 34.47 10.05 38.42
N VAL F 84 35.25 10.62 39.34
CA VAL F 84 36.71 10.45 39.35
C VAL F 84 37.06 9.01 39.72
N LEU F 85 36.34 8.42 40.66
CA LEU F 85 36.49 6.99 41.00
C LEU F 85 36.21 6.08 39.79
N SER F 86 35.26 6.46 38.93
CA SER F 86 35.03 5.71 37.69
C SER F 86 36.20 5.86 36.72
N SER F 87 36.75 7.07 36.62
CA SER F 87 37.96 7.30 35.82
C SER F 87 39.14 6.50 36.32
N THR F 88 39.35 6.52 37.64
CA THR F 88 40.38 5.72 38.28
C THR F 88 40.19 4.23 37.97
N GLN F 89 38.94 3.77 38.06
CA GLN F 89 38.60 2.38 37.74
C GLN F 89 38.80 2.04 36.25
N PHE F 90 38.48 2.97 35.37
CA PHE F 90 38.75 2.84 33.93
C PHE F 90 40.24 2.56 33.69
N ASP F 91 41.10 3.36 34.30
CA ASP F 91 42.55 3.23 34.15
C ASP F 91 43.08 1.89 34.63
N GLU F 92 42.63 1.46 35.81
CA GLU F 92 43.11 0.20 36.44
C GLU F 92 42.74 -1.05 35.65
N VAL F 93 41.60 -1.03 34.96
CA VAL F 93 41.21 -2.13 34.08
C VAL F 93 42.10 -2.20 32.84
N LEU F 94 42.53 -1.04 32.33
CA LEU F 94 43.48 -0.99 31.19
C LEU F 94 44.87 -1.53 31.55
N LYS F 95 45.33 -1.28 32.77
CA LYS F 95 46.65 -1.79 33.24
C LYS F 95 46.74 -3.32 33.36
N ARG F 96 45.61 -4.02 33.48
CA ARG F 96 45.60 -5.48 33.44
C ARG F 96 46.03 -5.95 32.06
N ASP F 97 47.16 -6.66 31.98
CA ASP F 97 47.65 -7.24 30.74
C ASP F 97 46.80 -8.48 30.38
N GLU F 98 45.94 -8.33 29.38
CA GLU F 98 44.95 -9.33 29.01
C GLU F 98 44.82 -9.39 27.47
N PRO F 99 45.82 -9.97 26.78
CA PRO F 99 45.89 -10.01 25.31
C PRO F 99 44.59 -10.41 24.58
N GLN F 100 43.90 -11.40 25.12
CA GLN F 100 42.58 -11.83 24.61
C GLN F 100 41.48 -10.76 24.65
N LYS F 101 41.61 -9.80 25.58
CA LYS F 101 40.63 -8.73 25.78
C LYS F 101 40.97 -7.53 24.87
N LYS F 102 40.18 -7.34 23.82
CA LYS F 102 40.47 -6.34 22.76
C LYS F 102 39.43 -5.23 22.54
N GLU F 103 38.23 -5.38 23.10
CA GLU F 103 37.12 -4.46 22.85
C GLU F 103 36.80 -3.58 24.07
N VAL F 104 36.71 -2.27 23.83
CA VAL F 104 36.21 -1.32 24.81
C VAL F 104 34.94 -0.70 24.23
N ILE F 105 33.91 -0.56 25.06
CA ILE F 105 32.62 -0.03 24.64
C ILE F 105 32.27 1.19 25.51
N PHE F 106 31.80 2.26 24.86
CA PHE F 106 31.29 3.45 25.55
C PHE F 106 29.79 3.56 25.29
N VAL F 107 28.99 3.73 26.35
CA VAL F 107 27.54 3.87 26.22
C VAL F 107 27.14 5.26 26.71
N THR F 108 26.39 6.00 25.90
CA THR F 108 26.06 7.39 26.21
C THR F 108 24.67 7.77 25.71
N GLY F 109 24.13 8.85 26.26
CA GLY F 109 22.80 9.31 25.92
C GLY F 109 22.09 10.01 27.06
N ILE F 110 20.93 10.56 26.72
CA ILE F 110 20.12 11.31 27.67
C ILE F 110 19.72 10.42 28.86
N PRO F 111 19.70 10.98 30.09
CA PRO F 111 19.16 10.23 31.22
C PRO F 111 17.70 9.86 30.99
N GLY F 112 17.33 8.62 31.33
CA GLY F 112 15.99 8.09 31.08
C GLY F 112 15.82 7.29 29.79
N SER F 113 16.86 7.21 28.96
CA SER F 113 16.77 6.50 27.67
C SER F 113 17.00 4.97 27.73
N GLY F 114 17.14 4.40 28.92
CA GLY F 114 17.31 2.96 29.07
C GLY F 114 18.70 2.46 28.71
N LYS F 115 19.71 3.30 28.99
CA LYS F 115 21.12 2.91 28.76
C LYS F 115 21.53 1.79 29.70
N THR F 116 21.25 1.96 30.99
CA THR F 116 21.60 0.96 32.00
C THR F 116 20.93 -0.38 31.73
N SER F 117 19.62 -0.36 31.47
CA SER F 117 18.89 -1.57 31.09
C SER F 117 19.43 -2.20 29.80
N THR F 118 19.83 -1.35 28.85
CA THR F 118 20.49 -1.83 27.63
C THR F 118 21.84 -2.51 27.95
N VAL F 119 22.60 -1.95 28.90
CA VAL F 119 23.89 -2.53 29.33
C VAL F 119 23.70 -3.86 30.08
N LYS F 120 22.63 -3.98 30.85
CA LYS F 120 22.28 -5.24 31.53
C LYS F 120 21.98 -6.34 30.50
N ASN F 121 21.27 -5.97 29.42
CA ASN F 121 20.94 -6.88 28.33
C ASN F 121 22.13 -7.29 27.43
N MET F 122 23.28 -6.64 27.56
CA MET F 122 24.49 -7.05 26.85
C MET F 122 25.14 -8.26 27.52
N MET F 123 25.29 -9.35 26.77
CA MET F 123 25.98 -10.53 27.26
C MET F 123 27.48 -10.30 27.08
N MET F 124 28.23 -10.43 28.17
CA MET F 124 29.66 -10.15 28.17
C MET F 124 30.41 -11.20 27.36
N GLN F 125 31.22 -10.77 26.39
CA GLN F 125 31.97 -11.65 25.51
C GLN F 125 33.37 -11.91 26.08
N ASP F 126 34.06 -12.88 25.49
CA ASP F 126 35.44 -13.20 25.85
C ASP F 126 36.40 -12.09 25.46
N THR F 127 36.09 -11.38 24.37
CA THR F 127 36.92 -10.29 23.85
C THR F 127 36.65 -8.92 24.51
N THR F 128 35.52 -8.78 25.21
CA THR F 128 35.18 -7.53 25.89
C THR F 128 36.12 -7.25 27.06
N LYS F 129 36.86 -6.15 26.97
CA LYS F 129 37.79 -5.72 28.01
C LYS F 129 37.11 -4.85 29.05
N LEU F 130 36.27 -3.92 28.59
CA LEU F 130 35.71 -2.89 29.46
C LEU F 130 34.47 -2.25 28.84
N LEU F 131 33.54 -1.82 29.70
CA LEU F 131 32.36 -1.07 29.28
C LEU F 131 32.19 0.16 30.19
N PHE F 132 32.13 1.35 29.59
CA PHE F 132 32.01 2.61 30.34
C PHE F 132 30.74 3.37 29.96
N GLU F 133 29.90 3.64 30.96
CA GLU F 133 28.67 4.42 30.78
C GLU F 133 28.92 5.84 31.25
N GLY F 134 28.78 6.81 30.35
CA GLY F 134 29.04 8.22 30.67
C GLY F 134 28.62 9.17 29.57
N GLN F 135 28.58 10.46 29.90
CA GLN F 135 28.26 11.49 28.91
C GLN F 135 29.45 11.79 28.00
N LEU F 136 29.16 12.01 26.71
CA LEU F 136 30.17 12.43 25.73
C LEU F 136 29.76 13.74 25.03
N ALA F 137 28.81 14.47 25.61
CA ALA F 137 28.33 15.73 25.05
C ALA F 137 29.35 16.86 25.27
N ARG F 138 30.03 16.81 26.42
CA ARG F 138 31.24 17.58 26.68
C ARG F 138 32.39 16.56 26.71
N PRO F 139 32.96 16.25 25.53
CA PRO F 139 33.83 15.08 25.39
C PRO F 139 35.29 15.23 25.82
N GLN F 140 35.70 16.38 26.37
CA GLN F 140 37.09 16.59 26.80
C GLN F 140 37.68 15.40 27.54
N SER F 141 37.05 15.04 28.67
CA SER F 141 37.54 13.92 29.52
C SER F 141 37.48 12.55 28.84
N ALA F 142 36.55 12.39 27.89
CA ALA F 142 36.46 11.17 27.10
C ALA F 142 37.58 11.02 26.06
N PHE F 143 38.21 12.13 25.66
CA PHE F 143 39.38 12.08 24.77
C PHE F 143 40.54 11.31 25.41
N ARG F 144 40.83 11.61 26.69
CA ARG F 144 41.88 10.90 27.44
C ARG F 144 41.59 9.40 27.56
N LYS F 145 40.32 9.03 27.71
CA LYS F 145 39.90 7.63 27.78
C LYS F 145 40.07 6.93 26.44
N ILE F 146 39.59 7.55 25.36
CA ILE F 146 39.71 6.99 24.01
C ILE F 146 41.19 6.93 23.58
N GLU F 147 41.96 7.97 23.91
CA GLU F 147 43.40 8.02 23.65
C GLU F 147 44.14 6.80 24.19
N GLN F 148 43.88 6.46 25.46
CA GLN F 148 44.51 5.29 26.09
C GLN F 148 44.09 3.96 25.48
N CYS F 149 42.84 3.86 25.04
CA CYS F 149 42.35 2.65 24.35
C CYS F 149 43.06 2.41 23.02
N LEU F 150 43.25 3.48 22.25
CA LEU F 150 43.93 3.40 20.96
C LEU F 150 45.44 3.19 21.10
N GLU F 151 46.04 3.74 22.16
CA GLU F 151 47.46 3.48 22.49
C GLU F 151 47.77 1.99 22.76
N ARG F 152 46.76 1.22 23.18
CA ARG F 152 46.90 -0.21 23.44
C ARG F 152 46.19 -1.08 22.38
N ASN F 153 45.97 -0.52 21.20
CA ASN F 153 45.33 -1.22 20.07
C ASN F 153 43.97 -1.86 20.38
N LEU F 154 43.18 -1.20 21.22
CA LEU F 154 41.86 -1.72 21.58
C LEU F 154 40.81 -1.16 20.64
N GLU F 155 39.82 -1.98 20.31
CA GLU F 155 38.74 -1.58 19.41
C GLU F 155 37.68 -0.80 20.20
N VAL F 156 37.61 0.51 19.94
CA VAL F 156 36.72 1.42 20.66
C VAL F 156 35.41 1.55 19.91
N THR F 157 34.32 1.13 20.55
CA THR F 157 32.96 1.34 20.03
C THR F 157 32.23 2.32 20.96
N ILE F 158 31.35 3.14 20.36
CA ILE F 158 30.55 4.13 21.08
C ILE F 158 29.10 3.93 20.68
N VAL F 159 28.22 3.78 21.69
CA VAL F 159 26.78 3.54 21.48
C VAL F 159 25.98 4.75 21.97
N ALA F 160 25.40 5.51 21.05
CA ALA F 160 24.56 6.65 21.39
C ALA F 160 23.10 6.21 21.48
N VAL F 161 22.62 6.01 22.71
CA VAL F 161 21.21 5.64 22.94
C VAL F 161 20.40 6.92 22.93
N SER F 162 19.24 6.90 22.27
CA SER F 162 18.46 8.11 22.02
C SER F 162 16.98 7.89 22.25
N MET F 163 16.29 8.98 22.63
CA MET F 163 14.87 8.97 22.98
C MET F 163 14.39 10.41 23.05
N ARG F 164 13.10 10.62 22.79
CA ARG F 164 12.44 11.91 23.07
C ARG F 164 12.69 12.33 24.51
N ALA F 165 12.88 13.63 24.74
CA ALA F 165 13.06 14.15 26.09
C ALA F 165 11.86 13.84 26.99
N GLU F 166 10.66 13.90 26.42
CA GLU F 166 9.42 13.73 27.20
C GLU F 166 9.24 12.29 27.72
N ARG F 167 9.54 11.30 26.88
CA ARG F 167 9.46 9.90 27.27
C ARG F 167 10.62 9.51 28.19
N ALA F 168 11.80 10.10 27.96
CA ALA F 168 12.95 9.95 28.85
C ALA F 168 12.71 10.58 30.21
N SER F 169 12.03 11.74 30.24
CA SER F 169 11.66 12.40 31.48
C SER F 169 10.69 11.55 32.31
N ASP F 170 9.73 10.90 31.63
CA ASP F 170 8.82 9.97 32.31
C ASP F 170 9.58 8.78 32.95
N ASN F 171 10.60 8.28 32.26
CA ASN F 171 11.44 7.20 32.81
C ASN F 171 12.23 7.62 34.05
N THR F 172 12.74 8.86 34.07
CA THR F 172 13.45 9.40 35.25
C THR F 172 12.53 9.61 36.46
N TYR F 173 11.23 9.89 36.24
CA TYR F 173 10.25 9.92 37.35
C TYR F 173 10.13 8.54 38.00
N LYS F 174 9.95 7.51 37.18
CA LYS F 174 9.83 6.13 37.68
C LYS F 174 11.10 5.69 38.40
N ARG F 175 12.25 6.10 37.88
CA ARG F 175 13.52 5.86 38.54
C ARG F 175 13.64 6.61 39.87
N PHE F 176 13.14 7.85 39.92
CA PHE F 176 13.13 8.63 41.17
C PHE F 176 12.25 8.00 42.26
N ASN F 177 11.05 7.55 41.89
CA ASN F 177 10.12 6.98 42.87
C ASN F 177 10.56 5.60 43.39
N GLU F 178 11.25 4.82 42.55
CA GLU F 178 11.71 3.47 42.93
C GLU F 178 13.11 3.51 43.58
N TYR F 179 14.09 4.05 42.84
CA TYR F 179 15.51 4.06 43.25
C TYR F 179 15.86 5.22 44.18
N GLY F 180 15.20 6.37 43.99
CA GLY F 180 15.51 7.59 44.75
C GLY F 180 16.21 8.68 43.96
N ARG F 181 16.88 8.31 42.86
CA ARG F 181 17.58 9.27 42.00
C ARG F 181 16.92 9.34 40.62
N GLY F 182 16.78 10.56 40.11
CA GLY F 182 16.26 10.80 38.76
C GLY F 182 17.28 11.63 38.01
N ALA F 183 16.84 12.73 37.41
CA ALA F 183 17.75 13.60 36.66
C ALA F 183 17.15 14.98 36.48
N SER F 184 18.02 15.99 36.50
CA SER F 184 17.59 17.38 36.38
C SER F 184 17.32 17.71 34.91
N ILE F 185 16.35 18.59 34.66
CA ILE F 185 16.05 19.01 33.28
C ILE F 185 17.23 19.73 32.63
N GLY F 186 17.94 20.53 33.43
CA GLY F 186 19.13 21.24 32.96
C GLY F 186 20.16 20.31 32.34
N ILE F 187 20.45 19.22 33.04
CA ILE F 187 21.47 18.26 32.61
C ILE F 187 20.97 17.39 31.44
N MET F 188 19.68 17.04 31.43
CA MET F 188 19.07 16.29 30.31
C MET F 188 19.07 17.10 29.00
N ALA F 189 18.76 18.39 29.11
CA ALA F 189 18.80 19.30 27.97
C ALA F 189 20.24 19.51 27.48
N ASP F 190 21.16 19.66 28.42
CA ASP F 190 22.59 19.85 28.11
C ASP F 190 23.15 18.64 27.35
N ILE F 191 22.86 17.43 27.82
CA ILE F 191 23.31 16.21 27.15
C ILE F 191 22.66 16.03 25.76
N GLN F 192 21.33 16.03 25.67
CA GLN F 192 20.70 15.80 24.38
C GLN F 192 21.03 16.87 23.34
N ALA F 193 21.04 18.12 23.75
CA ALA F 193 21.35 19.20 22.83
C ALA F 193 22.78 19.15 22.30
N ASN F 194 23.72 18.84 23.18
CA ASN F 194 25.13 18.81 22.82
C ASN F 194 25.74 17.47 22.42
N LEU F 195 24.93 16.41 22.40
CA LEU F 195 25.46 15.11 22.04
C LEU F 195 25.99 15.01 20.61
N PRO F 196 25.29 15.61 19.65
CA PRO F 196 25.73 15.55 18.26
C PRO F 196 27.09 16.22 18.09
N ASP F 197 27.26 17.38 18.70
CA ASP F 197 28.55 18.10 18.68
C ASP F 197 29.71 17.35 19.34
N GLY F 198 29.42 16.64 20.42
CA GLY F 198 30.44 15.88 21.13
C GLY F 198 30.93 14.67 20.35
N LEU F 199 30.00 13.95 19.73
CA LEU F 199 30.31 12.82 18.86
C LEU F 199 31.06 13.29 17.62
N LYS F 200 30.66 14.44 17.07
CA LYS F 200 31.35 15.06 15.92
C LYS F 200 32.80 15.42 16.27
N GLN F 201 33.00 16.06 17.42
CA GLN F 201 34.36 16.35 17.94
C GLN F 201 35.24 15.10 18.06
N ILE F 202 34.63 13.98 18.44
CA ILE F 202 35.32 12.69 18.58
C ILE F 202 35.73 12.13 17.21
N ARG F 203 34.79 12.08 16.27
CA ARG F 203 35.07 11.58 14.91
C ARG F 203 36.16 12.39 14.20
N ASP F 204 36.12 13.72 14.36
CA ASP F 204 37.17 14.58 13.82
C ASP F 204 38.54 14.25 14.40
N LYS F 205 38.60 14.05 15.71
CA LYS F 205 39.89 13.80 16.40
C LYS F 205 40.50 12.39 16.20
N PHE F 206 39.66 11.39 15.94
CA PHE F 206 40.11 9.97 15.87
C PHE F 206 39.84 9.20 14.57
N GLY F 207 38.86 9.66 13.78
CA GLY F 207 38.58 9.07 12.46
C GLY F 207 37.81 7.77 12.55
N ASP F 208 38.12 6.84 11.63
CA ASP F 208 37.49 5.52 11.60
C ASP F 208 38.03 4.53 12.63
N ALA F 209 39.06 4.92 13.39
CA ALA F 209 39.52 4.14 14.55
C ALA F 209 38.41 3.92 15.60
N VAL F 210 37.56 4.93 15.78
CA VAL F 210 36.43 4.88 16.72
C VAL F 210 35.14 4.68 15.94
N LYS F 211 34.58 3.48 16.04
CA LYS F 211 33.26 3.15 15.47
C LYS F 211 32.17 3.82 16.32
N ILE F 212 31.22 4.49 15.67
CA ILE F 212 30.14 5.21 16.36
C ILE F 212 28.77 4.76 15.85
N VAL F 213 28.05 4.03 16.68
CA VAL F 213 26.73 3.49 16.34
C VAL F 213 25.68 4.08 17.28
N GLY F 214 24.41 3.72 17.07
CA GLY F 214 23.31 4.24 17.87
C GLY F 214 22.16 3.29 18.05
N ILE F 215 21.28 3.63 19.00
CA ILE F 215 20.08 2.87 19.29
C ILE F 215 18.94 3.87 19.37
N ASN F 216 17.96 3.76 18.48
CA ASN F 216 16.75 4.59 18.53
C ASN F 216 15.68 3.85 19.34
N GLN F 217 15.46 4.31 20.58
CA GLN F 217 14.50 3.67 21.47
C GLN F 217 13.05 3.98 21.10
N ASP F 218 12.84 5.10 20.41
CA ASP F 218 11.50 5.44 19.90
C ASP F 218 11.04 4.55 18.74
N ARG F 219 11.99 3.95 18.00
CA ARG F 219 11.68 2.99 16.93
C ARG F 219 12.11 1.58 17.35
N ASN F 220 11.44 1.08 18.39
CA ASN F 220 11.67 -0.27 18.94
C ASN F 220 13.15 -0.71 18.96
N SER F 221 13.98 0.11 19.60
CA SER F 221 15.41 -0.14 19.82
C SER F 221 16.19 -0.44 18.53
N GLU F 222 15.90 0.31 17.47
CA GLU F 222 16.52 0.13 16.14
C GLU F 222 18.01 0.44 16.18
N PHE F 223 18.84 -0.53 15.78
CA PHE F 223 20.29 -0.35 15.69
C PHE F 223 20.63 0.49 14.45
N ILE F 224 21.52 1.46 14.62
CA ILE F 224 21.92 2.41 13.56
C ILE F 224 23.42 2.24 13.31
N ASP F 225 23.77 1.68 12.15
CA ASP F 225 25.17 1.34 11.85
C ASP F 225 26.03 2.53 11.43
N LYS F 226 25.46 3.48 10.68
CA LYS F 226 26.24 4.54 10.02
C LYS F 226 26.18 5.89 10.74
N PHE F 227 27.34 6.52 10.90
CA PHE F 227 27.52 7.78 11.66
C PHE F 227 26.57 8.90 11.24
N ASP F 228 26.35 9.08 9.95
CA ASP F 228 25.45 10.13 9.43
C ASP F 228 24.01 9.93 9.89
N ASP F 229 23.55 8.68 9.96
CA ASP F 229 22.21 8.35 10.45
C ASP F 229 22.07 8.55 11.96
N VAL F 230 23.16 8.38 12.70
CA VAL F 230 23.20 8.64 14.15
C VAL F 230 22.97 10.13 14.42
N ILE F 231 23.74 10.98 13.72
CA ILE F 231 23.65 12.43 13.90
C ILE F 231 22.24 12.95 13.61
N LYS F 232 21.51 12.32 12.68
CA LYS F 232 20.11 12.71 12.39
C LYS F 232 19.16 12.35 13.54
N MET F 233 19.29 11.12 14.06
CA MET F 233 18.49 10.62 15.19
C MET F 233 18.60 11.52 16.42
N LEU F 234 19.84 11.89 16.75
CA LEU F 234 20.15 12.69 17.93
C LEU F 234 19.76 14.16 17.78
N SER F 235 19.78 14.68 16.56
CA SER F 235 19.40 16.08 16.28
C SER F 235 17.93 16.17 16.64
N LEU F 236 17.64 16.76 17.82
CA LEU F 236 16.28 16.81 18.36
C LEU F 236 16.02 18.21 18.95
N GLY F 237 16.75 19.22 18.47
CA GLY F 237 16.56 20.62 18.86
C GLY F 237 17.75 21.24 19.56
N SER F 238 17.65 22.54 19.82
CA SER F 238 18.67 23.27 20.57
C SER F 238 18.46 23.07 22.06
N GLN F 239 19.44 23.49 22.85
CA GLN F 239 19.36 23.39 24.31
C GLN F 239 18.28 24.32 24.88
N GLU F 240 18.05 25.45 24.22
CA GLU F 240 16.95 26.36 24.58
C GLU F 240 15.60 25.69 24.38
N GLN F 241 15.43 25.00 23.24
CA GLN F 241 14.15 24.36 22.91
C GLN F 241 13.77 23.22 23.84
N ILE F 242 14.74 22.35 24.14
CA ILE F 242 14.49 21.15 24.95
C ILE F 242 14.25 21.53 26.41
N LEU F 243 15.10 22.41 26.94
CA LEU F 243 14.94 22.92 28.30
C LEU F 243 13.59 23.61 28.49
N GLY F 244 13.21 24.40 27.49
CA GLY F 244 11.89 25.04 27.45
C GLY F 244 10.74 24.05 27.51
N ARG F 245 10.83 23.00 26.70
CA ARG F 245 9.80 21.95 26.67
C ARG F 245 9.79 21.12 27.94
N LEU F 246 10.97 20.82 28.46
CA LEU F 246 11.10 20.05 29.70
C LEU F 246 10.58 20.86 30.91
N ALA F 247 10.89 22.16 30.93
CA ALA F 247 10.37 23.06 31.97
C ALA F 247 8.84 23.13 31.98
N GLU F 248 8.25 23.25 30.79
CA GLU F 248 6.79 23.27 30.66
C GLU F 248 6.18 21.95 31.06
N LYS F 249 6.84 20.85 30.67
CA LYS F 249 6.37 19.51 31.05
C LYS F 249 6.34 19.28 32.56
N ILE F 250 7.47 19.53 33.25
CA ILE F 250 7.56 19.21 34.68
C ILE F 250 6.64 20.11 35.53
N GLN F 251 6.46 21.36 35.08
CA GLN F 251 5.56 22.30 35.74
C GLN F 251 4.09 21.91 35.50
N SER F 252 3.76 21.50 34.28
CA SER F 252 2.42 20.97 33.97
C SER F 252 2.12 19.72 34.79
N ASP F 253 3.06 18.78 34.76
CA ASP F 253 2.92 17.50 35.49
C ASP F 253 2.66 17.72 36.98
N PHE F 254 3.36 18.68 37.58
CA PHE F 254 3.17 19.02 38.99
C PHE F 254 1.84 19.73 39.25
N ASP F 255 1.52 20.73 38.42
CA ASP F 255 0.26 21.49 38.53
C ASP F 255 -1.00 20.62 38.38
N SER F 256 -0.92 19.53 37.62
CA SER F 256 -2.03 18.58 37.44
C SER F 256 -1.91 17.29 38.29
N GLY F 257 -1.08 17.31 39.33
CA GLY F 257 -0.99 16.19 40.29
C GLY F 257 -0.47 14.86 39.76
N LYS F 258 0.30 14.89 38.67
CA LYS F 258 0.90 13.66 38.11
C LYS F 258 2.22 13.25 38.77
N ILE F 259 2.98 14.22 39.30
CA ILE F 259 4.19 13.96 40.10
C ILE F 259 4.18 14.77 41.40
N SER F 260 4.89 14.28 42.41
CA SER F 260 4.95 14.92 43.73
C SER F 260 5.83 16.17 43.73
N ARG F 261 5.80 16.91 44.84
CA ARG F 261 6.66 18.10 45.00
C ARG F 261 8.14 17.72 45.06
N GLU F 262 8.46 16.56 45.63
CA GLU F 262 9.84 16.05 45.68
C GLU F 262 10.35 15.65 44.30
N CYS F 263 9.50 14.99 43.51
CA CYS F 263 9.82 14.61 42.13
C CYS F 263 9.98 15.84 41.23
N PHE F 264 9.09 16.82 41.39
CA PHE F 264 9.19 18.12 40.71
C PHE F 264 10.50 18.87 41.06
N ASN F 265 10.91 18.81 42.33
CA ASN F 265 12.10 19.54 42.80
C ASN F 265 13.39 18.95 42.26
N GLN F 266 13.53 17.64 42.33
CA GLN F 266 14.71 16.97 41.78
C GLN F 266 14.86 17.17 40.27
N ALA F 267 13.74 17.18 39.56
CA ALA F 267 13.73 17.42 38.11
C ALA F 267 14.05 18.88 37.78
N LYS F 268 13.55 19.80 38.60
CA LYS F 268 13.86 21.22 38.47
C LYS F 268 15.34 21.46 38.68
N GLY F 269 15.90 20.86 39.72
CA GLY F 269 17.29 21.13 40.11
C GLY F 269 17.48 22.60 40.45
N SER F 270 18.61 23.15 40.03
CA SER F 270 18.93 24.55 40.25
C SER F 270 18.48 25.49 39.11
N MET F 271 17.59 25.04 38.22
CA MET F 271 17.02 25.91 37.18
C MET F 271 16.07 26.93 37.77
N ASP F 272 16.27 28.19 37.40
CA ASP F 272 15.26 29.21 37.61
C ASP F 272 14.22 29.08 36.48
N LEU F 273 13.07 28.46 36.82
CA LEU F 273 12.00 28.20 35.83
C LEU F 273 11.37 29.48 35.27
N GLU F 274 11.23 30.50 36.11
CA GLU F 274 10.73 31.81 35.68
C GLU F 274 11.55 32.35 34.50
N SER F 275 12.88 32.28 34.62
CA SER F 275 13.80 32.71 33.56
C SER F 275 13.67 31.93 32.24
N VAL F 276 13.35 30.63 32.33
CA VAL F 276 13.11 29.80 31.14
C VAL F 276 11.77 30.17 30.47
N PHE F 277 10.73 30.38 31.27
CA PHE F 277 9.41 30.75 30.74
C PHE F 277 9.38 32.16 30.13
N ALA F 278 10.24 33.06 30.62
CA ALA F 278 10.39 34.39 30.04
C ALA F 278 10.96 34.37 28.62
N LYS F 279 11.77 33.36 28.31
CA LYS F 279 12.39 33.20 26.97
C LYS F 279 11.46 32.60 25.90
N LYS F 280 10.33 32.02 26.30
CA LYS F 280 9.39 31.41 25.36
C LYS F 280 8.76 32.45 24.43
N GLU F 281 8.80 32.17 23.13
CA GLU F 281 8.25 33.06 22.10
C GLU F 281 6.81 32.68 21.77
N TYR F 282 5.98 33.68 21.52
CA TYR F 282 4.60 33.48 21.03
C TYR F 282 4.40 34.23 19.71
N SER F 283 5.43 34.27 18.87
CA SER F 283 5.50 35.18 17.72
C SER F 283 4.40 34.96 16.71
N GLN F 284 4.18 33.69 16.36
CA GLN F 284 3.21 33.31 15.33
C GLN F 284 1.93 32.72 15.95
N GLN F 285 1.50 33.28 17.09
CA GLN F 285 0.38 32.73 17.86
C GLN F 285 -0.65 33.79 18.27
N ARG F 286 -1.90 33.33 18.41
CA ARG F 286 -3.00 34.19 18.80
C ARG F 286 -4.09 33.42 19.54
N VAL F 287 -4.92 34.18 20.28
CA VAL F 287 -6.04 33.62 21.02
C VAL F 287 -7.33 34.31 20.55
N VAL F 288 -8.27 33.50 20.07
CA VAL F 288 -9.59 33.95 19.66
C VAL F 288 -10.57 33.59 20.77
N THR F 289 -11.33 34.58 21.25
CA THR F 289 -12.31 34.38 22.33
C THR F 289 -13.74 34.58 21.82
N ASN F 290 -14.68 33.90 22.47
CA ASN F 290 -16.11 34.10 22.20
C ASN F 290 -16.96 33.54 23.35
N SER F 291 -18.28 33.70 23.23
CA SER F 291 -19.23 33.22 24.23
C SER F 291 -19.10 31.72 24.60
N LYS F 292 -18.56 30.89 23.71
CA LYS F 292 -18.32 29.47 23.98
C LYS F 292 -17.00 29.19 24.73
N GLY F 293 -15.95 29.98 24.46
CA GLY F 293 -14.65 29.82 25.17
C GLY F 293 -13.47 30.53 24.52
N VAL F 294 -12.27 29.97 24.68
CA VAL F 294 -11.05 30.47 24.00
C VAL F 294 -10.37 29.38 23.17
N THR F 295 -9.63 29.79 22.15
CA THR F 295 -8.95 28.89 21.23
C THR F 295 -7.54 29.41 20.93
N LEU F 296 -6.52 28.57 21.16
CA LEU F 296 -5.14 28.90 20.78
C LEU F 296 -4.93 28.48 19.33
N GLU F 297 -4.31 29.37 18.54
CA GLU F 297 -4.08 29.16 17.11
C GLU F 297 -2.67 29.58 16.73
N THR F 298 -2.02 28.80 15.85
CA THR F 298 -0.68 29.09 15.33
C THR F 298 -0.78 29.32 13.81
N LYS F 299 -0.01 30.29 13.30
CA LYS F 299 0.07 30.57 11.85
C LYS F 299 1.33 29.92 11.28
N SER F 300 1.17 29.17 10.19
CA SER F 300 2.30 28.52 9.52
C SER F 300 2.87 29.43 8.42
N ALA F 301 3.94 28.97 7.75
CA ALA F 301 4.58 29.73 6.66
C ALA F 301 3.62 30.16 5.55
N ASN F 302 2.65 29.28 5.26
CA ASN F 302 1.56 29.55 4.29
C ASN F 302 0.50 30.60 4.71
N GLU F 303 0.68 31.24 5.88
CA GLU F 303 -0.24 32.25 6.41
C GLU F 303 -1.66 31.73 6.67
N LEU F 304 -1.74 30.51 7.21
CA LEU F 304 -3.02 29.88 7.58
C LEU F 304 -3.06 29.60 9.08
N TRP F 305 -4.03 30.21 9.76
CA TRP F 305 -4.26 29.94 11.18
C TRP F 305 -4.97 28.60 11.33
N SER F 306 -4.44 27.72 12.19
CA SER F 306 -5.06 26.44 12.51
C SER F 306 -5.08 26.19 14.02
N LYS F 307 -6.06 25.42 14.49
CA LYS F 307 -6.36 25.28 15.91
C LYS F 307 -5.41 24.32 16.62
N VAL F 308 -4.92 24.75 17.79
CA VAL F 308 -4.02 23.96 18.64
C VAL F 308 -4.76 23.41 19.86
N GLU F 309 -5.49 24.27 20.56
CA GLU F 309 -6.16 23.93 21.81
C GLU F 309 -7.43 24.77 21.95
N GLN F 310 -8.50 24.13 22.44
CA GLN F 310 -9.77 24.82 22.73
C GLN F 310 -10.12 24.58 24.20
N ILE F 311 -10.44 25.66 24.92
CA ILE F 311 -10.78 25.59 26.35
C ILE F 311 -12.15 26.22 26.54
N PRO F 312 -13.15 25.44 26.99
CA PRO F 312 -14.49 26.02 27.18
C PRO F 312 -14.58 26.93 28.42
N VAL F 313 -15.15 28.11 28.22
CA VAL F 313 -15.30 29.12 29.26
C VAL F 313 -16.61 29.86 28.98
N THR F 314 -17.27 30.33 30.04
CA THR F 314 -18.53 31.08 29.91
C THR F 314 -18.35 32.53 30.37
N GLY F 315 -19.00 33.45 29.63
CA GLY F 315 -19.08 34.87 30.01
C GLY F 315 -18.10 35.81 29.33
N MET F 316 -17.41 35.33 28.27
CA MET F 316 -16.39 36.14 27.57
C MET F 316 -16.96 36.70 26.27
N LYS F 317 -16.54 37.91 25.92
CA LYS F 317 -16.93 38.56 24.66
C LYS F 317 -15.96 38.20 23.54
N ALA F 318 -16.33 38.55 22.32
CA ALA F 318 -15.52 38.22 21.15
C ALA F 318 -14.23 39.04 21.14
N GLY F 319 -13.13 38.38 20.78
CA GLY F 319 -11.82 39.02 20.76
C GLY F 319 -10.76 38.23 20.01
N ILE F 320 -9.81 38.95 19.42
CA ILE F 320 -8.63 38.35 18.79
C ILE F 320 -7.40 39.01 19.42
N TYR F 321 -6.55 38.18 20.04
CA TYR F 321 -5.40 38.66 20.81
C TYR F 321 -4.13 38.05 20.28
N LEU F 322 -3.25 38.89 19.74
CA LEU F 322 -1.95 38.46 19.25
C LEU F 322 -1.00 38.34 20.43
N LEU F 323 -0.64 37.10 20.77
CA LEU F 323 0.18 36.82 21.95
C LEU F 323 1.63 37.31 21.81
N GLY F 324 2.16 37.30 20.59
CA GLY F 324 3.50 37.80 20.32
C GLY F 324 3.70 39.30 20.51
N GLN F 325 2.62 40.08 20.49
CA GLN F 325 2.67 41.53 20.69
C GLN F 325 2.21 41.97 22.08
N ALA F 326 2.22 41.07 23.05
CA ALA F 326 1.90 41.41 24.44
C ALA F 326 3.06 42.15 25.06
N LYS F 327 2.75 43.05 26.01
CA LYS F 327 3.76 43.81 26.72
C LYS F 327 4.19 43.03 27.96
N LYS F 328 5.49 42.97 28.22
CA LYS F 328 6.00 42.31 29.42
C LYS F 328 5.64 43.16 30.63
N ALA F 329 5.00 42.55 31.62
CA ALA F 329 4.66 43.23 32.86
C ALA F 329 5.92 43.72 33.57
N GLU F 330 5.92 44.99 33.95
CA GLU F 330 7.00 45.56 34.78
C GLU F 330 6.73 45.25 36.24
N THR F 331 7.77 44.87 36.97
CA THR F 331 7.65 44.49 38.38
C THR F 331 7.41 45.72 39.27
N GLY F 332 6.66 45.52 40.35
CA GLY F 332 6.24 46.61 41.22
C GLY F 332 5.17 47.49 40.60
N GLN F 333 4.28 46.88 39.83
CA GLN F 333 3.13 47.58 39.24
C GLN F 333 1.93 46.65 39.19
N THR F 334 0.74 47.23 39.33
CA THR F 334 -0.51 46.48 39.34
C THR F 334 -1.19 46.60 37.99
N TYR F 335 -1.58 45.46 37.43
CA TYR F 335 -2.30 45.38 36.15
C TYR F 335 -3.69 44.81 36.39
N SER F 336 -4.73 45.54 35.99
CA SER F 336 -6.13 45.17 36.21
C SER F 336 -6.81 44.80 34.89
N GLY F 337 -7.51 43.66 34.88
CA GLY F 337 -8.24 43.23 33.68
C GLY F 337 -8.51 41.74 33.59
N GLU F 338 -9.22 41.35 32.53
CA GLU F 338 -9.64 39.96 32.32
C GLU F 338 -8.51 39.08 31.76
N ILE F 339 -8.40 37.87 32.30
CA ILE F 339 -7.42 36.88 31.83
C ILE F 339 -7.99 36.20 30.59
N ILE F 340 -7.31 36.36 29.45
CA ILE F 340 -7.75 35.82 28.16
C ILE F 340 -7.09 34.48 27.81
N TYR F 341 -5.87 34.25 28.30
CA TYR F 341 -5.20 32.96 28.11
C TYR F 341 -4.13 32.69 29.16
N LYS F 342 -3.96 31.40 29.46
CA LYS F 342 -3.04 30.92 30.48
C LYS F 342 -2.45 29.59 30.02
N ASP F 343 -1.19 29.35 30.35
CA ASP F 343 -0.56 28.03 30.13
C ASP F 343 0.54 27.78 31.19
N ALA F 344 1.49 26.89 30.90
CA ALA F 344 2.56 26.56 31.86
C ALA F 344 3.59 27.68 32.01
N ALA F 345 3.78 28.49 30.96
CA ALA F 345 4.81 29.54 30.93
C ALA F 345 4.30 30.96 31.22
N ALA F 346 3.13 31.30 30.69
CA ALA F 346 2.65 32.68 30.72
C ALA F 346 1.21 32.80 31.14
N VAL F 347 0.84 34.01 31.57
CA VAL F 347 -0.55 34.40 31.84
C VAL F 347 -0.81 35.69 31.09
N PHE F 348 -1.80 35.68 30.19
CA PHE F 348 -2.12 36.82 29.33
C PHE F 348 -3.38 37.54 29.81
N GLN F 349 -3.30 38.87 29.90
CA GLN F 349 -4.33 39.70 30.53
C GLN F 349 -4.60 40.94 29.69
N LYS F 350 -5.85 41.15 29.28
CA LYS F 350 -6.24 42.40 28.63
C LYS F 350 -6.43 43.47 29.69
N THR F 351 -5.55 44.46 29.68
CA THR F 351 -5.76 45.70 30.44
C THR F 351 -6.28 46.78 29.48
N LYS F 352 -6.59 47.95 30.04
CA LYS F 352 -6.99 49.13 29.23
C LYS F 352 -5.85 49.73 28.42
N ASN F 353 -4.59 49.41 28.76
CA ASN F 353 -3.42 49.80 27.98
C ASN F 353 -2.88 48.63 27.13
N GLY F 354 -3.77 47.78 26.61
CA GLY F 354 -3.39 46.65 25.78
C GLY F 354 -3.14 45.34 26.50
N LEU F 355 -2.77 44.32 25.72
CA LEU F 355 -2.54 42.96 26.22
C LEU F 355 -1.21 42.89 26.96
N VAL F 356 -1.25 42.36 28.19
CA VAL F 356 -0.08 42.24 29.07
C VAL F 356 0.26 40.76 29.29
N ARG F 357 1.56 40.47 29.37
CA ARG F 357 2.06 39.11 29.64
C ARG F 357 2.77 39.07 30.98
N HIS F 358 2.31 38.15 31.84
CA HIS F 358 2.98 37.86 33.10
C HIS F 358 3.66 36.50 33.00
N ASN F 359 4.79 36.33 33.66
CA ASN F 359 5.37 34.99 33.83
C ASN F 359 4.46 34.19 34.75
N ALA F 360 4.26 32.91 34.44
CA ALA F 360 3.39 32.05 35.24
C ALA F 360 3.95 31.79 36.63
N THR F 361 5.28 31.93 36.79
CA THR F 361 5.95 31.85 38.08
C THR F 361 6.60 33.20 38.40
N HIS F 362 6.55 33.58 39.68
CA HIS F 362 7.16 34.81 40.17
C HIS F 362 7.89 34.53 41.49
N ASN F 363 9.23 34.47 41.44
CA ASN F 363 10.10 34.18 42.61
C ASN F 363 9.71 32.86 43.31
N GLU F 364 9.69 31.79 42.53
CA GLU F 364 9.31 30.45 43.00
C GLU F 364 7.89 30.38 43.62
N GLU F 365 7.01 31.28 43.18
CA GLU F 365 5.63 31.35 43.64
C GLU F 365 4.77 31.39 42.39
N ARG F 366 3.75 30.54 42.36
CA ARG F 366 3.04 30.21 41.12
C ARG F 366 1.81 31.12 40.89
N LEU F 367 1.88 31.96 39.86
CA LEU F 367 0.79 32.89 39.52
C LEU F 367 -0.38 32.22 38.80
N ALA F 368 -0.09 31.22 37.96
CA ALA F 368 -1.10 30.62 37.07
C ALA F 368 -2.29 30.00 37.81
N LYS F 369 -2.01 29.26 38.88
CA LYS F 369 -3.07 28.61 39.68
C LYS F 369 -3.97 29.60 40.44
N LEU F 370 -3.49 30.84 40.63
CA LEU F 370 -4.25 31.88 41.35
C LEU F 370 -5.29 32.62 40.52
N VAL F 371 -5.33 32.40 39.20
CA VAL F 371 -6.29 33.06 38.30
C VAL F 371 -6.93 32.06 37.34
N GLU F 372 -8.06 32.46 36.76
CA GLU F 372 -8.77 31.64 35.77
C GLU F 372 -9.00 32.43 34.48
N ILE F 373 -9.06 31.72 33.35
CA ILE F 373 -9.37 32.33 32.06
C ILE F 373 -10.81 32.79 32.10
N GLY F 374 -11.05 34.03 31.68
CA GLY F 374 -12.34 34.70 31.82
C GLY F 374 -12.46 35.59 33.05
N GLN F 375 -11.65 35.34 34.08
CA GLN F 375 -11.75 36.01 35.36
C GLN F 375 -11.11 37.39 35.32
N ASN F 376 -11.81 38.39 35.86
CA ASN F 376 -11.32 39.77 35.96
C ASN F 376 -10.55 39.90 37.27
N VAL F 377 -9.25 40.17 37.16
CA VAL F 377 -8.37 40.24 38.34
C VAL F 377 -7.39 41.41 38.22
N SER F 378 -6.83 41.80 39.37
CA SER F 378 -5.66 42.67 39.44
C SER F 378 -4.46 41.83 39.89
N ILE F 379 -3.33 41.98 39.19
CA ILE F 379 -2.09 41.27 39.52
C ILE F 379 -0.98 42.29 39.81
N GLY F 380 -0.51 42.33 41.05
CA GLY F 380 0.62 43.17 41.45
C GLY F 380 1.62 42.37 42.27
N SER F 381 2.77 42.97 42.55
CA SER F 381 3.79 42.33 43.39
C SER F 381 4.43 43.36 44.32
N ASN F 382 4.17 43.24 45.62
CA ASN F 382 4.77 44.09 46.64
C ASN F 382 5.90 43.34 47.36
N LYS F 383 7.13 43.78 47.11
CA LYS F 383 8.33 43.27 47.78
C LYS F 383 8.55 41.78 47.53
N GLY F 384 8.55 41.40 46.26
CA GLY F 384 8.72 40.01 45.84
C GLY F 384 7.63 39.03 46.25
N LYS F 385 6.43 39.54 46.55
CA LYS F 385 5.29 38.73 46.95
C LYS F 385 4.05 39.13 46.15
N LEU F 386 3.40 38.16 45.53
CA LEU F 386 2.25 38.41 44.65
C LEU F 386 1.02 38.90 45.41
N ILE F 387 0.28 39.82 44.78
CA ILE F 387 -1.00 40.30 45.28
C ILE F 387 -2.03 40.15 44.17
N VAL F 388 -2.83 39.08 44.22
CA VAL F 388 -3.92 38.88 43.25
C VAL F 388 -5.26 39.12 43.93
N LYS F 389 -6.01 40.11 43.43
CA LYS F 389 -7.37 40.39 43.89
C LYS F 389 -8.35 40.15 42.78
N SER F 390 -9.49 39.56 43.10
CA SER F 390 -10.64 39.52 42.18
C SER F 390 -11.24 40.92 42.00
N LEU F 391 -11.75 41.20 40.80
CA LEU F 391 -12.48 42.43 40.51
C LEU F 391 -13.90 42.15 40.02
N GLU F 392 -14.36 40.90 40.17
CA GLU F 392 -15.69 40.50 39.70
C GLU F 392 -16.76 41.20 40.52
N TYR F 393 -17.82 41.65 39.85
CA TYR F 393 -18.92 42.36 40.49
C TYR F 393 -20.24 42.18 39.73
N SER F 394 -21.32 42.67 40.31
CA SER F 394 -22.64 42.66 39.68
C SER F 394 -23.41 43.93 40.04
N ALA F 395 -23.93 44.62 39.03
CA ALA F 395 -24.64 45.89 39.23
C ALA F 395 -25.62 46.18 38.09
N GLN G 7 -21.87 7.43 -6.25
CA GLN G 7 -21.34 8.03 -4.99
C GLN G 7 -20.30 9.12 -5.27
N GLU G 8 -19.47 8.93 -6.30
CA GLU G 8 -18.65 10.02 -6.87
C GLU G 8 -19.39 10.67 -8.05
N SER G 9 -19.27 11.98 -8.19
CA SER G 9 -19.96 12.72 -9.26
C SER G 9 -19.30 12.52 -10.62
N ASN G 10 -20.02 12.87 -11.68
CA ASN G 10 -19.49 12.85 -13.05
C ASN G 10 -18.22 13.72 -13.21
N ALA G 11 -18.16 14.84 -12.49
CA ALA G 11 -17.01 15.74 -12.52
C ALA G 11 -15.76 15.11 -11.92
N ILE G 12 -15.93 14.43 -10.78
CA ILE G 12 -14.79 13.80 -10.08
C ILE G 12 -14.24 12.63 -10.92
N ARG G 13 -15.10 11.87 -11.58
CA ARG G 13 -14.64 10.84 -12.53
C ARG G 13 -13.90 11.49 -13.71
N MET G 14 -14.48 12.55 -14.25
CA MET G 14 -13.89 13.32 -15.36
C MET G 14 -12.44 13.78 -15.06
N ILE G 15 -12.21 14.23 -13.82
CA ILE G 15 -10.89 14.70 -13.40
C ILE G 15 -9.91 13.52 -13.26
N LYS G 16 -10.35 12.45 -12.62
CA LYS G 16 -9.53 11.23 -12.48
C LYS G 16 -9.16 10.61 -13.83
N GLU G 17 -10.10 10.59 -14.78
CA GLU G 17 -9.83 10.14 -16.14
C GLU G 17 -8.79 11.02 -16.84
N ALA G 18 -8.85 12.32 -16.58
CA ALA G 18 -7.86 13.28 -17.10
C ALA G 18 -6.47 13.07 -16.48
N CYS G 19 -6.43 12.67 -15.21
CA CYS G 19 -5.17 12.32 -14.53
C CYS G 19 -4.48 11.07 -15.10
N GLU G 20 -5.26 10.08 -15.53
CA GLU G 20 -4.72 8.89 -16.22
C GLU G 20 -4.02 9.27 -17.53
N LYS G 21 -4.60 10.22 -18.25
CA LYS G 21 -4.02 10.68 -19.52
C LYS G 21 -2.81 11.60 -19.33
N ASN G 22 -2.72 12.28 -18.19
CA ASN G 22 -1.50 13.01 -17.82
C ASN G 22 -0.31 12.06 -17.62
N ARG G 23 -0.57 10.87 -17.07
CA ARG G 23 0.45 9.83 -16.94
C ARG G 23 0.77 9.17 -18.29
N ARG G 24 -0.24 9.03 -19.14
CA ARG G 24 -0.04 8.53 -20.52
C ARG G 24 0.80 9.49 -21.39
N MET G 25 0.79 10.79 -21.06
CA MET G 25 1.68 11.77 -21.70
C MET G 25 3.16 11.51 -21.40
N MET G 26 3.47 11.09 -20.17
CA MET G 26 4.85 10.88 -19.74
C MET G 26 5.54 9.72 -20.45
N THR G 27 4.84 8.59 -20.58
CA THR G 27 5.38 7.40 -21.27
C THR G 27 5.34 7.59 -22.79
N ASP G 28 4.15 7.86 -23.33
CA ASP G 28 3.94 8.03 -24.77
C ASP G 28 4.31 9.46 -25.20
N GLU G 29 5.42 9.59 -25.93
CA GLU G 29 5.92 10.91 -26.36
C GLU G 29 5.22 11.44 -27.63
N ALA G 30 4.66 10.55 -28.44
CA ALA G 30 3.86 10.93 -29.61
C ALA G 30 2.52 11.57 -29.21
N PHE G 31 1.91 11.00 -28.17
CA PHE G 31 0.66 11.52 -27.60
C PHE G 31 0.83 12.94 -27.02
N ARG G 32 1.91 13.16 -26.28
CA ARG G 32 2.21 14.46 -25.65
C ARG G 32 2.45 15.58 -26.67
N LYS G 33 3.09 15.25 -27.78
CA LYS G 33 3.32 16.22 -28.87
C LYS G 33 2.03 16.65 -29.56
N GLU G 34 1.11 15.70 -29.77
CA GLU G 34 -0.18 15.98 -30.44
C GLU G 34 -1.12 16.88 -29.61
N VAL G 35 -1.08 16.72 -28.28
CA VAL G 35 -1.87 17.56 -27.36
C VAL G 35 -1.30 18.97 -27.32
N GLU G 36 0.01 19.08 -27.08
CA GLU G 36 0.69 20.37 -26.95
C GLU G 36 0.87 21.14 -28.28
N LYS G 37 0.70 20.44 -29.41
CA LYS G 37 0.65 21.07 -30.74
C LYS G 37 -0.54 22.04 -30.88
N ARG G 38 -1.73 21.55 -30.52
CA ARG G 38 -2.97 22.32 -30.61
C ARG G 38 -3.02 23.48 -29.62
N LEU G 39 -2.82 23.17 -28.34
CA LEU G 39 -3.02 24.10 -27.23
C LEU G 39 -2.47 25.50 -27.46
N TYR G 40 -1.18 25.56 -27.76
CA TYR G 40 -0.44 26.84 -27.84
C TYR G 40 0.08 27.12 -29.24
N ALA G 41 -0.80 26.97 -30.22
CA ALA G 41 -0.55 27.37 -31.62
C ALA G 41 -0.97 28.83 -31.80
N GLY G 42 -2.22 29.11 -31.46
CA GLY G 42 -2.87 30.39 -31.73
C GLY G 42 -4.24 30.11 -32.32
N PRO G 43 -4.90 31.15 -32.86
CA PRO G 43 -6.19 30.94 -33.53
C PRO G 43 -6.06 30.18 -34.86
N SER G 44 -7.14 29.52 -35.27
CA SER G 44 -7.21 28.83 -36.57
C SER G 44 -7.25 29.85 -37.73
N PRO G 45 -6.75 29.47 -38.93
CA PRO G 45 -6.92 30.30 -40.14
C PRO G 45 -8.38 30.67 -40.48
N GLU G 46 -9.31 29.76 -40.21
CA GLU G 46 -10.75 30.04 -40.35
C GLU G 46 -11.22 31.15 -39.39
N LEU G 47 -10.84 31.01 -38.11
CA LEU G 47 -11.18 32.01 -37.08
C LEU G 47 -10.45 33.35 -37.28
N LEU G 48 -9.20 33.29 -37.76
CA LEU G 48 -8.39 34.49 -37.99
C LEU G 48 -8.94 35.37 -39.13
N ALA G 49 -9.52 34.73 -40.15
CA ALA G 49 -10.19 35.44 -41.24
C ALA G 49 -11.41 36.25 -40.76
N LYS G 50 -12.15 35.66 -39.83
CA LYS G 50 -13.31 36.33 -39.19
C LYS G 50 -12.84 37.49 -38.33
N LEU G 51 -11.80 37.23 -37.52
CA LEU G 51 -11.19 38.22 -36.63
C LEU G 51 -10.63 39.44 -37.37
N ARG G 52 -9.92 39.20 -38.47
CA ARG G 52 -9.39 40.29 -39.31
C ARG G 52 -10.49 41.21 -39.85
N VAL G 53 -11.63 40.63 -40.20
CA VAL G 53 -12.80 41.40 -40.61
C VAL G 53 -13.41 42.14 -39.40
N LEU G 54 -13.47 41.48 -38.26
CA LEU G 54 -13.97 42.12 -37.02
C LEU G 54 -13.08 43.28 -36.55
N TRP G 55 -11.76 43.13 -36.66
CA TRP G 55 -10.81 44.18 -36.26
C TRP G 55 -10.81 45.34 -37.24
N ALA G 56 -10.75 45.02 -38.53
CA ALA G 56 -10.69 46.02 -39.61
C ALA G 56 -11.95 46.88 -39.67
N ALA G 57 -13.10 46.25 -39.48
CA ALA G 57 -14.39 46.94 -39.48
C ALA G 57 -14.56 48.00 -38.39
N ASN G 58 -13.77 47.92 -37.32
CA ASN G 58 -13.91 48.83 -36.17
C ASN G 58 -12.60 49.50 -35.78
N LYS G 59 -12.29 50.61 -36.46
CA LYS G 59 -11.13 51.45 -36.14
C LYS G 59 -11.59 52.91 -36.08
N MET H 1 -25.61 45.06 -27.10
CA MET H 1 -26.62 43.95 -26.98
C MET H 1 -26.40 43.15 -25.69
N VAL H 2 -25.18 42.62 -25.53
CA VAL H 2 -24.72 42.00 -24.28
C VAL H 2 -23.61 42.88 -23.71
N LYS H 3 -23.78 43.37 -22.49
CA LYS H 3 -22.82 44.28 -21.88
C LYS H 3 -21.86 43.54 -20.97
N LEU H 4 -20.66 44.09 -20.80
CA LEU H 4 -19.64 43.51 -19.93
C LEU H 4 -20.13 43.42 -18.48
N SER H 5 -19.71 42.38 -17.79
CA SER H 5 -20.20 42.11 -16.43
C SER H 5 -19.69 43.13 -15.41
N SER H 6 -18.50 43.67 -15.63
CA SER H 6 -17.87 44.63 -14.70
C SER H 6 -17.03 45.65 -15.46
N ASP H 7 -16.52 46.64 -14.75
CA ASP H 7 -15.61 47.63 -15.34
C ASP H 7 -14.19 47.07 -15.44
N ILE H 8 -13.50 47.39 -16.52
CA ILE H 8 -12.13 46.91 -16.75
C ILE H 8 -11.19 47.86 -16.02
N ASN H 9 -10.40 47.32 -15.09
CA ASN H 9 -9.49 48.13 -14.29
C ASN H 9 -8.29 48.59 -15.10
N LEU H 10 -7.98 49.88 -15.03
CA LEU H 10 -6.81 50.44 -15.73
C LEU H 10 -5.55 50.18 -14.93
N ARG H 11 -4.53 49.64 -15.59
CA ARG H 11 -3.18 49.59 -15.02
C ARG H 11 -2.48 50.89 -15.38
N ASP H 12 -1.60 51.36 -14.49
CA ASP H 12 -0.80 52.55 -14.73
C ASP H 12 0.53 52.14 -15.37
N PHE H 13 0.72 52.48 -16.64
CA PHE H 13 1.97 52.18 -17.36
C PHE H 13 2.97 53.36 -17.38
N GLY H 14 2.50 54.56 -17.04
CA GLY H 14 3.36 55.71 -16.86
C GLY H 14 3.88 56.29 -18.16
N ASN H 15 5.21 56.28 -18.33
CA ASN H 15 5.86 56.84 -19.52
C ASN H 15 5.87 55.91 -20.75
N ASN H 16 5.62 54.62 -20.53
CA ASN H 16 5.45 53.67 -21.64
C ASN H 16 4.17 54.05 -22.43
N GLU H 17 4.38 54.84 -23.49
CA GLU H 17 3.28 55.36 -24.31
C GLU H 17 2.61 54.24 -25.13
N TYR H 18 3.42 53.27 -25.56
CA TYR H 18 2.96 52.14 -26.37
C TYR H 18 1.88 51.30 -25.65
N LEU H 19 2.25 50.77 -24.48
CA LEU H 19 1.33 49.93 -23.69
C LEU H 19 0.07 50.67 -23.26
N SER H 20 0.21 51.95 -22.93
CA SER H 20 -0.92 52.78 -22.52
C SER H 20 -2.01 52.85 -23.59
N SER H 21 -1.61 52.90 -24.85
CA SER H 21 -2.54 52.92 -26.00
C SER H 21 -3.06 51.53 -26.37
N VAL H 22 -2.21 50.50 -26.20
CA VAL H 22 -2.66 49.10 -26.35
C VAL H 22 -3.77 48.79 -25.34
N GLN H 23 -3.64 49.28 -24.11
CA GLN H 23 -4.67 49.13 -23.09
C GLN H 23 -5.99 49.81 -23.48
N ASP H 24 -5.91 51.02 -24.04
CA ASP H 24 -7.11 51.75 -24.42
C ASP H 24 -7.81 51.13 -25.64
N GLU H 25 -7.03 50.68 -26.63
CA GLU H 25 -7.57 49.95 -27.79
C GLU H 25 -8.23 48.63 -27.37
N ALA H 26 -7.64 47.95 -26.38
CA ALA H 26 -8.19 46.70 -25.85
C ALA H 26 -9.49 46.92 -25.09
N ILE H 27 -9.51 47.89 -24.18
CA ILE H 27 -10.71 48.23 -23.42
C ILE H 27 -11.85 48.66 -24.36
N ARG H 28 -11.52 49.44 -25.39
CA ARG H 28 -12.54 49.94 -26.32
C ARG H 28 -13.13 48.78 -27.12
N PHE H 29 -12.27 47.92 -27.65
CA PHE H 29 -12.65 46.75 -28.42
C PHE H 29 -13.59 45.83 -27.61
N ALA H 30 -13.16 45.47 -26.40
CA ALA H 30 -13.93 44.58 -25.51
C ALA H 30 -15.28 45.15 -25.08
N THR H 31 -15.33 46.46 -24.80
CA THR H 31 -16.58 47.12 -24.41
C THR H 31 -17.56 47.28 -25.57
N GLU H 32 -17.05 47.70 -26.73
CA GLU H 32 -17.89 48.02 -27.88
C GLU H 32 -18.27 46.81 -28.75
N GLN H 33 -17.39 45.83 -28.86
CA GLN H 33 -17.65 44.64 -29.67
C GLN H 33 -17.85 43.39 -28.82
N THR H 34 -18.46 43.55 -27.64
CA THR H 34 -18.66 42.46 -26.69
C THR H 34 -19.41 41.30 -27.36
N ASP H 35 -20.52 41.65 -28.03
CA ASP H 35 -21.43 40.66 -28.60
C ASP H 35 -20.76 39.75 -29.62
N GLU H 36 -19.97 40.34 -30.52
CA GLU H 36 -19.29 39.59 -31.58
C GLU H 36 -18.01 38.88 -31.11
N ILE H 37 -17.37 39.41 -30.07
CA ILE H 37 -16.21 38.73 -29.45
C ILE H 37 -16.64 37.43 -28.79
N LEU H 38 -17.74 37.46 -28.03
CA LEU H 38 -18.26 36.28 -27.37
C LEU H 38 -18.70 35.21 -28.36
N SER H 39 -19.30 35.64 -29.46
CA SER H 39 -19.76 34.73 -30.52
C SER H 39 -18.60 33.99 -31.19
N LEU H 40 -17.51 34.71 -31.45
CA LEU H 40 -16.29 34.09 -32.00
C LEU H 40 -15.63 33.16 -30.98
N TYR H 41 -15.63 33.53 -29.71
CA TYR H 41 -15.13 32.67 -28.65
C TYR H 41 -15.88 31.34 -28.63
N SER H 42 -17.21 31.43 -28.59
CA SER H 42 -18.08 30.26 -28.46
C SER H 42 -18.02 29.36 -29.68
N GLN H 43 -18.44 29.90 -30.82
CA GLN H 43 -18.70 29.08 -32.01
C GLN H 43 -17.47 28.66 -32.80
N HIS H 44 -16.32 29.31 -32.60
CA HIS H 44 -15.18 29.14 -33.51
C HIS H 44 -13.82 28.76 -32.88
N ALA H 45 -13.50 29.25 -31.70
CA ALA H 45 -12.25 28.86 -31.01
C ALA H 45 -12.41 27.47 -30.37
N ASP H 46 -11.31 26.92 -29.84
CA ASP H 46 -11.29 25.56 -29.27
C ASP H 46 -11.76 25.52 -27.78
N THR H 47 -13.03 25.89 -27.58
CA THR H 47 -13.57 26.23 -26.25
C THR H 47 -14.82 25.43 -25.83
N GLU H 48 -15.03 24.25 -26.42
CA GLU H 48 -16.22 23.43 -26.20
C GLU H 48 -17.53 24.22 -26.36
N GLY H 49 -17.64 24.95 -27.48
CA GLY H 49 -18.81 25.80 -27.73
C GLY H 49 -18.94 26.99 -26.79
N GLY H 50 -17.81 27.44 -26.23
CA GLY H 50 -17.78 28.49 -25.21
C GLY H 50 -18.01 28.07 -23.76
N ARG H 51 -17.85 26.78 -23.45
CA ARG H 51 -18.06 26.27 -22.09
C ARG H 51 -16.76 26.16 -21.29
N TYR H 52 -15.65 25.95 -21.97
CA TYR H 52 -14.32 26.19 -21.38
C TYR H 52 -14.12 27.70 -21.41
N VAL H 53 -14.07 28.32 -20.23
CA VAL H 53 -13.96 29.76 -20.11
C VAL H 53 -12.64 30.11 -19.45
N CYS H 54 -11.91 31.05 -20.04
CA CYS H 54 -10.52 31.31 -19.69
C CYS H 54 -10.11 32.68 -20.25
N ALA H 55 -9.43 33.48 -19.44
CA ALA H 55 -8.94 34.78 -19.89
C ALA H 55 -7.81 34.69 -20.93
N ASP H 56 -7.05 33.59 -20.92
CA ASP H 56 -5.92 33.41 -21.85
C ASP H 56 -6.39 33.16 -23.27
N THR H 57 -7.40 32.32 -23.43
CA THR H 57 -8.01 32.05 -24.73
C THR H 57 -8.68 33.31 -25.33
N PHE H 58 -9.23 34.17 -24.48
CA PHE H 58 -9.79 35.46 -24.95
C PHE H 58 -8.73 36.43 -25.51
N LYS H 59 -7.48 36.33 -25.05
CA LYS H 59 -6.40 37.19 -25.56
C LYS H 59 -6.15 37.01 -27.06
N GLU H 60 -6.33 35.78 -27.55
CA GLU H 60 -6.20 35.44 -28.98
C GLU H 60 -7.15 36.21 -29.90
N LEU H 61 -8.27 36.69 -29.35
CA LEU H 61 -9.23 37.49 -30.11
C LEU H 61 -8.87 38.98 -30.19
N PHE H 62 -7.81 39.41 -29.50
CA PHE H 62 -7.34 40.79 -29.57
C PHE H 62 -6.32 40.94 -30.70
N PRO H 63 -6.37 42.06 -31.47
CA PRO H 63 -5.43 42.29 -32.58
C PRO H 63 -3.97 42.33 -32.15
N ALA H 64 -3.69 43.03 -31.05
CA ALA H 64 -2.33 43.14 -30.49
C ALA H 64 -1.66 41.79 -30.22
N PHE H 65 -2.46 40.77 -29.91
CA PHE H 65 -1.96 39.44 -29.55
C PHE H 65 -1.65 38.50 -30.74
N GLU H 66 -1.86 38.96 -31.99
CA GLU H 66 -1.68 38.10 -33.18
C GLU H 66 -0.24 37.60 -33.39
N ASN H 67 0.72 38.53 -33.36
CA ASN H 67 2.14 38.19 -33.55
C ASN H 67 2.72 37.49 -32.34
N LYS H 68 3.39 36.36 -32.58
CA LYS H 68 4.10 35.61 -31.55
C LYS H 68 5.05 36.49 -30.72
N GLU H 69 5.81 37.35 -31.39
CA GLU H 69 6.86 38.15 -30.74
C GLU H 69 6.34 39.39 -29.97
N ASP H 70 5.03 39.64 -29.98
CA ASP H 70 4.41 40.75 -29.23
C ASP H 70 3.69 40.33 -27.95
N ARG H 71 3.44 39.04 -27.78
CA ARG H 71 2.48 38.56 -26.79
C ARG H 71 2.90 38.82 -25.34
N ALA H 72 4.16 38.55 -25.03
CA ALA H 72 4.72 38.82 -23.69
C ALA H 72 4.69 40.30 -23.35
N THR H 73 4.98 41.13 -24.35
CA THR H 73 4.99 42.59 -24.21
C THR H 73 3.60 43.15 -23.94
N VAL H 74 2.62 42.73 -24.73
CA VAL H 74 1.25 43.29 -24.65
C VAL H 74 0.31 42.65 -23.62
N ASN H 75 0.72 41.54 -23.00
CA ASN H 75 -0.15 40.75 -22.11
C ASN H 75 -0.79 41.54 -20.96
N ASN H 76 0.02 42.30 -20.23
CA ASN H 76 -0.47 43.05 -19.06
C ASN H 76 -1.41 44.19 -19.46
N ALA H 77 -1.25 44.72 -20.67
CA ALA H 77 -2.10 45.80 -21.18
C ALA H 77 -3.49 45.32 -21.59
N ILE H 78 -3.55 44.13 -22.19
CA ILE H 78 -4.83 43.54 -22.64
C ILE H 78 -5.51 42.61 -21.62
N HIS H 79 -4.79 42.20 -20.56
CA HIS H 79 -5.27 41.14 -19.66
C HIS H 79 -6.63 41.40 -19.03
N ASN H 80 -6.77 42.54 -18.38
CA ASN H 80 -8.00 42.87 -17.65
C ASN H 80 -9.23 42.86 -18.56
N SER H 81 -9.08 43.37 -19.79
CA SER H 81 -10.15 43.28 -20.80
C SER H 81 -10.51 41.82 -21.11
N ALA H 82 -9.49 40.98 -21.28
CA ALA H 82 -9.71 39.55 -21.50
C ALA H 82 -10.38 38.87 -20.29
N ALA H 83 -9.95 39.24 -19.09
CA ALA H 83 -10.48 38.66 -17.85
C ALA H 83 -11.95 39.01 -17.61
N VAL H 84 -12.33 40.24 -17.94
CA VAL H 84 -13.71 40.73 -17.78
C VAL H 84 -14.61 40.12 -18.86
N LEU H 85 -14.06 39.91 -20.06
CA LEU H 85 -14.75 39.15 -21.12
C LEU H 85 -15.02 37.70 -20.69
N SER H 86 -14.05 37.08 -20.02
CA SER H 86 -14.23 35.72 -19.49
C SER H 86 -15.29 35.70 -18.39
N SER H 87 -15.34 36.75 -17.58
CA SER H 87 -16.38 36.88 -16.55
C SER H 87 -17.75 37.05 -17.18
N THR H 88 -17.82 37.87 -18.22
CA THR H 88 -19.05 38.09 -18.98
C THR H 88 -19.53 36.78 -19.61
N GLN H 89 -18.62 36.09 -20.28
CA GLN H 89 -18.87 34.77 -20.87
C GLN H 89 -19.33 33.73 -19.84
N PHE H 90 -18.72 33.73 -18.67
CA PHE H 90 -19.16 32.90 -17.53
C PHE H 90 -20.65 33.14 -17.23
N ASP H 91 -21.04 34.41 -17.13
CA ASP H 91 -22.42 34.79 -16.81
C ASP H 91 -23.42 34.38 -17.91
N GLU H 92 -23.01 34.53 -19.18
CA GLU H 92 -23.88 34.17 -20.31
C GLU H 92 -24.12 32.67 -20.46
N VAL H 93 -23.14 31.85 -20.05
CA VAL H 93 -23.29 30.39 -20.03
C VAL H 93 -24.27 29.97 -18.92
N LEU H 94 -24.23 30.66 -17.77
CA LEU H 94 -25.18 30.40 -16.68
C LEU H 94 -26.63 30.76 -17.02
N LYS H 95 -26.83 31.73 -17.90
CA LYS H 95 -28.19 32.11 -18.33
C LYS H 95 -28.87 31.07 -19.23
N ARG H 96 -28.10 30.34 -20.02
CA ARG H 96 -28.65 29.27 -20.87
C ARG H 96 -29.44 28.26 -20.01
N ASP H 97 -30.75 28.21 -20.19
CA ASP H 97 -31.60 27.25 -19.48
C ASP H 97 -31.35 25.83 -20.00
N GLU H 98 -30.60 25.05 -19.22
CA GLU H 98 -30.18 23.71 -19.61
C GLU H 98 -30.26 22.79 -18.37
N PRO H 99 -31.48 22.33 -18.02
CA PRO H 99 -31.73 21.54 -16.80
C PRO H 99 -30.82 20.31 -16.60
N GLN H 100 -30.44 19.66 -17.69
CA GLN H 100 -29.52 18.53 -17.64
C GLN H 100 -28.08 18.91 -17.22
N LYS H 101 -27.68 20.17 -17.46
CA LYS H 101 -26.33 20.66 -17.15
C LYS H 101 -26.24 21.12 -15.68
N LYS H 102 -25.60 20.32 -14.83
CA LYS H 102 -25.60 20.54 -13.38
C LYS H 102 -24.25 20.86 -12.73
N GLU H 103 -23.15 20.69 -13.48
CA GLU H 103 -21.80 20.74 -12.91
C GLU H 103 -20.98 21.93 -13.42
N VAL H 104 -20.40 22.67 -12.48
CA VAL H 104 -19.47 23.76 -12.79
C VAL H 104 -18.10 23.41 -12.20
N ILE H 105 -17.05 23.46 -13.02
CA ILE H 105 -15.71 23.09 -12.60
C ILE H 105 -14.75 24.29 -12.70
N PHE H 106 -14.06 24.59 -11.60
CA PHE H 106 -13.02 25.62 -11.53
C PHE H 106 -11.66 24.95 -11.52
N VAL H 107 -10.77 25.33 -12.43
CA VAL H 107 -9.41 24.80 -12.46
C VAL H 107 -8.45 25.94 -12.11
N THR H 108 -7.65 25.76 -11.05
CA THR H 108 -6.74 26.80 -10.59
C THR H 108 -5.36 26.23 -10.27
N GLY H 109 -4.35 27.10 -10.24
CA GLY H 109 -3.00 26.68 -9.92
C GLY H 109 -1.94 27.54 -10.57
N ILE H 110 -0.70 27.35 -10.13
CA ILE H 110 0.46 28.10 -10.63
C ILE H 110 0.59 28.02 -12.17
N PRO H 111 1.04 29.12 -12.81
CA PRO H 111 1.37 29.07 -14.24
C PRO H 111 2.45 28.04 -14.58
N GLY H 112 2.20 27.25 -15.63
CA GLY H 112 3.13 26.20 -16.06
C GLY H 112 2.97 24.82 -15.42
N SER H 113 1.94 24.63 -14.60
CA SER H 113 1.66 23.31 -13.98
C SER H 113 0.89 22.33 -14.89
N GLY H 114 0.52 22.76 -16.09
CA GLY H 114 -0.21 21.90 -17.02
C GLY H 114 -1.69 21.84 -16.69
N LYS H 115 -2.28 23.01 -16.40
CA LYS H 115 -3.72 23.10 -16.17
C LYS H 115 -4.46 22.92 -17.48
N THR H 116 -4.07 23.72 -18.48
CA THR H 116 -4.72 23.72 -19.79
C THR H 116 -4.58 22.38 -20.50
N SER H 117 -3.42 21.72 -20.36
CA SER H 117 -3.23 20.38 -20.91
C SER H 117 -4.08 19.34 -20.16
N THR H 118 -4.20 19.48 -18.83
CA THR H 118 -5.10 18.63 -18.04
C THR H 118 -6.57 18.80 -18.45
N VAL H 119 -6.98 20.05 -18.69
CA VAL H 119 -8.35 20.37 -19.17
C VAL H 119 -8.60 19.80 -20.58
N LYS H 120 -7.58 19.80 -21.42
CA LYS H 120 -7.66 19.17 -22.74
C LYS H 120 -7.95 17.67 -22.62
N ASN H 121 -7.31 17.02 -21.65
CA ASN H 121 -7.47 15.58 -21.39
C ASN H 121 -8.79 15.21 -20.71
N MET H 122 -9.49 16.17 -20.11
CA MET H 122 -10.84 15.94 -19.60
C MET H 122 -11.80 15.72 -20.76
N MET H 123 -12.76 14.81 -20.58
CA MET H 123 -13.80 14.58 -21.56
C MET H 123 -15.09 15.22 -21.07
N MET H 124 -15.61 16.18 -21.83
CA MET H 124 -16.86 16.86 -21.48
C MET H 124 -18.00 15.87 -21.28
N GLN H 125 -18.74 16.03 -20.19
CA GLN H 125 -19.91 15.20 -19.88
C GLN H 125 -21.19 15.93 -20.31
N ASP H 126 -22.30 15.19 -20.37
CA ASP H 126 -23.62 15.80 -20.62
C ASP H 126 -24.11 16.63 -19.45
N THR H 127 -23.63 16.32 -18.24
CA THR H 127 -23.93 17.10 -17.05
C THR H 127 -23.00 18.31 -16.83
N THR H 128 -21.89 18.38 -17.57
CA THR H 128 -20.96 19.51 -17.44
C THR H 128 -21.56 20.76 -18.07
N LYS H 129 -21.84 21.75 -17.22
CA LYS H 129 -22.36 23.04 -17.69
C LYS H 129 -21.27 23.99 -18.15
N LEU H 130 -20.19 24.06 -17.37
CA LEU H 130 -19.21 25.13 -17.51
C LEU H 130 -17.88 24.74 -16.87
N LEU H 131 -16.78 25.21 -17.44
CA LEU H 131 -15.44 24.96 -16.91
C LEU H 131 -14.60 26.25 -16.93
N PHE H 132 -14.32 26.81 -15.75
CA PHE H 132 -13.58 28.08 -15.64
C PHE H 132 -12.15 27.89 -15.14
N GLU H 133 -11.18 28.31 -15.95
CA GLU H 133 -9.77 28.33 -15.56
C GLU H 133 -9.37 29.72 -15.09
N GLY H 134 -8.83 29.81 -13.88
CA GLY H 134 -8.44 31.10 -13.29
C GLY H 134 -7.82 30.98 -11.91
N GLN H 135 -7.22 32.08 -11.45
CA GLN H 135 -6.64 32.14 -10.09
C GLN H 135 -7.73 32.31 -9.01
N LEU H 136 -7.57 31.53 -7.94
CA LEU H 136 -8.41 31.65 -6.75
C LEU H 136 -7.56 32.00 -5.52
N ALA H 137 -6.33 32.47 -5.73
CA ALA H 137 -5.42 32.83 -4.63
C ALA H 137 -5.85 34.15 -3.98
N ARG H 138 -6.37 35.05 -4.81
CA ARG H 138 -7.06 36.26 -4.36
C ARG H 138 -8.54 36.07 -4.75
N PRO H 139 -9.32 35.38 -3.89
CA PRO H 139 -10.61 34.79 -4.29
C PRO H 139 -11.86 35.68 -4.27
N GLN H 140 -11.73 36.99 -4.05
CA GLN H 140 -12.92 37.87 -4.02
C GLN H 140 -13.80 37.72 -5.25
N SER H 141 -13.19 37.76 -6.42
CA SER H 141 -13.90 37.66 -7.68
C SER H 141 -14.51 36.27 -7.91
N ALA H 142 -13.86 35.24 -7.38
CA ALA H 142 -14.39 33.87 -7.42
C ALA H 142 -15.62 33.67 -6.53
N PHE H 143 -15.73 34.44 -5.45
CA PHE H 143 -16.90 34.37 -4.56
C PHE H 143 -18.18 34.69 -5.32
N ARG H 144 -18.14 35.74 -6.14
CA ARG H 144 -19.28 36.14 -6.97
C ARG H 144 -19.66 35.04 -7.96
N LYS H 145 -18.65 34.41 -8.57
CA LYS H 145 -18.87 33.30 -9.50
C LYS H 145 -19.49 32.09 -8.83
N ILE H 146 -18.96 31.69 -7.68
CA ILE H 146 -19.47 30.54 -6.94
C ILE H 146 -20.90 30.79 -6.43
N GLU H 147 -21.14 32.01 -5.92
CA GLU H 147 -22.50 32.45 -5.53
C GLU H 147 -23.56 32.17 -6.58
N GLN H 148 -23.27 32.56 -7.83
CA GLN H 148 -24.19 32.38 -8.96
C GLN H 148 -24.48 30.91 -9.27
N CYS H 149 -23.48 30.04 -9.10
CA CYS H 149 -23.68 28.59 -9.27
C CYS H 149 -24.61 27.99 -8.20
N LEU H 150 -24.40 28.42 -6.96
CA LEU H 150 -25.23 27.98 -5.84
C LEU H 150 -26.67 28.55 -5.91
N GLU H 151 -26.82 29.77 -6.44
CA GLU H 151 -28.15 30.36 -6.73
C GLU H 151 -29.00 29.50 -7.69
N ARG H 152 -28.33 28.84 -8.62
CA ARG H 152 -28.98 28.00 -9.62
C ARG H 152 -28.82 26.51 -9.31
N ASN H 153 -28.49 26.18 -8.05
CA ASN H 153 -28.40 24.79 -7.58
C ASN H 153 -27.42 23.92 -8.37
N LEU H 154 -26.32 24.51 -8.84
CA LEU H 154 -25.29 23.79 -9.60
C LEU H 154 -24.24 23.23 -8.64
N GLU H 155 -23.65 22.09 -9.00
CA GLU H 155 -22.60 21.45 -8.20
C GLU H 155 -21.25 22.06 -8.58
N VAL H 156 -20.55 22.65 -7.61
CA VAL H 156 -19.28 23.34 -7.85
C VAL H 156 -18.11 22.48 -7.40
N THR H 157 -17.18 22.21 -8.32
CA THR H 157 -15.94 21.51 -7.97
C THR H 157 -14.71 22.34 -8.34
N ILE H 158 -13.83 22.55 -7.37
CA ILE H 158 -12.56 23.28 -7.57
C ILE H 158 -11.44 22.25 -7.66
N VAL H 159 -10.60 22.37 -8.70
CA VAL H 159 -9.42 21.51 -8.86
C VAL H 159 -8.16 22.37 -8.75
N ALA H 160 -7.38 22.15 -7.69
CA ALA H 160 -6.14 22.89 -7.46
C ALA H 160 -4.97 22.07 -7.99
N VAL H 161 -4.44 22.47 -9.15
CA VAL H 161 -3.27 21.80 -9.74
C VAL H 161 -1.99 22.41 -9.16
N SER H 162 -1.01 21.57 -8.82
CA SER H 162 0.21 22.01 -8.14
C SER H 162 1.50 21.39 -8.70
N MET H 163 2.59 22.14 -8.57
CA MET H 163 3.91 21.76 -9.07
C MET H 163 4.94 22.63 -8.39
N ARG H 164 6.17 22.14 -8.26
CA ARG H 164 7.30 22.96 -7.79
C ARG H 164 7.46 24.18 -8.69
N ALA H 165 7.71 25.34 -8.09
CA ALA H 165 7.93 26.58 -8.84
C ALA H 165 9.00 26.46 -9.93
N GLU H 166 10.05 25.67 -9.65
CA GLU H 166 11.19 25.51 -10.56
C GLU H 166 10.82 24.71 -11.81
N ARG H 167 10.19 23.55 -11.61
CA ARG H 167 9.73 22.68 -12.70
C ARG H 167 8.62 23.35 -13.52
N ALA H 168 7.78 24.14 -12.86
CA ALA H 168 6.75 24.93 -13.54
C ALA H 168 7.37 26.08 -14.34
N SER H 169 8.40 26.71 -13.78
CA SER H 169 9.13 27.77 -14.49
C SER H 169 9.83 27.27 -15.76
N ASP H 170 10.32 26.03 -15.72
CA ASP H 170 10.87 25.38 -16.92
C ASP H 170 9.81 25.18 -18.01
N ASN H 171 8.59 24.81 -17.61
CA ASN H 171 7.45 24.70 -18.56
C ASN H 171 7.04 26.03 -19.16
N THR H 172 7.14 27.13 -18.41
CA THR H 172 6.82 28.47 -18.95
C THR H 172 7.87 28.96 -19.96
N TYR H 173 9.12 28.50 -19.84
CA TYR H 173 10.17 28.84 -20.81
C TYR H 173 9.84 28.23 -22.17
N LYS H 174 9.55 26.93 -22.16
CA LYS H 174 9.17 26.18 -23.38
C LYS H 174 7.92 26.73 -24.04
N ARG H 175 6.97 27.19 -23.22
CA ARG H 175 5.76 27.85 -23.71
C ARG H 175 6.09 29.20 -24.36
N PHE H 176 6.97 29.99 -23.73
CA PHE H 176 7.37 31.28 -24.28
C PHE H 176 8.09 31.17 -25.64
N ASN H 177 8.95 30.16 -25.77
CA ASN H 177 9.75 29.98 -26.99
C ASN H 177 8.92 29.52 -28.20
N GLU H 178 7.77 28.88 -27.96
CA GLU H 178 6.85 28.46 -29.03
C GLU H 178 5.64 29.39 -29.17
N TYR H 179 4.81 29.46 -28.14
CA TYR H 179 3.58 30.28 -28.11
C TYR H 179 3.85 31.79 -28.12
N GLY H 180 4.83 32.22 -27.33
CA GLY H 180 5.16 33.64 -27.19
C GLY H 180 4.71 34.27 -25.88
N ARG H 181 4.04 33.49 -25.03
CA ARG H 181 3.69 33.94 -23.67
C ARG H 181 4.10 32.89 -22.65
N GLY H 182 4.77 33.35 -21.59
CA GLY H 182 5.10 32.51 -20.44
C GLY H 182 4.40 33.07 -19.22
N ALA H 183 5.17 33.40 -18.19
CA ALA H 183 4.63 34.03 -17.00
C ALA H 183 5.73 34.71 -16.21
N SER H 184 5.39 35.83 -15.57
CA SER H 184 6.30 36.55 -14.70
C SER H 184 6.49 35.78 -13.40
N ILE H 185 7.67 35.90 -12.79
CA ILE H 185 7.94 35.27 -11.49
C ILE H 185 7.09 35.87 -10.37
N GLY H 186 6.84 37.19 -10.44
CA GLY H 186 6.02 37.89 -9.46
C GLY H 186 4.63 37.29 -9.32
N ILE H 187 4.01 36.98 -10.44
CA ILE H 187 2.66 36.41 -10.47
C ILE H 187 2.65 34.91 -10.09
N MET H 188 3.70 34.17 -10.47
CA MET H 188 3.82 32.74 -10.10
C MET H 188 4.01 32.54 -8.60
N ALA H 189 4.80 33.42 -7.98
CA ALA H 189 5.04 33.39 -6.54
C ALA H 189 3.80 33.86 -5.75
N ASP H 190 3.13 34.90 -6.26
CA ASP H 190 1.90 35.43 -5.64
C ASP H 190 0.78 34.38 -5.65
N ILE H 191 0.62 33.65 -6.77
CA ILE H 191 -0.39 32.59 -6.87
C ILE H 191 -0.04 31.42 -5.93
N GLN H 192 1.18 30.90 -6.02
CA GLN H 192 1.54 29.69 -5.27
C GLN H 192 1.61 29.89 -3.76
N ALA H 193 2.08 31.05 -3.32
CA ALA H 193 2.16 31.37 -1.90
C ALA H 193 0.78 31.57 -1.27
N ASN H 194 -0.12 32.21 -2.01
CA ASN H 194 -1.44 32.59 -1.49
C ASN H 194 -2.60 31.67 -1.89
N LEU H 195 -2.33 30.63 -2.69
CA LEU H 195 -3.39 29.70 -3.10
C LEU H 195 -3.99 28.89 -1.92
N PRO H 196 -3.15 28.48 -0.94
CA PRO H 196 -3.72 27.85 0.26
C PRO H 196 -4.64 28.77 1.08
N ASP H 197 -4.29 30.06 1.18
CA ASP H 197 -5.16 31.03 1.85
C ASP H 197 -6.51 31.18 1.13
N GLY H 198 -6.46 31.27 -0.19
CA GLY H 198 -7.67 31.50 -0.99
C GLY H 198 -8.65 30.34 -0.99
N LEU H 199 -8.12 29.13 -1.06
CA LEU H 199 -8.94 27.91 -1.02
C LEU H 199 -9.57 27.69 0.35
N LYS H 200 -8.82 27.97 1.41
CA LYS H 200 -9.35 27.86 2.75
C LYS H 200 -10.45 28.90 2.93
N GLN H 201 -10.21 30.07 2.34
CA GLN H 201 -11.15 31.18 2.42
C GLN H 201 -12.47 30.77 1.76
N ILE H 202 -12.39 30.10 0.61
CA ILE H 202 -13.58 29.62 -0.07
C ILE H 202 -14.25 28.56 0.79
N ARG H 203 -13.42 27.69 1.36
CA ARG H 203 -13.86 26.61 2.27
C ARG H 203 -14.66 27.11 3.48
N ASP H 204 -14.19 28.21 4.09
CA ASP H 204 -14.87 28.81 5.25
C ASP H 204 -16.20 29.47 4.88
N LYS H 205 -16.26 30.11 3.71
CA LYS H 205 -17.47 30.81 3.27
C LYS H 205 -18.58 29.89 2.71
N PHE H 206 -18.21 28.79 2.06
CA PHE H 206 -19.18 27.91 1.37
C PHE H 206 -19.34 26.50 1.95
N GLY H 207 -18.27 25.95 2.52
CA GLY H 207 -18.32 24.67 3.20
C GLY H 207 -18.50 23.50 2.25
N ASP H 208 -19.41 22.58 2.59
CA ASP H 208 -19.65 21.38 1.79
C ASP H 208 -20.29 21.65 0.43
N ALA H 209 -20.91 22.81 0.25
CA ALA H 209 -21.47 23.22 -1.05
C ALA H 209 -20.42 23.24 -2.18
N VAL H 210 -19.17 23.54 -1.82
CA VAL H 210 -18.05 23.48 -2.75
C VAL H 210 -17.19 22.26 -2.42
N LYS H 211 -16.79 21.52 -3.45
CA LYS H 211 -15.94 20.34 -3.32
C LYS H 211 -14.54 20.69 -3.83
N ILE H 212 -13.57 20.76 -2.92
CA ILE H 212 -12.19 21.14 -3.27
C ILE H 212 -11.31 19.89 -3.37
N VAL H 213 -10.66 19.70 -4.52
CA VAL H 213 -9.76 18.58 -4.76
C VAL H 213 -8.46 19.09 -5.39
N GLY H 214 -7.47 18.21 -5.53
CA GLY H 214 -6.16 18.56 -6.06
C GLY H 214 -5.60 17.59 -7.09
N ILE H 215 -4.59 18.05 -7.80
CA ILE H 215 -3.78 17.22 -8.69
C ILE H 215 -2.31 17.55 -8.43
N ASN H 216 -1.54 16.55 -7.98
CA ASN H 216 -0.10 16.69 -7.72
C ASN H 216 0.71 16.25 -8.94
N GLN H 217 1.22 17.23 -9.69
CA GLN H 217 1.98 16.95 -10.90
C GLN H 217 3.41 16.46 -10.62
N ASP H 218 3.90 16.66 -9.40
CA ASP H 218 5.20 16.12 -8.97
C ASP H 218 5.14 14.61 -8.65
N ARG H 219 3.96 14.10 -8.30
CA ARG H 219 3.76 12.66 -8.06
C ARG H 219 2.91 12.02 -9.18
N ASN H 220 3.34 12.23 -10.42
CA ASN H 220 2.67 11.67 -11.62
C ASN H 220 1.15 11.91 -11.65
N SER H 221 0.77 13.18 -11.49
CA SER H 221 -0.63 13.64 -11.61
C SER H 221 -1.57 12.95 -10.61
N GLU H 222 -1.15 12.92 -9.34
CA GLU H 222 -1.87 12.19 -8.29
C GLU H 222 -3.11 12.97 -7.85
N PHE H 223 -4.29 12.38 -8.05
CA PHE H 223 -5.56 12.98 -7.64
C PHE H 223 -5.66 12.98 -6.11
N ILE H 224 -6.01 14.13 -5.54
CA ILE H 224 -6.08 14.32 -4.08
C ILE H 224 -7.53 14.62 -3.72
N ASP H 225 -8.19 13.69 -3.04
CA ASP H 225 -9.63 13.82 -2.75
C ASP H 225 -9.96 14.73 -1.55
N LYS H 226 -9.13 14.74 -0.52
CA LYS H 226 -9.48 15.38 0.76
C LYS H 226 -8.81 16.76 0.92
N PHE H 227 -9.56 17.70 1.50
CA PHE H 227 -9.15 19.12 1.57
C PHE H 227 -7.88 19.35 2.38
N ASP H 228 -7.71 18.62 3.48
CA ASP H 228 -6.50 18.73 4.29
C ASP H 228 -5.25 18.28 3.53
N ASP H 229 -5.38 17.26 2.68
CA ASP H 229 -4.28 16.81 1.82
C ASP H 229 -3.93 17.82 0.72
N VAL H 230 -4.94 18.54 0.23
CA VAL H 230 -4.76 19.60 -0.77
C VAL H 230 -3.90 20.74 -0.21
N ILE H 231 -4.24 21.21 1.00
CA ILE H 231 -3.53 22.32 1.63
C ILE H 231 -2.05 21.96 1.89
N LYS H 232 -1.79 20.72 2.31
CA LYS H 232 -0.43 20.23 2.54
C LYS H 232 0.39 20.15 1.26
N MET H 233 -0.24 19.72 0.16
CA MET H 233 0.40 19.72 -1.16
C MET H 233 0.77 21.15 -1.61
N LEU H 234 -0.17 22.07 -1.44
CA LEU H 234 -0.04 23.46 -1.90
C LEU H 234 0.86 24.34 -1.03
N SER H 235 1.12 23.91 0.20
CA SER H 235 2.01 24.64 1.11
C SER H 235 3.46 24.41 0.72
N LEU H 236 3.97 25.28 -0.18
CA LEU H 236 5.32 25.17 -0.71
C LEU H 236 6.16 26.42 -0.39
N GLY H 237 5.92 27.02 0.78
CA GLY H 237 6.69 28.18 1.25
C GLY H 237 5.97 29.51 1.09
N SER H 238 6.56 30.55 1.67
CA SER H 238 6.02 31.91 1.60
C SER H 238 6.31 32.55 0.26
N GLN H 239 5.65 33.69 0.02
CA GLN H 239 5.84 34.47 -1.20
C GLN H 239 7.26 35.00 -1.30
N GLU H 240 7.79 35.47 -0.17
CA GLU H 240 9.18 35.92 -0.08
C GLU H 240 10.16 34.80 -0.49
N GLN H 241 9.95 33.59 0.03
CA GLN H 241 10.80 32.44 -0.31
C GLN H 241 10.77 32.07 -1.79
N ILE H 242 9.56 31.96 -2.35
CA ILE H 242 9.36 31.51 -3.73
C ILE H 242 9.85 32.56 -4.73
N LEU H 243 9.45 33.82 -4.51
CA LEU H 243 9.98 34.93 -5.30
C LEU H 243 11.50 34.99 -5.21
N GLY H 244 12.04 34.72 -4.02
CA GLY H 244 13.48 34.60 -3.82
C GLY H 244 14.13 33.51 -4.67
N ARG H 245 13.61 32.30 -4.57
CA ARG H 245 14.16 31.15 -5.32
C ARG H 245 13.98 31.28 -6.84
N LEU H 246 12.87 31.89 -7.27
CA LEU H 246 12.62 32.14 -8.70
C LEU H 246 13.50 33.25 -9.25
N ALA H 247 13.76 34.29 -8.44
CA ALA H 247 14.68 35.37 -8.82
C ALA H 247 16.11 34.85 -9.05
N GLU H 248 16.57 33.97 -8.16
CA GLU H 248 17.90 33.36 -8.31
C GLU H 248 17.96 32.40 -9.49
N LYS H 249 16.88 31.68 -9.74
CA LYS H 249 16.81 30.72 -10.85
C LYS H 249 16.87 31.40 -12.22
N ILE H 250 15.99 32.37 -12.48
CA ILE H 250 15.95 33.02 -13.80
C ILE H 250 17.27 33.76 -14.11
N GLN H 251 17.92 34.29 -13.08
CA GLN H 251 19.18 35.02 -13.24
C GLN H 251 20.34 34.08 -13.56
N SER H 252 20.47 33.00 -12.81
CA SER H 252 21.51 31.99 -13.09
C SER H 252 21.26 31.22 -14.40
N ASP H 253 20.00 31.03 -14.76
CA ASP H 253 19.64 30.45 -16.07
C ASP H 253 20.11 31.33 -17.23
N PHE H 254 19.90 32.64 -17.10
CA PHE H 254 20.36 33.60 -18.12
C PHE H 254 21.88 33.76 -18.13
N ASP H 255 22.49 33.85 -16.94
CA ASP H 255 23.96 33.95 -16.80
C ASP H 255 24.69 32.77 -17.45
N SER H 256 24.15 31.55 -17.30
CA SER H 256 24.75 30.34 -17.88
C SER H 256 24.25 29.97 -19.30
N GLY H 257 23.59 30.91 -19.98
CA GLY H 257 23.17 30.73 -21.37
C GLY H 257 22.02 29.77 -21.64
N LYS H 258 21.32 29.32 -20.60
CA LYS H 258 20.24 28.34 -20.73
C LYS H 258 18.93 28.93 -21.27
N ILE H 259 18.70 30.24 -21.07
CA ILE H 259 17.57 30.97 -21.66
C ILE H 259 18.05 32.28 -22.29
N SER H 260 17.30 32.76 -23.29
CA SER H 260 17.65 34.00 -23.98
C SER H 260 17.34 35.24 -23.13
N ARG H 261 17.71 36.42 -23.63
CA ARG H 261 17.45 37.69 -22.93
C ARG H 261 15.96 38.04 -22.93
N GLU H 262 15.24 37.66 -23.99
CA GLU H 262 13.79 37.92 -24.09
C GLU H 262 13.01 37.04 -23.12
N CYS H 263 13.41 35.77 -23.02
CA CYS H 263 12.83 34.83 -22.05
C CYS H 263 13.16 35.18 -20.61
N PHE H 264 14.37 35.71 -20.37
CA PHE H 264 14.75 36.26 -19.07
C PHE H 264 13.85 37.44 -18.69
N ASN H 265 13.61 38.34 -19.64
CA ASN H 265 12.88 39.59 -19.37
C ASN H 265 11.38 39.40 -19.13
N GLN H 266 10.82 38.40 -19.79
CA GLN H 266 9.45 38.07 -19.68
C GLN H 266 9.21 37.54 -18.30
N ALA H 267 10.07 36.66 -17.84
CA ALA H 267 10.05 36.06 -16.51
C ALA H 267 10.24 37.09 -15.40
N LYS H 268 11.22 37.98 -15.60
CA LYS H 268 11.50 39.07 -14.65
C LYS H 268 10.25 39.94 -14.48
N GLY H 269 9.64 40.33 -15.59
CA GLY H 269 8.50 41.23 -15.57
C GLY H 269 8.91 42.58 -15.04
N SER H 270 8.09 43.15 -14.15
CA SER H 270 8.37 44.44 -13.53
C SER H 270 9.14 44.33 -12.20
N MET H 271 9.56 43.12 -11.80
CA MET H 271 10.36 42.94 -10.58
C MET H 271 11.69 43.65 -10.68
N ASP H 272 12.06 44.33 -9.60
CA ASP H 272 13.42 44.79 -9.39
C ASP H 272 14.18 43.67 -8.68
N LEU H 273 15.00 42.95 -9.42
CA LEU H 273 15.72 41.78 -8.90
C LEU H 273 16.76 42.13 -7.83
N GLU H 274 17.43 43.27 -8.00
CA GLU H 274 18.36 43.78 -6.98
C GLU H 274 17.68 43.81 -5.60
N SER H 275 16.44 44.29 -5.56
CA SER H 275 15.67 44.40 -4.33
C SER H 275 15.29 43.05 -3.70
N VAL H 276 15.00 42.04 -4.54
CA VAL H 276 14.74 40.66 -4.07
C VAL H 276 16.03 40.03 -3.53
N PHE H 277 17.13 40.17 -4.28
CA PHE H 277 18.42 39.62 -3.85
C PHE H 277 18.92 40.22 -2.53
N ALA H 278 18.66 41.51 -2.33
CA ALA H 278 19.04 42.20 -1.07
C ALA H 278 18.32 41.65 0.17
N LYS H 279 17.12 41.09 -0.02
CA LYS H 279 16.35 40.47 1.07
C LYS H 279 16.82 39.07 1.50
N LYS H 280 17.70 38.44 0.71
CA LYS H 280 18.17 37.08 1.02
C LYS H 280 19.05 37.05 2.28
N GLU H 281 18.73 36.13 3.20
CA GLU H 281 19.43 36.01 4.48
C GLU H 281 20.53 34.95 4.40
N TYR H 282 21.64 35.23 5.07
CA TYR H 282 22.77 34.29 5.18
C TYR H 282 23.15 34.07 6.65
N SER H 283 22.17 34.12 7.56
CA SER H 283 22.44 34.24 9.00
C SER H 283 23.08 33.00 9.62
N GLN H 284 22.76 31.82 9.09
CA GLN H 284 23.34 30.56 9.58
C GLN H 284 24.32 29.95 8.56
N GLN H 285 25.09 30.80 7.89
CA GLN H 285 25.95 30.38 6.79
C GLN H 285 27.36 30.96 6.91
N ARG H 286 28.33 30.20 6.40
CA ARG H 286 29.73 30.63 6.35
C ARG H 286 30.47 30.01 5.17
N VAL H 287 31.61 30.61 4.84
CA VAL H 287 32.49 30.12 3.78
C VAL H 287 33.84 29.83 4.41
N VAL H 288 34.38 28.64 4.11
CA VAL H 288 35.69 28.21 4.60
C VAL H 288 36.62 28.19 3.41
N THR H 289 37.73 28.93 3.48
CA THR H 289 38.68 29.07 2.38
C THR H 289 40.00 28.36 2.67
N ASN H 290 40.64 27.83 1.63
CA ASN H 290 41.97 27.25 1.75
C ASN H 290 42.71 27.24 0.39
N SER H 291 43.90 26.62 0.35
CA SER H 291 44.69 26.48 -0.88
C SER H 291 43.96 25.73 -2.01
N LYS H 292 43.08 24.79 -1.66
CA LYS H 292 42.29 24.04 -2.65
C LYS H 292 41.06 24.80 -3.18
N GLY H 293 40.40 25.60 -2.34
CA GLY H 293 39.26 26.43 -2.78
C GLY H 293 38.40 27.02 -1.67
N VAL H 294 37.10 27.21 -1.96
CA VAL H 294 36.10 27.65 -0.98
C VAL H 294 35.04 26.59 -0.74
N THR H 295 34.40 26.65 0.42
CA THR H 295 33.37 25.69 0.80
C THR H 295 32.25 26.39 1.57
N LEU H 296 31.04 26.37 1.01
CA LEU H 296 29.86 26.95 1.68
C LEU H 296 29.29 25.94 2.65
N GLU H 297 28.99 26.39 3.87
CA GLU H 297 28.48 25.53 4.93
C GLU H 297 27.30 26.21 5.65
N THR H 298 26.29 25.42 6.01
CA THR H 298 25.15 25.90 6.80
C THR H 298 25.19 25.23 8.18
N LYS H 299 24.78 25.96 9.21
CA LYS H 299 24.70 25.42 10.58
C LYS H 299 23.27 25.12 10.96
N SER H 300 23.02 23.90 11.45
CA SER H 300 21.69 23.45 11.84
C SER H 300 21.45 23.69 13.34
N ALA H 301 20.23 23.39 13.80
CA ALA H 301 19.82 23.61 15.21
C ALA H 301 20.70 22.87 16.23
N ASN H 302 21.17 21.68 15.85
CA ASN H 302 22.18 20.92 16.61
C ASN H 302 23.57 21.58 16.74
N GLU H 303 23.79 22.68 16.00
CA GLU H 303 25.07 23.42 15.95
C GLU H 303 26.21 22.65 15.28
N LEU H 304 25.88 21.99 14.17
CA LEU H 304 26.83 21.29 13.33
C LEU H 304 26.84 21.92 11.95
N TRP H 305 28.04 22.23 11.46
CA TRP H 305 28.21 22.70 10.09
C TRP H 305 28.29 21.52 9.15
N SER H 306 27.55 21.57 8.05
CA SER H 306 27.66 20.60 6.94
C SER H 306 27.85 21.32 5.61
N LYS H 307 28.53 20.66 4.67
CA LYS H 307 28.92 21.25 3.39
C LYS H 307 27.73 21.36 2.43
N VAL H 308 27.62 22.52 1.80
CA VAL H 308 26.59 22.79 0.79
C VAL H 308 27.19 22.75 -0.62
N GLU H 309 28.33 23.41 -0.80
CA GLU H 309 28.96 23.58 -2.11
C GLU H 309 30.47 23.74 -1.95
N GLN H 310 31.25 23.08 -2.82
CA GLN H 310 32.70 23.26 -2.89
C GLN H 310 33.08 23.80 -4.26
N ILE H 311 33.85 24.89 -4.29
CA ILE H 311 34.32 25.50 -5.54
C ILE H 311 35.86 25.51 -5.54
N PRO H 312 36.50 24.79 -6.49
CA PRO H 312 37.96 24.73 -6.51
C PRO H 312 38.57 26.04 -7.02
N VAL H 313 39.52 26.59 -6.25
CA VAL H 313 40.18 27.86 -6.56
C VAL H 313 41.60 27.79 -6.02
N THR H 314 42.57 28.19 -6.84
CA THR H 314 43.98 28.21 -6.43
C THR H 314 44.39 29.57 -5.88
N GLY H 315 45.34 29.56 -4.94
CA GLY H 315 46.00 30.79 -4.48
C GLY H 315 45.33 31.59 -3.38
N MET H 316 44.42 30.96 -2.64
CA MET H 316 43.75 31.61 -1.51
C MET H 316 44.34 31.09 -0.21
N LYS H 317 44.29 31.93 0.82
CA LYS H 317 44.79 31.58 2.15
C LYS H 317 43.67 30.97 2.99
N ALA H 318 43.98 30.57 4.21
CA ALA H 318 43.00 29.94 5.09
C ALA H 318 42.15 31.00 5.78
N GLY H 319 40.86 30.75 5.88
CA GLY H 319 39.95 31.69 6.51
C GLY H 319 38.56 31.13 6.72
N ILE H 320 37.86 31.69 7.70
CA ILE H 320 36.47 31.36 7.99
C ILE H 320 35.69 32.68 7.98
N TYR H 321 34.71 32.79 7.09
CA TYR H 321 33.96 34.03 6.89
C TYR H 321 32.48 33.80 7.16
N LEU H 322 31.97 34.48 8.19
CA LEU H 322 30.56 34.42 8.56
C LEU H 322 29.73 35.38 7.70
N LEU H 323 28.97 34.82 6.77
CA LEU H 323 28.26 35.59 5.74
C LEU H 323 27.11 36.43 6.32
N GLY H 324 26.44 35.91 7.34
CA GLY H 324 25.38 36.63 8.05
C GLY H 324 25.82 37.91 8.76
N GLN H 325 27.10 38.00 9.11
CA GLN H 325 27.66 39.18 9.77
C GLN H 325 28.36 40.16 8.82
N ALA H 326 28.17 40.01 7.51
CA ALA H 326 28.82 40.87 6.51
C ALA H 326 28.09 42.20 6.44
N LYS H 327 28.84 43.30 6.52
CA LYS H 327 28.23 44.64 6.43
C LYS H 327 27.90 44.97 4.97
N LYS H 328 26.74 45.56 4.74
CA LYS H 328 26.29 45.88 3.38
C LYS H 328 27.06 47.06 2.81
N ALA H 329 27.37 47.01 1.52
CA ALA H 329 28.12 48.08 0.86
C ALA H 329 27.27 49.32 0.66
N GLU H 330 27.71 50.45 1.21
CA GLU H 330 27.04 51.73 1.00
C GLU H 330 27.39 52.27 -0.39
N THR H 331 26.48 53.02 -1.00
CA THR H 331 26.65 53.50 -2.37
C THR H 331 27.66 54.63 -2.45
N GLY H 332 28.29 54.78 -3.61
CA GLY H 332 29.26 55.84 -3.86
C GLY H 332 30.59 55.69 -3.14
N GLN H 333 30.92 54.47 -2.72
CA GLN H 333 32.17 54.20 -2.01
C GLN H 333 32.89 53.03 -2.66
N THR H 334 34.22 53.07 -2.59
CA THR H 334 35.06 52.01 -3.14
C THR H 334 35.47 51.03 -2.04
N TYR H 335 35.31 49.74 -2.32
CA TYR H 335 35.70 48.65 -1.42
C TYR H 335 36.74 47.78 -2.12
N SER H 336 37.94 47.69 -1.53
CA SER H 336 39.06 46.95 -2.12
C SER H 336 39.33 45.67 -1.33
N GLY H 337 39.55 44.55 -2.04
CA GLY H 337 39.84 43.28 -1.39
C GLY H 337 39.50 42.05 -2.21
N GLU H 338 39.88 40.90 -1.68
CA GLU H 338 39.69 39.61 -2.35
C GLU H 338 38.24 39.14 -2.23
N ILE H 339 37.69 38.61 -3.33
CA ILE H 339 36.33 38.06 -3.35
C ILE H 339 36.41 36.64 -2.79
N ILE H 340 35.74 36.39 -1.67
CA ILE H 340 35.76 35.08 -1.00
C ILE H 340 34.55 34.18 -1.33
N TYR H 341 33.44 34.75 -1.78
CA TYR H 341 32.30 33.96 -2.23
C TYR H 341 31.33 34.76 -3.08
N LYS H 342 30.70 34.07 -4.02
CA LYS H 342 29.80 34.65 -5.00
C LYS H 342 28.64 33.69 -5.24
N ASP H 343 27.45 34.23 -5.49
CA ASP H 343 26.32 33.41 -5.96
C ASP H 343 25.36 34.27 -6.81
N ALA H 344 24.14 33.78 -7.07
CA ALA H 344 23.18 34.53 -7.87
C ALA H 344 22.77 35.87 -7.25
N ALA H 345 22.75 35.95 -5.92
CA ALA H 345 22.25 37.13 -5.19
C ALA H 345 23.33 38.09 -4.70
N ALA H 346 24.49 37.55 -4.32
CA ALA H 346 25.46 38.34 -3.57
C ALA H 346 26.92 38.06 -3.93
N VAL H 347 27.76 39.05 -3.63
CA VAL H 347 29.20 39.00 -3.83
C VAL H 347 29.85 39.44 -2.53
N PHE H 348 30.57 38.52 -1.87
CA PHE H 348 31.22 38.78 -0.59
C PHE H 348 32.70 39.08 -0.77
N GLN H 349 33.17 40.17 -0.15
CA GLN H 349 34.51 40.70 -0.35
C GLN H 349 35.14 41.00 1.00
N LYS H 350 36.33 40.44 1.26
CA LYS H 350 37.10 40.75 2.47
C LYS H 350 37.89 42.04 2.26
N THR H 351 37.44 43.12 2.88
CA THR H 351 38.22 44.36 2.95
C THR H 351 39.00 44.40 4.28
N LYS H 352 39.82 45.43 4.44
CA LYS H 352 40.58 45.63 5.68
C LYS H 352 39.69 46.10 6.85
N ASN H 353 38.48 46.57 6.56
CA ASN H 353 37.44 46.80 7.56
C ASN H 353 36.35 45.72 7.52
N GLY H 354 36.79 44.45 7.44
CA GLY H 354 35.89 43.30 7.53
C GLY H 354 35.25 42.83 6.23
N LEU H 355 34.37 41.84 6.37
CA LEU H 355 33.64 41.24 5.25
C LEU H 355 32.53 42.16 4.78
N VAL H 356 32.49 42.43 3.47
CA VAL H 356 31.52 43.34 2.88
C VAL H 356 30.66 42.58 1.88
N ARG H 357 29.37 42.94 1.82
CA ARG H 357 28.41 42.32 0.91
C ARG H 357 27.94 43.30 -0.16
N HIS H 358 28.06 42.89 -1.42
CA HIS H 358 27.50 43.61 -2.57
C HIS H 358 26.36 42.79 -3.16
N ASN H 359 25.31 43.47 -3.64
CA ASN H 359 24.28 42.80 -4.43
C ASN H 359 24.91 42.38 -5.74
N ALA H 360 24.51 41.20 -6.22
CA ALA H 360 25.01 40.66 -7.49
C ALA H 360 24.51 41.45 -8.68
N THR H 361 23.43 42.23 -8.49
CA THR H 361 22.96 43.20 -9.48
C THR H 361 23.01 44.61 -8.86
N HIS H 362 23.39 45.60 -9.68
CA HIS H 362 23.41 47.01 -9.28
C HIS H 362 22.83 47.89 -10.40
N ASN H 363 21.60 48.38 -10.20
CA ASN H 363 20.87 49.17 -11.22
C ASN H 363 20.84 48.47 -12.58
N GLU H 364 20.40 47.21 -12.56
CA GLU H 364 20.31 46.35 -13.76
C GLU H 364 21.65 46.06 -14.49
N GLU H 365 22.78 46.33 -13.83
CA GLU H 365 24.11 45.94 -14.30
C GLU H 365 24.56 44.79 -13.39
N ARG H 366 25.19 43.80 -13.98
CA ARG H 366 25.49 42.54 -13.30
C ARG H 366 26.92 42.49 -12.72
N LEU H 367 27.04 42.70 -11.41
CA LEU H 367 28.35 42.70 -10.74
C LEU H 367 29.03 41.32 -10.69
N ALA H 368 28.24 40.27 -10.52
CA ALA H 368 28.79 38.93 -10.29
C ALA H 368 29.69 38.39 -11.41
N LYS H 369 29.32 38.66 -12.67
CA LYS H 369 30.12 38.24 -13.83
C LYS H 369 31.41 39.06 -14.04
N LEU H 370 31.50 40.24 -13.42
CA LEU H 370 32.70 41.08 -13.49
C LEU H 370 33.81 40.71 -12.50
N VAL H 371 33.57 39.75 -11.60
CA VAL H 371 34.56 39.35 -10.59
C VAL H 371 34.60 37.85 -10.43
N GLU H 372 35.74 37.34 -9.95
CA GLU H 372 35.96 35.92 -9.72
C GLU H 372 36.39 35.66 -8.27
N ILE H 373 36.03 34.49 -7.75
CA ILE H 373 36.40 34.10 -6.39
C ILE H 373 37.92 33.96 -6.31
N GLY H 374 38.50 34.54 -5.28
CA GLY H 374 39.96 34.60 -5.13
C GLY H 374 40.63 35.78 -5.81
N GLN H 375 39.90 36.50 -6.65
CA GLN H 375 40.45 37.65 -7.37
C GLN H 375 40.43 38.87 -6.44
N ASN H 376 41.52 39.64 -6.45
CA ASN H 376 41.62 40.88 -5.68
C ASN H 376 41.16 42.05 -6.56
N VAL H 377 40.08 42.71 -6.15
CA VAL H 377 39.48 43.81 -6.92
C VAL H 377 39.05 44.98 -6.03
N SER H 378 38.81 46.12 -6.67
CA SER H 378 38.10 47.24 -6.05
C SER H 378 36.74 47.43 -6.76
N ILE H 379 35.67 47.55 -5.99
CA ILE H 379 34.31 47.75 -6.50
C ILE H 379 33.77 49.09 -6.00
N GLY H 380 33.51 50.01 -6.93
CA GLY H 380 32.89 51.31 -6.64
C GLY H 380 31.81 51.67 -7.66
N SER H 381 30.85 52.48 -7.25
CA SER H 381 29.72 52.88 -8.10
C SER H 381 29.60 54.39 -8.17
N ASN H 382 30.14 54.98 -9.24
CA ASN H 382 30.11 56.42 -9.47
C ASN H 382 28.87 56.80 -10.31
N LYS H 383 27.92 57.49 -9.67
CA LYS H 383 26.70 58.00 -10.32
C LYS H 383 25.88 56.90 -11.00
N GLY H 384 25.58 55.85 -10.22
CA GLY H 384 24.81 54.71 -10.71
C GLY H 384 25.44 53.90 -11.85
N LYS H 385 26.76 53.96 -11.97
CA LYS H 385 27.50 53.20 -12.98
C LYS H 385 28.69 52.51 -12.31
N LEU H 386 28.81 51.21 -12.55
CA LEU H 386 29.73 50.35 -11.79
C LEU H 386 31.16 50.49 -12.29
N ILE H 387 32.11 50.54 -11.35
CA ILE H 387 33.54 50.58 -11.66
C ILE H 387 34.22 49.43 -10.92
N VAL H 388 34.69 48.44 -11.68
CA VAL H 388 35.42 47.28 -11.13
C VAL H 388 36.84 47.24 -11.69
N LYS H 389 37.84 47.46 -10.82
CA LYS H 389 39.26 47.43 -11.21
C LYS H 389 39.93 46.25 -10.56
N SER H 390 40.83 45.60 -11.31
CA SER H 390 41.70 44.56 -10.75
C SER H 390 42.82 45.21 -9.93
N LEU H 391 43.15 44.57 -8.80
CA LEU H 391 44.27 44.98 -7.94
C LEU H 391 45.32 43.88 -7.87
N GLU H 392 45.31 42.98 -8.85
CA GLU H 392 46.12 41.76 -8.85
C GLU H 392 47.52 42.11 -9.34
N TYR H 393 48.55 41.74 -8.58
CA TYR H 393 49.92 42.13 -8.90
C TYR H 393 50.96 41.07 -8.51
N SER H 394 52.19 41.26 -8.98
CA SER H 394 53.35 40.44 -8.62
C SER H 394 54.57 41.33 -8.38
N ALA H 395 55.27 41.11 -7.26
CA ALA H 395 56.48 41.86 -6.91
C ALA H 395 57.60 40.94 -6.40
P BNW I . -35.81 -9.66 -20.36
O1 BNW I . -35.76 -11.47 -26.13
O3 BNW I . -36.52 -13.13 -22.17
O4 BNW I . -36.22 -10.22 -21.81
C1 BNW I . -34.78 -12.02 -25.29
C2 BNW I . -35.46 -12.98 -24.29
C3 BNW I . -36.21 -12.20 -23.21
C4 BNW I . -35.40 -11.05 -22.64
C5 BNW I . -34.81 -10.19 -23.75
C6 BNW I . -33.88 -9.11 -23.24
O5 BNW I . -34.04 -11.01 -24.65
O6 BNW I . -32.78 -9.70 -22.56
N2 BNW I . -36.33 -13.95 -24.92
C7 BNW I . -36.01 -15.02 -25.67
O7 BNW I . -36.86 -15.68 -26.26
C8 BNW I . -34.55 -15.39 -25.75
PA BNW I . -35.64 -13.52 -29.55
PB BNW I . -35.52 -11.37 -27.65
O1A BNW I . -36.85 -14.38 -29.68
O1B BNW I . -36.65 -10.50 -28.26
C1D BNW I . -35.58 -12.74 -34.57
C1E BNW I . -38.97 -13.48 -22.11
O1E BNW I . -38.74 -14.05 -23.27
N1U BNW I . -36.78 -13.62 -34.50
O2A BNW I . -34.34 -14.38 -29.56
O2B BNW I . -34.16 -10.80 -27.96
C2D BNW I . -35.89 -11.23 -34.60
O2D BNW I . -35.03 -10.54 -35.48
C2E BNW I . -37.74 -12.91 -21.44
O2E BNW I . -40.06 -13.38 -21.60
C2U BNW I . -37.34 -14.08 -35.69
O2U BNW I . -36.88 -13.79 -36.79
O3A BNW I . -35.65 -12.81 -28.19
C3D BNW I . -35.71 -10.84 -33.13
O3D BNW I . -35.38 -9.48 -32.98
C3E BNW I . -37.56 -13.55 -20.07
N3U BNW I . -38.45 -14.87 -35.55
C4D BNW I . -34.55 -11.72 -32.75
O4D BNW I . -34.79 -12.96 -33.42
C4U BNW I . -39.07 -15.25 -34.36
O4U BNW I . -40.06 -16.00 -34.40
C5D BNW I . -34.36 -11.97 -31.27
O5D BNW I . -35.59 -12.46 -30.71
C5U BNW I . -38.44 -14.75 -33.19
C6U BNW I . -37.33 -13.95 -33.29
O1P BNW I . -34.37 -10.01 -20.13
O2P BNW I . -36.03 -8.18 -20.50
O3P BNW I . -36.78 -10.34 -19.44
S SO4 J . -33.96 -6.49 -16.54
O1 SO4 J . -34.83 -7.63 -16.89
O2 SO4 J . -32.55 -6.86 -16.75
O3 SO4 J . -34.29 -5.30 -17.37
O4 SO4 J . -34.14 -6.15 -15.11
S SO4 K . -39.63 -21.83 -20.31
O1 SO4 K . -40.98 -22.22 -19.85
O2 SO4 K . -39.35 -22.45 -21.63
O3 SO4 K . -38.63 -22.32 -19.33
O4 SO4 K . -39.57 -20.36 -20.40
S SO4 L . -10.77 -4.17 -26.59
O1 SO4 L . -12.20 -4.09 -26.18
O2 SO4 L . -10.30 -5.57 -26.49
O3 SO4 L . -10.64 -3.69 -27.98
O4 SO4 L . -9.96 -3.33 -25.67
P BNW M . 15.14 -29.93 2.98
O1 BNW M . 13.52 -34.67 6.47
O3 BNW M . 14.19 -33.69 2.33
O4 BNW M . 15.08 -31.33 3.79
C1 BNW M . 12.54 -34.07 5.66
C2 BNW M . 12.86 -34.36 4.19
C3 BNW M . 14.07 -33.53 3.75
C4 BNW M . 13.89 -32.06 4.10
C5 BNW M . 13.61 -31.91 5.59
C6 BNW M . 13.33 -30.47 6.00
O5 BNW M . 12.44 -32.68 5.94
O6 BNW M . 12.27 -29.90 5.23
N2 BNW M . 13.12 -35.76 3.92
C7 BNW M . 12.25 -36.79 3.84
O7 BNW M . 12.62 -37.93 3.63
C8 BNW M . 10.79 -36.47 4.02
PA BNW M . 12.09 -38.02 8.05
PB BNW M . 13.20 -35.35 7.80
O1A BNW M . 12.87 -39.30 7.88
O1B BNW M . 14.46 -35.24 8.70
C1D BNW M . 11.72 -40.32 12.56
C1E BNW M . 16.12 -35.19 1.95
O1E BNW M . 15.28 -36.08 2.41
N1U BNW M . 12.48 -41.40 11.85
O2A BNW M . 10.82 -38.02 7.16
O2B BNW M . 12.04 -34.68 8.47
C2D BNW M . 12.53 -39.60 13.65
O2D BNW M . 11.74 -39.24 14.76
C2E BNW M . 15.53 -33.79 1.80
O2E BNW M . 17.27 -35.42 1.67
C2U BNW M . 12.62 -42.63 12.47
O2U BNW M . 12.12 -42.88 13.56
O3A BNW M . 12.96 -36.85 7.53
C3D BNW M . 13.10 -38.41 12.87
O3D BNW M . 13.36 -37.30 13.70
C3E BNW M . 15.47 -33.43 0.34
N3U BNW M . 13.34 -43.57 11.77
C4D BNW M . 11.97 -38.08 11.91
O4D BNW M . 11.31 -39.34 11.63
C4U BNW M . 13.95 -43.40 10.53
O4U BNW M . 14.58 -44.36 10.03
C5D BNW M . 12.40 -37.41 10.62
O5D BNW M . 11.58 -37.88 9.53
C5U BNW M . 13.78 -42.10 9.95
C6U BNW M . 13.06 -41.16 10.62
O1P BNW M . 13.74 -29.43 2.85
O2P BNW M . 16.01 -29.05 3.86
O3P BNW M . 15.78 -30.31 1.67
S SO4 N . 15.34 -24.76 2.11
O1 SO4 N . 13.87 -24.67 2.24
O2 SO4 N . 15.79 -26.13 2.44
O3 SO4 N . 15.71 -24.44 0.72
O4 SO4 N . 16.01 -23.80 3.02
S SO4 O . 13.70 -40.04 -4.39
O1 SO4 O . 13.63 -41.44 -3.92
O2 SO4 O . 12.57 -39.81 -5.33
O3 SO4 O . 14.99 -39.81 -5.07
O4 SO4 O . 13.60 -39.10 -3.26
S SO4 P . 14.17 -35.39 -42.63
O1 SO4 P . 13.05 -36.07 -41.96
O2 SO4 P . 14.91 -36.37 -43.47
O3 SO4 P . 13.67 -34.29 -43.49
O4 SO4 P . 15.10 -34.84 -41.61
S SO4 Q . -5.66 -19.77 15.26
O1 SO4 Q . -6.74 -20.52 14.59
O2 SO4 Q . -4.34 -20.30 14.83
O3 SO4 Q . -5.74 -18.35 14.89
O4 SO4 Q . -5.78 -19.95 16.73
CAC FLC R . -0.73 -37.65 5.49
CA FLC R . -0.21 -38.14 6.83
CB FLC R . -0.89 -39.35 7.54
CBC FLC R . -2.25 -39.91 7.10
CG FLC R . -0.08 -40.18 8.62
CGC FLC R . 1.43 -40.02 8.62
OA1 FLC R . -1.05 -38.46 4.60
OA2 FLC R . -0.80 -36.41 5.30
OB1 FLC R . -2.52 -41.12 7.24
OB2 FLC R . -3.10 -39.12 6.62
OG1 FLC R . 2.08 -40.48 7.65
OG2 FLC R . 1.99 -39.46 9.59
OHB FLC R . -0.30 -40.18 6.52
P BNW S . 22.34 8.95 33.83
O1 BNW S . 27.88 11.38 34.23
O3 BNW S . 23.76 12.47 34.91
O4 BNW S . 23.72 9.59 34.38
C1 BNW S . 27.03 11.85 33.22
C2 BNW S . 25.88 12.65 33.87
C3 BNW S . 24.91 11.70 34.57
C4 BNW S . 24.50 10.54 33.66
C5 BNW S . 25.73 9.84 33.10
C6 BNW S . 25.40 8.79 32.06
O5 BNW S . 26.58 10.78 32.42
O6 BNW S . 24.68 9.38 30.98
N2 BNW S . 26.34 13.67 34.80
C7 BNW S . 26.90 14.86 34.53
O7 BNW S . 27.30 15.61 35.43
C8 BNW S . 27.03 15.26 33.09
PA BNW S . 31.10 13.75 34.42
PB BNW S . 29.41 11.43 34.04
O1A BNW S . 31.11 14.46 35.75
O1B BNW S . 30.06 10.61 35.19
C1D BNW S . 36.13 13.57 34.51
C1E BNW S . 23.68 12.68 37.36
O1E BNW S . 24.64 13.55 37.14
N1U BNW S . 35.91 14.32 35.77
O2A BNW S . 31.12 14.76 33.24
O2B BNW S . 29.79 10.91 32.69
C2D BNW S . 36.36 12.07 34.71
O2D BNW S . 37.32 11.58 33.80
C2E BNW S . 23.05 12.12 36.10
O2E BNW S . 23.30 12.34 38.47
C2U BNW S . 37.02 14.88 36.40
O2U BNW S . 38.15 14.76 35.97
O3A BNW S . 29.80 12.93 34.24
C3D BNW S . 34.96 11.51 34.50
O3D BNW S . 34.99 10.14 34.13
C3E BNW S . 21.63 12.64 35.96
N3U BNW S . 36.75 15.57 37.56
C4D BNW S . 34.49 12.39 33.35
O4D BNW S . 34.97 13.70 33.70
C4U BNW S . 35.51 15.77 38.16
O4U BNW S . 35.44 16.42 39.22
C5D BNW S . 33.01 12.45 33.11
O5D BNW S . 32.34 12.80 34.35
C5U BNW S . 34.42 15.16 37.46
C6U BNW S . 34.66 14.47 36.30
O1P BNW S . 22.17 9.40 32.41
O2P BNW S . 22.62 7.47 33.95
O3P BNW S . 21.30 9.49 34.77
S SO4 T . 19.11 5.59 31.69
O1 SO4 T . 19.49 4.16 31.88
O2 SO4 T . 17.68 5.72 32.00
O3 SO4 T . 19.37 6.01 30.30
O4 SO4 T . 19.88 6.45 32.60
S SO4 U . 21.23 20.81 38.43
O1 SO4 U . 20.39 20.04 39.39
O2 SO4 U . 21.76 19.89 37.41
O3 SO4 U . 20.44 21.88 37.78
O4 SO4 U . 22.35 21.44 39.18
S SO4 V . 30.61 5.56 9.10
O1 SO4 V . 29.14 5.72 8.96
O2 SO4 V . 30.98 4.17 8.78
O3 SO4 V . 31.30 6.49 8.18
O4 SO4 V . 31.02 5.85 10.50
P BNW W . -1.80 30.97 -16.63
O1 BNW W . -5.94 34.89 -14.56
O3 BNW W . -1.64 34.59 -15.16
O4 BNW W . -2.83 32.20 -16.39
C1 BNW W . -5.03 34.39 -13.60
C2 BNW W . -3.63 34.94 -13.90
C3 BNW W . -3.03 34.26 -15.15
C4 BNW W . -3.18 32.75 -15.13
C5 BNW W . -4.63 32.35 -14.81
C6 BNW W . -4.80 30.87 -14.57
O5 BNW W . -5.05 32.98 -13.59
O6 BNW W . -4.02 30.46 -13.47
N2 BNW W . -3.57 36.38 -14.06
C7 BNW W . -3.62 37.33 -13.09
O7 BNW W . -3.60 38.52 -13.37
C8 BNW W . -3.67 36.86 -11.66
PA BNW W . -7.81 38.03 -12.84
PB BNW W . -7.31 35.51 -14.13
O1A BNW W . -7.26 39.38 -13.22
O1B BNW W . -8.18 35.63 -15.39
C1D BNW W . -12.50 39.94 -12.32
C1E BNW W . -1.29 36.22 -16.98
O1E BNW W . -1.96 37.00 -16.17
N1U BNW W . -11.85 41.15 -12.92
O2A BNW W . -7.61 37.76 -11.33
O2B BNW W . -8.01 34.64 -13.11
C2D BNW W . -13.33 39.12 -13.31
O2D BNW W . -14.49 38.60 -12.73
C2E BNW W . -1.02 34.82 -16.44
O2E BNW W . -0.91 36.54 -18.10
C2U BNW W . -12.57 42.34 -12.91
O2U BNW W . -13.68 42.45 -12.42
O3A BNW W . -7.03 36.93 -13.59
C3D BNW W . -12.33 38.03 -13.72
O3D BNW W . -13.00 36.86 -14.18
C3E BNW W . 0.48 34.63 -16.25
N3U BNW W . -11.93 43.41 -13.50
C4D BNW W . -11.62 37.78 -12.40
O4D BNW W . -11.48 39.09 -11.83
C4U BNW W . -10.67 43.42 -14.08
O4U BNW W . -10.23 44.48 -14.57
C5D BNW W . -10.27 37.10 -12.49
O5D BNW W . -9.34 37.95 -13.19
C5U BNW W . -9.99 42.15 -14.07
C6U BNW W . -10.61 41.07 -13.50
O1P BNW W . -1.92 30.07 -15.42
O2P BNW W . -2.31 30.36 -17.91
O3P BNW W . -0.46 31.61 -16.77
S SO4 X . -0.47 25.84 -17.33
O1 SO4 X . -1.67 25.48 -18.11
O2 SO4 X . 0.68 25.04 -17.80
O3 SO4 X . -0.67 25.58 -15.90
O4 SO4 X . -0.17 27.28 -17.54
S SO4 Y . 4.58 41.40 -13.79
O1 SO4 Y . 4.05 40.26 -13.02
O2 SO4 Y . 4.89 40.97 -15.17
O3 SO4 Y . 3.54 42.46 -13.82
O4 SO4 Y . 5.80 41.91 -13.15
S SO4 Z . -13.02 16.85 2.48
O1 SO4 Z . -13.19 15.37 2.50
O2 SO4 Z . -13.07 17.30 1.07
O3 SO4 Z . -14.12 17.49 3.24
O4 SO4 Z . -11.73 17.20 3.11
S SO4 AA . 43.35 39.79 -13.67
O1 SO4 AA . 43.89 38.53 -13.11
O2 SO4 AA . 42.31 39.48 -14.69
O3 SO4 AA . 42.74 40.59 -12.59
O4 SO4 AA . 44.45 40.55 -14.29
#